data_7DPT
#
_entry.id   7DPT
#
_cell.length_a   1.00
_cell.length_b   1.00
_cell.length_c   1.00
_cell.angle_alpha   90.00
_cell.angle_beta   90.00
_cell.angle_gamma   90.00
#
_symmetry.space_group_name_H-M   'P 1'
#
loop_
_entity.id
_entity.type
_entity.pdbx_description
1 polymer 'CTP synthase'
2 non-polymer "GUANOSINE-5'-TRIPHOSPHATE"
3 non-polymer 6-DIAZENYL-5-OXO-L-NORLEUCINE
4 non-polymer "ADENOSINE-5'-DIPHOSPHATE"
5 non-polymer 'MAGNESIUM ION'
6 non-polymer '[[(2~{R},3~{S},4~{R},5~{R})-3,4-bis(oxidanyl)-5-(2-oxidanyl-4-phosphonooxy-pyrimidin-1-yl)oxolan-2-yl]methoxy-oxidanyl-phosphoryl] phosphono hydrogen phosphate'
7 water water
#
_entity_poly.entity_id   1
_entity_poly.type   'polypeptide(L)'
_entity_poly.pdbx_seq_one_letter_code
;MKYILVTGGVISGVGKGVIASSFGTLLKSCGLDVTSIKIDPYINIDAGTFSPYEHGEVYVLDDGAEVDLDLGNYERFLDV
TLHRDNNITTGKIYKLVIEKERTGEYLGKTVQVVPHITDAIQEWVERVAQTPVQGSSKPQVCIVELGGTIGDIEGMPFVE
AFRQFQFRVKRENFCLAHVSLVPLPKATGEPKTKPTQSSVRELRGCGLSPDLIVCRSEKPIGLEVKEKISNFCHVGPDQV
ICIHDLNSIYHVPLLMEQNGVIEYLNERLQLNIDMSKRTKCLQQWRDLARRTETVRREVCIAVVGKYTKFTDSYASVVKA
LQHAALAVNRKLELVFIESCLLEEETLHSEPSKYHKEWQKLCDSHGILVPGGFGSRGMEGKIRACQWARENQKPLLGICL
GLQAAVIEFARNKLGLKDANTTEIDPNTANALVIDMPEHHTGQLGGTMRLGKRITVFSDGPSVIRQLYGNPKSVQERHRH
RYEVNPKYVHLLEEQGMRFVGTDVDKTRMEIIELSGHPYFVATQYHPEYLSRPLKPSPPFLGLILASVDRLNQYIQRGCR
LSPRQLSDASSDEEDSVVGLAGATKSLSSLKIPITPTNGISKSCNGSISTSDSEGACGGVDPTNGHK
;
_entity_poly.pdbx_strand_id   A,B,C,D
#
loop_
_chem_comp.id
_chem_comp.type
_chem_comp.name
_chem_comp.formula
5ZL non-polymer '[[(2~{R},3~{S},4~{R},5~{R})-3,4-bis(oxidanyl)-5-(2-oxidanyl-4-phosphonooxy-pyrimidin-1-yl)oxolan-2-yl]methoxy-oxidanyl-phosphoryl] phosphono hydrogen phosphate' 'C9 H17 N2 O18 P4 1'
ADP non-polymer ADENOSINE-5'-DIPHOSPHATE 'C10 H15 N5 O10 P2'
GTP non-polymer GUANOSINE-5'-TRIPHOSPHATE 'C10 H16 N5 O14 P3'
MG non-polymer 'MAGNESIUM ION' 'Mg 2'
#
# COMPACT_ATOMS: atom_id res chain seq x y z
N MET A 1 -12.10 27.65 15.77
CA MET A 1 -11.69 26.49 16.62
C MET A 1 -10.35 25.93 16.16
N LYS A 2 -9.52 25.54 17.12
CA LYS A 2 -8.20 24.98 16.86
C LYS A 2 -8.17 23.52 17.28
N TYR A 3 -7.38 22.73 16.57
CA TYR A 3 -7.31 21.29 16.77
C TYR A 3 -5.85 20.84 16.78
N ILE A 4 -5.50 20.02 17.75
CA ILE A 4 -4.20 19.36 17.81
C ILE A 4 -4.46 17.86 17.81
N LEU A 5 -4.06 17.19 16.74
CA LEU A 5 -4.19 15.75 16.61
C LEU A 5 -2.89 15.08 17.04
N VAL A 6 -3.01 14.05 17.87
CA VAL A 6 -1.89 13.31 18.41
C VAL A 6 -2.02 11.88 17.91
N THR A 7 -1.10 11.47 17.05
CA THR A 7 -1.07 10.15 16.45
C THR A 7 0.07 9.33 17.03
N GLY A 8 0.04 8.03 16.72
CA GLY A 8 1.04 7.11 17.24
C GLY A 8 1.81 6.38 16.17
N GLY A 9 2.97 5.87 16.57
CA GLY A 9 3.92 5.29 15.64
C GLY A 9 4.01 3.78 15.71
N VAL A 10 4.99 3.30 16.47
CA VAL A 10 5.45 1.92 16.37
C VAL A 10 4.61 0.99 17.24
N ILE A 11 4.32 1.39 18.47
CA ILE A 11 3.59 0.57 19.42
C ILE A 11 2.51 1.42 20.08
N SER A 12 1.53 0.74 20.65
CA SER A 12 0.67 1.36 21.65
C SER A 12 1.38 1.29 22.99
N GLY A 13 1.03 2.21 23.89
CA GLY A 13 1.80 2.39 25.10
C GLY A 13 3.02 3.25 24.91
N VAL A 14 3.05 4.04 23.84
CA VAL A 14 4.21 4.88 23.53
C VAL A 14 4.19 6.21 24.28
N GLY A 15 3.02 6.69 24.70
CA GLY A 15 2.94 7.88 25.51
C GLY A 15 2.11 9.01 24.94
N LYS A 16 1.16 8.69 24.06
CA LYS A 16 0.36 9.73 23.42
C LYS A 16 -0.48 10.50 24.42
N GLY A 17 -1.08 9.80 25.39
CA GLY A 17 -1.96 10.48 26.33
C GLY A 17 -1.25 11.50 27.19
N VAL A 18 -0.04 11.16 27.66
CA VAL A 18 0.75 12.09 28.45
C VAL A 18 1.10 13.32 27.63
N ILE A 19 1.46 13.12 26.37
CA ILE A 19 1.79 14.25 25.49
C ILE A 19 0.58 15.14 25.27
N ALA A 20 -0.58 14.53 25.05
CA ALA A 20 -1.80 15.31 24.85
C ALA A 20 -2.15 16.11 26.09
N SER A 21 -2.09 15.47 27.27
CA SER A 21 -2.36 16.17 28.51
C SER A 21 -1.37 17.30 28.75
N SER A 22 -0.11 17.09 28.35
CA SER A 22 0.90 18.14 28.52
C SER A 22 0.62 19.33 27.62
N PHE A 23 0.29 19.08 26.35
CA PHE A 23 -0.16 20.16 25.48
C PHE A 23 -1.32 20.91 26.12
N GLY A 24 -2.30 20.15 26.63
CA GLY A 24 -3.47 20.78 27.22
C GLY A 24 -3.11 21.69 28.37
N THR A 25 -2.28 21.22 29.29
CA THR A 25 -1.94 22.01 30.46
C THR A 25 -1.06 23.20 30.10
N LEU A 26 -0.17 23.05 29.11
CA LEU A 26 0.59 24.20 28.63
C LEU A 26 -0.34 25.28 28.11
N LEU A 27 -1.25 24.91 27.20
CA LEU A 27 -2.15 25.90 26.63
C LEU A 27 -3.05 26.51 27.70
N LYS A 28 -3.48 25.70 28.67
CA LYS A 28 -4.36 26.19 29.71
C LYS A 28 -3.64 27.11 30.67
N SER A 29 -2.34 26.95 30.85
CA SER A 29 -1.59 27.84 31.72
C SER A 29 -1.41 29.21 31.11
N CYS A 30 -1.46 29.32 29.78
CA CYS A 30 -1.32 30.58 29.08
C CYS A 30 -2.64 31.25 28.77
N GLY A 31 -3.73 30.80 29.39
CA GLY A 31 -5.01 31.48 29.26
C GLY A 31 -5.85 31.02 28.09
N LEU A 32 -6.01 29.71 27.95
CA LEU A 32 -6.84 29.14 26.89
C LEU A 32 -7.69 28.02 27.46
N ASP A 33 -8.91 27.93 26.97
CA ASP A 33 -9.83 26.85 27.34
C ASP A 33 -9.63 25.68 26.41
N VAL A 34 -9.48 24.49 26.97
CA VAL A 34 -9.10 23.30 26.23
C VAL A 34 -10.09 22.19 26.50
N THR A 35 -10.44 21.45 25.46
CA THR A 35 -11.19 20.21 25.59
C THR A 35 -10.41 19.07 24.92
N SER A 36 -10.83 17.84 25.20
CA SER A 36 -10.09 16.68 24.76
C SER A 36 -11.04 15.62 24.24
N ILE A 37 -10.58 14.89 23.22
CA ILE A 37 -11.32 13.77 22.64
C ILE A 37 -10.36 12.61 22.44
N LYS A 38 -10.86 11.40 22.67
CA LYS A 38 -10.09 10.17 22.48
C LYS A 38 -10.81 9.29 21.46
N ILE A 39 -10.10 8.91 20.42
CA ILE A 39 -10.61 8.00 19.39
C ILE A 39 -9.95 6.65 19.57
N ASP A 40 -10.76 5.61 19.71
CA ASP A 40 -10.29 4.25 19.92
C ASP A 40 -10.81 3.36 18.80
N PRO A 41 -9.98 3.01 17.81
CA PRO A 41 -10.48 2.28 16.64
C PRO A 41 -11.00 0.88 16.90
N TYR A 42 -11.02 0.39 18.15
CA TYR A 42 -11.50 -0.97 18.36
C TYR A 42 -13.02 -1.03 18.23
N ILE A 43 -13.51 -2.23 17.93
CA ILE A 43 -14.96 -2.42 17.70
C ILE A 43 -15.56 -2.76 19.05
N ASN A 44 -15.81 -1.73 19.84
CA ASN A 44 -16.38 -1.85 21.17
C ASN A 44 -17.02 -0.51 21.50
N ILE A 45 -18.27 -0.55 21.97
CA ILE A 45 -18.93 0.70 22.33
C ILE A 45 -18.35 1.26 23.62
N ASP A 46 -17.68 0.43 24.41
CA ASP A 46 -16.94 0.89 25.58
C ASP A 46 -16.02 -0.22 26.04
N ALA A 47 -15.09 0.14 26.91
CA ALA A 47 -14.07 -0.78 27.40
C ALA A 47 -14.51 -1.59 28.61
N GLY A 48 -15.82 -1.75 28.81
CA GLY A 48 -16.32 -2.48 29.95
C GLY A 48 -16.19 -3.99 29.86
N THR A 49 -15.85 -4.51 28.69
CA THR A 49 -15.67 -5.94 28.49
C THR A 49 -14.21 -6.34 28.38
N PHE A 50 -13.29 -5.43 28.66
CA PHE A 50 -11.87 -5.70 28.53
C PHE A 50 -11.29 -6.22 29.84
N SER A 51 -10.24 -7.02 29.70
CA SER A 51 -9.38 -7.33 30.83
C SER A 51 -8.40 -6.18 31.05
N PRO A 52 -7.91 -6.02 32.27
CA PRO A 52 -6.86 -5.02 32.51
C PRO A 52 -5.58 -5.32 31.73
N TYR A 53 -5.36 -6.57 31.35
CA TYR A 53 -4.20 -6.91 30.53
C TYR A 53 -4.27 -6.25 29.16
N GLU A 54 -5.47 -6.02 28.64
CA GLU A 54 -5.64 -5.56 27.28
C GLU A 54 -5.15 -4.12 27.10
N HIS A 55 -5.76 -3.18 27.82
CA HIS A 55 -5.39 -1.77 27.67
C HIS A 55 -5.31 -1.03 29.00
N GLY A 56 -4.98 -1.73 30.09
CA GLY A 56 -4.65 -1.03 31.31
C GLY A 56 -5.75 -0.34 32.12
N GLU A 57 -6.52 -1.09 32.90
CA GLU A 57 -7.30 -0.46 33.97
C GLU A 57 -8.38 0.48 33.46
N VAL A 58 -9.49 -0.10 33.05
CA VAL A 58 -10.68 0.66 32.70
C VAL A 58 -10.88 1.83 33.66
N TYR A 59 -11.20 3.00 33.10
CA TYR A 59 -11.53 4.20 33.86
C TYR A 59 -13.01 4.51 33.69
N VAL A 60 -13.59 5.15 34.69
CA VAL A 60 -15.02 5.42 34.73
C VAL A 60 -15.23 6.92 34.90
N LEU A 61 -16.15 7.48 34.13
CA LEU A 61 -16.52 8.88 34.23
C LEU A 61 -17.68 9.04 35.19
N ASP A 62 -18.15 10.28 35.35
CA ASP A 62 -19.29 10.52 36.22
C ASP A 62 -20.57 9.94 35.64
N ASP A 63 -20.79 10.15 34.34
CA ASP A 63 -21.99 9.63 33.70
C ASP A 63 -22.05 8.10 33.73
N GLY A 64 -20.91 7.45 33.89
CA GLY A 64 -20.84 6.01 33.99
C GLY A 64 -20.28 5.29 32.78
N ALA A 65 -19.49 5.96 31.95
CA ALA A 65 -18.93 5.35 30.76
C ALA A 65 -17.56 4.78 31.08
N GLU A 66 -17.35 3.52 30.68
CA GLU A 66 -16.05 2.87 30.78
C GLU A 66 -15.19 3.27 29.59
N VAL A 67 -13.99 3.76 29.85
CA VAL A 67 -13.13 4.36 28.85
C VAL A 67 -11.68 4.01 29.14
N ASP A 68 -10.78 4.51 28.30
CA ASP A 68 -9.35 4.34 28.46
C ASP A 68 -8.82 5.29 29.53
N LEU A 69 -7.66 4.91 30.09
CA LEU A 69 -7.04 5.71 31.14
C LEU A 69 -6.55 7.07 30.66
N ASP A 70 -6.40 7.26 29.35
CA ASP A 70 -5.99 8.57 28.84
C ASP A 70 -6.96 9.66 29.27
N LEU A 71 -8.24 9.32 29.39
CA LEU A 71 -9.21 10.31 29.87
C LEU A 71 -9.01 10.59 31.36
N GLY A 72 -8.64 9.58 32.13
CA GLY A 72 -8.20 9.83 33.49
C GLY A 72 -7.04 10.80 33.56
N ASN A 73 -6.07 10.64 32.67
CA ASN A 73 -4.93 11.55 32.64
C ASN A 73 -5.37 12.96 32.27
N TYR A 74 -6.26 13.09 31.28
CA TYR A 74 -6.80 14.39 30.94
C TYR A 74 -7.45 15.05 32.16
N GLU A 75 -8.31 14.30 32.85
CA GLU A 75 -9.01 14.84 34.00
C GLU A 75 -8.03 15.28 35.09
N ARG A 76 -7.03 14.45 35.36
CA ARG A 76 -6.08 14.77 36.42
C ARG A 76 -5.23 15.98 36.06
N PHE A 77 -4.87 16.14 34.78
CA PHE A 77 -3.96 17.21 34.40
C PHE A 77 -4.69 18.55 34.22
N LEU A 78 -5.84 18.53 33.56
CA LEU A 78 -6.54 19.75 33.19
C LEU A 78 -7.68 20.12 34.12
N ASP A 79 -8.06 19.23 35.05
CA ASP A 79 -9.14 19.48 36.00
C ASP A 79 -10.46 19.71 35.25
N VAL A 80 -10.86 18.69 34.51
CA VAL A 80 -12.09 18.72 33.72
C VAL A 80 -12.94 17.51 34.08
N THR A 81 -14.16 17.52 33.56
CA THR A 81 -15.11 16.41 33.72
C THR A 81 -15.63 16.06 32.34
N LEU A 82 -15.29 14.88 31.86
CA LEU A 82 -15.59 14.46 30.50
C LEU A 82 -16.79 13.52 30.48
N HIS A 83 -17.33 13.33 29.28
CA HIS A 83 -18.57 12.61 29.07
C HIS A 83 -18.36 11.45 28.10
N ARG A 84 -19.44 10.71 27.87
CA ARG A 84 -19.41 9.53 27.03
C ARG A 84 -19.11 9.85 25.58
N ASP A 85 -19.37 11.08 25.14
CA ASP A 85 -19.14 11.48 23.76
C ASP A 85 -17.72 11.95 23.50
N ASN A 86 -16.92 12.11 24.55
CA ASN A 86 -15.50 12.38 24.39
C ASN A 86 -14.70 11.14 24.04
N ASN A 87 -15.36 10.00 23.85
CA ASN A 87 -14.72 8.73 23.52
C ASN A 87 -15.42 8.18 22.28
N ILE A 88 -14.81 8.36 21.12
CA ILE A 88 -15.34 7.87 19.86
C ILE A 88 -14.74 6.49 19.58
N THR A 89 -15.56 5.58 19.05
CA THR A 89 -15.08 4.28 18.62
C THR A 89 -15.71 3.90 17.29
N THR A 90 -15.09 2.91 16.65
CA THR A 90 -15.61 2.39 15.39
C THR A 90 -16.98 1.76 15.56
N GLY A 91 -17.19 1.06 16.68
CA GLY A 91 -18.48 0.46 16.94
C GLY A 91 -19.60 1.49 16.97
N LYS A 92 -19.40 2.56 17.75
CA LYS A 92 -20.39 3.61 17.83
C LYS A 92 -20.68 4.21 16.46
N ILE A 93 -19.63 4.51 15.71
CA ILE A 93 -19.79 5.14 14.40
C ILE A 93 -20.60 4.24 13.48
N TYR A 94 -20.23 2.96 13.40
CA TYR A 94 -20.92 2.06 12.49
C TYR A 94 -22.36 1.84 12.92
N LYS A 95 -22.61 1.73 14.24
CA LYS A 95 -23.98 1.58 14.71
C LYS A 95 -24.83 2.79 14.33
N LEU A 96 -24.30 4.00 14.58
CA LEU A 96 -25.03 5.21 14.25
C LEU A 96 -25.33 5.30 12.75
N VAL A 97 -24.32 5.02 11.93
CA VAL A 97 -24.51 5.12 10.47
C VAL A 97 -25.52 4.07 10.00
N ILE A 98 -25.42 2.84 10.51
CA ILE A 98 -26.34 1.79 10.10
C ILE A 98 -27.77 2.15 10.51
N GLU A 99 -27.93 2.76 11.69
CA GLU A 99 -29.25 3.20 12.11
C GLU A 99 -29.80 4.25 11.17
N LYS A 100 -29.00 5.28 10.87
CA LYS A 100 -29.44 6.33 9.97
C LYS A 100 -29.82 5.76 8.60
N GLU A 101 -29.08 4.76 8.13
CA GLU A 101 -29.38 4.18 6.83
C GLU A 101 -30.66 3.37 6.86
N ARG A 102 -30.87 2.60 7.94
CA ARG A 102 -32.14 1.88 8.10
C ARG A 102 -33.30 2.80 8.36
N THR A 103 -33.05 4.07 8.67
CA THR A 103 -34.15 5.04 8.77
C THR A 103 -34.49 5.61 7.40
N GLY A 104 -33.48 5.94 6.61
CA GLY A 104 -33.71 6.50 5.29
C GLY A 104 -33.18 7.91 5.15
N GLU A 105 -32.08 8.22 5.84
CA GLU A 105 -31.48 9.54 5.79
C GLU A 105 -30.54 9.73 4.61
N TYR A 106 -30.24 8.67 3.87
CA TYR A 106 -29.48 8.77 2.62
C TYR A 106 -30.20 8.05 1.50
N LEU A 107 -31.54 8.08 1.52
CA LEU A 107 -32.33 7.32 0.57
C LEU A 107 -31.90 7.60 -0.86
N GLY A 108 -31.68 6.52 -1.62
CA GLY A 108 -31.23 6.61 -2.98
C GLY A 108 -29.73 6.42 -3.16
N LYS A 109 -28.95 6.56 -2.10
CA LYS A 109 -27.50 6.55 -2.18
C LYS A 109 -26.91 5.31 -1.53
N THR A 110 -25.78 4.89 -2.07
CA THR A 110 -25.00 3.81 -1.48
C THR A 110 -24.17 4.33 -0.32
N VAL A 111 -24.30 3.69 0.83
CA VAL A 111 -23.59 4.10 2.03
C VAL A 111 -22.25 3.40 2.07
N GLN A 112 -21.18 4.18 2.06
CA GLN A 112 -19.81 3.68 2.04
C GLN A 112 -19.02 4.33 3.16
N VAL A 113 -17.80 3.84 3.34
CA VAL A 113 -16.89 4.44 4.32
C VAL A 113 -16.66 5.90 3.97
N VAL A 114 -16.24 6.16 2.73
CA VAL A 114 -16.17 7.51 2.18
C VAL A 114 -17.40 7.70 1.29
N PRO A 115 -18.21 8.73 1.51
CA PRO A 115 -18.04 9.84 2.44
C PRO A 115 -18.66 9.69 3.83
N HIS A 116 -19.46 8.66 4.07
CA HIS A 116 -20.43 8.70 5.16
C HIS A 116 -19.79 8.49 6.53
N ILE A 117 -18.94 7.47 6.67
CA ILE A 117 -18.29 7.21 7.95
C ILE A 117 -17.39 8.38 8.33
N THR A 118 -16.61 8.87 7.36
CA THR A 118 -15.72 10.00 7.62
C THR A 118 -16.50 11.26 7.97
N ASP A 119 -17.60 11.52 7.26
CA ASP A 119 -18.46 12.64 7.58
C ASP A 119 -18.97 12.54 9.01
N ALA A 120 -19.53 11.37 9.38
CA ALA A 120 -19.98 11.17 10.74
C ALA A 120 -18.88 11.51 11.75
N ILE A 121 -17.65 11.04 11.48
CA ILE A 121 -16.55 11.30 12.40
C ILE A 121 -16.32 12.80 12.54
N GLN A 122 -16.28 13.50 11.41
CA GLN A 122 -16.02 14.94 11.45
C GLN A 122 -17.14 15.68 12.16
N GLU A 123 -18.39 15.30 11.90
CA GLU A 123 -19.51 15.94 12.58
C GLU A 123 -19.44 15.73 14.08
N TRP A 124 -19.14 14.50 14.51
CA TRP A 124 -18.97 14.21 15.93
C TRP A 124 -17.88 15.08 16.55
N VAL A 125 -16.73 15.18 15.89
CA VAL A 125 -15.63 15.95 16.44
C VAL A 125 -15.99 17.42 16.53
N GLU A 126 -16.50 17.99 15.43
CA GLU A 126 -17.01 19.35 15.44
C GLU A 126 -17.96 19.59 16.61
N ARG A 127 -18.95 18.70 16.75
CA ARG A 127 -19.97 18.85 17.79
C ARG A 127 -19.34 18.88 19.17
N VAL A 128 -18.52 17.88 19.49
CA VAL A 128 -18.04 17.73 20.86
C VAL A 128 -16.98 18.78 21.20
N ALA A 129 -16.22 19.25 20.20
CA ALA A 129 -15.19 20.24 20.49
C ALA A 129 -15.78 21.56 20.97
N GLN A 130 -16.96 21.93 20.49
CA GLN A 130 -17.60 23.18 20.90
C GLN A 130 -18.31 23.06 22.23
N THR A 131 -18.45 21.86 22.77
CA THR A 131 -19.24 21.66 23.97
C THR A 131 -18.44 22.08 25.21
N PRO A 132 -18.98 22.96 26.06
CA PRO A 132 -18.29 23.29 27.30
C PRO A 132 -18.06 22.07 28.17
N VAL A 133 -16.93 22.06 28.86
CA VAL A 133 -16.51 20.90 29.64
C VAL A 133 -16.13 21.24 31.07
N GLN A 134 -15.80 22.48 31.40
CA GLN A 134 -15.49 22.86 32.77
C GLN A 134 -16.46 23.95 33.22
N GLY A 135 -17.74 23.74 32.94
CA GLY A 135 -18.76 24.74 33.17
C GLY A 135 -19.51 25.02 31.89
N SER A 136 -19.67 26.30 31.57
CA SER A 136 -20.11 26.72 30.24
C SER A 136 -19.02 27.46 29.49
N SER A 137 -17.76 27.28 29.89
CA SER A 137 -16.63 27.83 29.16
C SER A 137 -16.74 27.48 27.69
N LYS A 138 -16.26 28.37 26.83
CA LYS A 138 -16.25 28.12 25.40
C LYS A 138 -14.88 27.58 25.00
N PRO A 139 -14.76 26.30 24.66
CA PRO A 139 -13.43 25.77 24.32
C PRO A 139 -12.86 26.44 23.08
N GLN A 140 -11.56 26.74 23.14
CA GLN A 140 -10.84 27.35 22.04
C GLN A 140 -9.87 26.40 21.35
N VAL A 141 -9.52 25.29 21.99
CA VAL A 141 -8.63 24.29 21.42
C VAL A 141 -9.11 22.92 21.83
N CYS A 142 -9.06 21.97 20.90
CA CYS A 142 -9.38 20.58 21.18
C CYS A 142 -8.18 19.71 20.87
N ILE A 143 -7.82 18.86 21.82
CA ILE A 143 -6.75 17.87 21.65
C ILE A 143 -7.43 16.54 21.35
N VAL A 144 -7.22 16.02 20.15
CA VAL A 144 -7.77 14.73 19.74
C VAL A 144 -6.63 13.73 19.71
N GLU A 145 -6.82 12.60 20.39
CA GLU A 145 -5.81 11.54 20.46
C GLU A 145 -6.32 10.34 19.70
N LEU A 146 -5.63 9.96 18.63
CA LEU A 146 -6.01 8.82 17.81
C LEU A 146 -5.30 7.57 18.35
N GLY A 147 -6.07 6.62 18.86
CA GLY A 147 -5.50 5.46 19.48
C GLY A 147 -4.97 4.44 18.49
N GLY A 148 -4.08 3.60 18.98
CA GLY A 148 -3.45 2.59 18.16
C GLY A 148 -2.25 3.15 17.41
N THR A 149 -1.78 2.35 16.45
CA THR A 149 -0.67 2.72 15.60
C THR A 149 -1.16 3.02 14.20
N ILE A 150 -0.58 4.05 13.58
CA ILE A 150 -0.84 4.30 12.17
C ILE A 150 -0.45 3.07 11.37
N GLY A 151 -1.37 2.60 10.54
CA GLY A 151 -1.21 1.37 9.80
C GLY A 151 -2.17 0.28 10.21
N ASP A 152 -2.70 0.33 11.43
CA ASP A 152 -3.72 -0.60 11.86
C ASP A 152 -4.90 -0.57 10.89
N ILE A 153 -5.50 -1.74 10.66
CA ILE A 153 -6.61 -1.83 9.71
C ILE A 153 -7.82 -1.07 10.24
N GLU A 154 -7.97 -0.99 11.55
CA GLU A 154 -9.17 -0.41 12.15
C GLU A 154 -9.21 1.10 12.06
N GLY A 155 -8.06 1.76 11.93
CA GLY A 155 -8.00 3.21 11.99
C GLY A 155 -7.81 3.91 10.66
N MET A 156 -8.07 3.21 9.56
CA MET A 156 -7.91 3.81 8.24
C MET A 156 -9.03 4.82 7.97
N PRO A 157 -10.28 4.55 8.35
CA PRO A 157 -11.33 5.56 8.20
C PRO A 157 -10.96 6.87 8.86
N PHE A 158 -10.65 6.81 10.15
CA PHE A 158 -10.37 8.02 10.92
C PHE A 158 -9.30 8.87 10.24
N VAL A 159 -8.15 8.25 9.93
CA VAL A 159 -7.10 8.98 9.21
C VAL A 159 -7.70 9.72 8.02
N GLU A 160 -8.38 8.98 7.15
CA GLU A 160 -9.00 9.61 5.99
C GLU A 160 -9.85 10.79 6.39
N ALA A 161 -10.73 10.59 7.38
CA ALA A 161 -11.55 11.68 7.88
C ALA A 161 -10.71 12.92 8.12
N PHE A 162 -9.64 12.79 8.89
CA PHE A 162 -8.87 13.96 9.26
C PHE A 162 -8.15 14.55 8.07
N ARG A 163 -7.74 13.72 7.11
CA ARG A 163 -7.17 14.25 5.88
C ARG A 163 -8.11 15.25 5.23
N GLN A 164 -9.41 14.99 5.29
CA GLN A 164 -10.39 15.96 4.84
C GLN A 164 -10.56 17.11 5.82
N PHE A 165 -10.60 16.79 7.12
CA PHE A 165 -10.82 17.81 8.13
C PHE A 165 -9.83 18.95 8.04
N GLN A 166 -8.58 18.66 7.73
CA GLN A 166 -7.57 19.71 7.72
C GLN A 166 -7.85 20.75 6.64
N PHE A 167 -8.53 20.36 5.56
CA PHE A 167 -8.97 21.32 4.56
C PHE A 167 -10.33 21.91 4.88
N ARG A 168 -11.12 21.23 5.72
CA ARG A 168 -12.41 21.76 6.13
C ARG A 168 -12.23 22.88 7.16
N VAL A 169 -11.18 22.78 7.99
CA VAL A 169 -10.93 23.76 9.03
C VAL A 169 -9.65 24.55 8.78
N LYS A 170 -9.22 24.70 7.53
CA LYS A 170 -8.25 25.75 7.23
C LYS A 170 -6.92 25.59 7.96
N ARG A 171 -5.99 24.86 7.31
CA ARG A 171 -4.72 24.44 7.89
C ARG A 171 -4.29 25.29 9.09
N GLU A 172 -4.44 26.60 9.02
CA GLU A 172 -4.03 27.46 10.12
C GLU A 172 -4.85 27.27 11.39
N ASN A 173 -5.76 26.29 11.43
CA ASN A 173 -6.44 25.89 12.65
C ASN A 173 -6.23 24.43 13.00
N PHE A 174 -5.26 23.77 12.36
CA PHE A 174 -5.08 22.33 12.51
C PHE A 174 -3.58 22.02 12.56
N CYS A 175 -3.19 21.20 13.55
CA CYS A 175 -1.80 20.82 13.74
C CYS A 175 -1.73 19.37 14.17
N LEU A 176 -0.70 18.66 13.72
CA LEU A 176 -0.55 17.24 13.96
C LEU A 176 0.79 16.94 14.63
N ALA A 177 0.75 16.08 15.65
CA ALA A 177 1.93 15.63 16.37
C ALA A 177 1.99 14.11 16.35
N HIS A 178 3.11 13.57 15.91
CA HIS A 178 3.30 12.13 15.78
C HIS A 178 4.28 11.66 16.84
N VAL A 179 3.81 10.78 17.73
CA VAL A 179 4.61 10.24 18.82
C VAL A 179 5.13 8.86 18.39
N SER A 180 6.44 8.72 18.32
CA SER A 180 7.06 7.51 17.79
C SER A 180 8.17 7.03 18.71
N LEU A 181 8.30 5.71 18.79
CA LEU A 181 9.31 5.06 19.61
C LEU A 181 10.65 5.00 18.90
N VAL A 182 11.71 5.30 19.64
CA VAL A 182 13.07 5.17 19.16
C VAL A 182 13.79 4.15 20.03
N PRO A 183 13.84 2.88 19.60
CA PRO A 183 14.41 1.84 20.46
C PRO A 183 15.93 1.79 20.40
N LEU A 184 16.49 1.26 21.48
CA LEU A 184 17.94 1.06 21.61
C LEU A 184 18.16 -0.37 22.07
N PRO A 185 18.19 -1.33 21.15
CA PRO A 185 18.42 -2.72 21.54
C PRO A 185 19.83 -2.93 22.06
N LYS A 186 19.93 -3.75 23.11
CA LYS A 186 21.20 -3.97 23.78
C LYS A 186 22.24 -4.56 22.83
N ALA A 187 21.85 -5.59 22.07
CA ALA A 187 22.78 -6.25 21.17
C ALA A 187 23.04 -5.45 19.91
N THR A 188 22.09 -4.63 19.47
CA THR A 188 22.30 -3.78 18.31
C THR A 188 23.32 -2.69 18.62
N GLY A 189 23.19 -2.04 19.77
CA GLY A 189 24.17 -1.08 20.23
C GLY A 189 24.00 0.33 19.73
N GLU A 190 22.79 0.74 19.36
CA GLU A 190 22.55 2.11 18.93
C GLU A 190 21.06 2.39 18.84
N PRO A 191 20.64 3.64 19.06
CA PRO A 191 19.22 3.97 18.89
C PRO A 191 18.81 3.88 17.43
N LYS A 192 17.68 3.22 17.19
CA LYS A 192 17.24 2.93 15.84
C LYS A 192 16.11 3.86 15.43
N THR A 193 16.18 4.33 14.18
CA THR A 193 15.30 5.36 13.66
C THR A 193 14.35 4.86 12.59
N LYS A 194 14.55 3.65 12.09
CA LYS A 194 13.80 3.11 10.97
C LYS A 194 12.31 2.94 11.27
N PRO A 195 11.93 2.49 12.47
CA PRO A 195 10.49 2.40 12.77
C PRO A 195 9.78 3.74 12.70
N THR A 196 10.40 4.80 13.21
CA THR A 196 9.80 6.13 13.10
C THR A 196 9.69 6.56 11.63
N GLN A 197 10.72 6.29 10.84
CA GLN A 197 10.68 6.61 9.41
C GLN A 197 9.52 5.90 8.74
N SER A 198 9.36 4.61 9.01
CA SER A 198 8.30 3.84 8.38
C SER A 198 6.92 4.31 8.84
N SER A 199 6.79 4.68 10.11
CA SER A 199 5.51 5.17 10.60
C SER A 199 5.15 6.50 9.94
N VAL A 200 6.13 7.39 9.78
CA VAL A 200 5.86 8.66 9.11
C VAL A 200 5.54 8.44 7.64
N ARG A 201 6.18 7.45 7.01
CA ARG A 201 5.84 7.10 5.63
C ARG A 201 4.40 6.61 5.53
N GLU A 202 4.00 5.72 6.43
CA GLU A 202 2.63 5.23 6.44
C GLU A 202 1.64 6.37 6.68
N LEU A 203 2.01 7.31 7.53
CA LEU A 203 1.15 8.46 7.79
C LEU A 203 0.99 9.32 6.54
N ARG A 204 2.11 9.66 5.89
CA ARG A 204 2.06 10.46 4.67
C ARG A 204 1.37 9.73 3.52
N GLY A 205 1.35 8.40 3.55
CA GLY A 205 0.58 7.62 2.61
C GLY A 205 -0.90 7.68 2.81
N CYS A 206 -1.36 8.53 3.72
CA CYS A 206 -2.79 8.73 3.97
C CYS A 206 -3.18 10.19 3.88
N GLY A 207 -2.31 11.06 3.35
CA GLY A 207 -2.62 12.44 3.12
C GLY A 207 -2.31 13.38 4.25
N LEU A 208 -1.75 12.90 5.35
CA LEU A 208 -1.44 13.72 6.50
C LEU A 208 0.06 13.94 6.62
N SER A 209 0.44 15.10 7.16
CA SER A 209 1.82 15.49 7.31
C SER A 209 2.06 15.95 8.75
N PRO A 210 3.09 15.45 9.42
CA PRO A 210 3.33 15.90 10.80
C PRO A 210 3.82 17.33 10.87
N ASP A 211 3.31 18.05 11.87
CA ASP A 211 3.86 19.35 12.24
C ASP A 211 4.82 19.24 13.41
N LEU A 212 4.69 18.20 14.23
CA LEU A 212 5.67 17.90 15.27
C LEU A 212 5.90 16.40 15.31
N ILE A 213 7.14 16.01 15.61
CA ILE A 213 7.50 14.61 15.83
C ILE A 213 8.08 14.52 17.24
N VAL A 214 7.42 13.74 18.09
CA VAL A 214 7.85 13.53 19.46
C VAL A 214 8.47 12.13 19.53
N CYS A 215 9.78 12.09 19.77
CA CYS A 215 10.52 10.85 19.82
C CYS A 215 10.61 10.38 21.26
N ARG A 216 10.18 9.16 21.52
CA ARG A 216 10.13 8.58 22.85
C ARG A 216 11.24 7.55 22.97
N SER A 217 12.07 7.71 23.99
CA SER A 217 13.18 6.79 24.25
C SER A 217 13.34 6.63 25.74
N GLU A 218 14.02 5.55 26.13
CA GLU A 218 14.31 5.34 27.54
C GLU A 218 15.31 6.36 28.05
N LYS A 219 16.35 6.63 27.28
CA LYS A 219 17.38 7.60 27.59
C LYS A 219 17.37 8.71 26.55
N PRO A 220 18.01 9.85 26.83
CA PRO A 220 18.09 10.90 25.83
C PRO A 220 18.95 10.50 24.64
N ILE A 221 18.61 11.05 23.48
CA ILE A 221 19.31 10.76 22.23
C ILE A 221 20.12 11.98 21.84
N GLY A 222 21.23 11.74 21.14
CA GLY A 222 22.11 12.79 20.70
C GLY A 222 21.54 13.58 19.54
N LEU A 223 22.30 14.61 19.15
CA LEU A 223 21.91 15.44 18.02
C LEU A 223 22.05 14.71 16.69
N GLU A 224 22.86 13.66 16.64
CA GLU A 224 22.99 12.88 15.42
C GLU A 224 21.69 12.16 15.08
N VAL A 225 21.07 11.53 16.08
CA VAL A 225 19.80 10.84 15.86
C VAL A 225 18.71 11.85 15.50
N LYS A 226 18.72 13.01 16.17
CA LYS A 226 17.76 14.06 15.84
C LYS A 226 17.92 14.49 14.39
N GLU A 227 19.16 14.70 13.94
CA GLU A 227 19.40 15.11 12.57
C GLU A 227 18.94 14.04 11.59
N LYS A 228 19.22 12.78 11.89
CA LYS A 228 18.76 11.69 11.03
C LYS A 228 17.25 11.70 10.91
N ILE A 229 16.55 11.87 12.03
CA ILE A 229 15.09 11.90 12.00
C ILE A 229 14.59 13.08 11.18
N SER A 230 15.17 14.26 11.42
CA SER A 230 14.73 15.45 10.71
C SER A 230 14.94 15.31 9.20
N ASN A 231 16.03 14.66 8.80
CA ASN A 231 16.32 14.54 7.37
C ASN A 231 15.49 13.45 6.71
N PHE A 232 15.38 12.29 7.33
CA PHE A 232 14.67 11.16 6.72
C PHE A 232 13.16 11.20 6.98
N CYS A 233 12.67 12.17 7.74
CA CYS A 233 11.24 12.35 7.94
C CYS A 233 10.76 13.72 7.51
N HIS A 234 11.67 14.61 7.12
CA HIS A 234 11.32 15.82 6.37
C HIS A 234 10.57 16.83 7.22
N VAL A 235 11.05 17.06 8.45
CA VAL A 235 10.61 18.17 9.28
C VAL A 235 11.85 18.93 9.73
N GLY A 236 11.62 20.12 10.26
CA GLY A 236 12.69 20.95 10.75
C GLY A 236 13.24 20.45 12.07
N PRO A 237 14.53 20.69 12.33
CA PRO A 237 15.12 20.24 13.60
C PRO A 237 14.47 20.84 14.82
N ASP A 238 13.86 22.02 14.69
CA ASP A 238 13.11 22.61 15.79
C ASP A 238 11.77 21.92 16.02
N GLN A 239 11.35 21.05 15.10
CA GLN A 239 10.08 20.35 15.18
C GLN A 239 10.24 18.92 15.67
N VAL A 240 11.39 18.59 16.24
CA VAL A 240 11.67 17.24 16.75
C VAL A 240 11.83 17.38 18.25
N ILE A 241 10.81 16.99 19.00
CA ILE A 241 10.82 17.03 20.46
C ILE A 241 11.18 15.64 20.95
N CYS A 242 12.21 15.54 21.77
CA CYS A 242 12.68 14.27 22.31
C CYS A 242 12.30 14.20 23.78
N ILE A 243 11.33 13.35 24.10
CA ILE A 243 10.83 13.13 25.44
C ILE A 243 11.28 11.75 25.86
N HIS A 244 12.21 11.68 26.81
CA HIS A 244 12.70 10.41 27.32
C HIS A 244 11.94 10.00 28.57
N ASP A 245 12.29 8.84 29.11
CA ASP A 245 11.61 8.32 30.29
C ASP A 245 12.04 9.10 31.52
N LEU A 246 11.06 9.57 32.28
CA LEU A 246 11.28 10.43 33.43
C LEU A 246 10.73 9.76 34.69
N ASN A 247 11.10 10.32 35.84
CA ASN A 247 10.69 9.75 37.12
C ASN A 247 9.20 9.96 37.34
N SER A 248 8.71 11.18 37.15
CA SER A 248 7.30 11.48 37.17
C SER A 248 6.91 12.14 35.85
N ILE A 249 5.62 12.06 35.53
CA ILE A 249 5.12 12.70 34.32
C ILE A 249 4.91 14.18 34.49
N TYR A 250 4.93 14.67 35.74
CA TYR A 250 4.90 16.12 35.96
C TYR A 250 6.03 16.83 35.23
N HIS A 251 7.13 16.10 34.97
CA HIS A 251 8.26 16.70 34.27
C HIS A 251 8.00 16.88 32.77
N VAL A 252 7.01 16.17 32.22
CA VAL A 252 6.81 16.22 30.77
C VAL A 252 6.44 17.61 30.29
N PRO A 253 5.42 18.28 30.82
CA PRO A 253 5.12 19.64 30.34
C PRO A 253 6.29 20.58 30.45
N LEU A 254 7.01 20.56 31.57
CA LEU A 254 8.19 21.40 31.72
C LEU A 254 9.18 21.15 30.59
N LEU A 255 9.55 19.89 30.39
CA LEU A 255 10.46 19.54 29.30
C LEU A 255 9.94 20.03 27.96
N MET A 256 8.63 20.18 27.81
CA MET A 256 8.08 20.74 26.59
C MET A 256 8.30 22.25 26.53
N GLU A 257 7.99 22.94 27.62
CA GLU A 257 8.28 24.37 27.68
C GLU A 257 9.75 24.64 27.45
N GLN A 258 10.61 23.75 27.91
CA GLN A 258 12.05 23.89 27.73
C GLN A 258 12.48 23.74 26.28
N ASN A 259 11.62 23.17 25.43
CA ASN A 259 11.94 22.94 24.03
C ASN A 259 11.17 23.86 23.08
N GLY A 260 10.43 24.83 23.62
CA GLY A 260 9.79 25.82 22.79
C GLY A 260 8.50 25.39 22.13
N VAL A 261 7.71 24.54 22.78
CA VAL A 261 6.45 24.11 22.20
C VAL A 261 5.41 25.22 22.25
N ILE A 262 5.45 26.05 23.30
CA ILE A 262 4.47 27.12 23.42
C ILE A 262 4.65 28.13 22.30
N GLU A 263 5.90 28.54 22.04
CA GLU A 263 6.15 29.50 20.98
C GLU A 263 5.76 28.94 19.62
N TYR A 264 6.10 27.67 19.36
CA TYR A 264 5.75 27.06 18.09
C TYR A 264 4.24 26.99 17.91
N LEU A 265 3.51 26.63 18.97
CA LEU A 265 2.06 26.53 18.85
C LEU A 265 1.41 27.90 18.72
N ASN A 266 2.00 28.93 19.33
CA ASN A 266 1.48 30.27 19.18
C ASN A 266 1.76 30.83 17.79
N GLU A 267 2.85 30.39 17.16
CA GLU A 267 3.18 30.83 15.81
C GLU A 267 2.42 30.04 14.75
N ARG A 268 2.13 28.77 15.01
CA ARG A 268 1.54 27.88 14.01
C ARG A 268 0.03 27.98 14.00
N LEU A 269 -0.60 28.04 15.17
CA LEU A 269 -2.04 28.16 15.28
C LEU A 269 -2.52 29.59 15.47
N GLN A 270 -1.60 30.54 15.61
CA GLN A 270 -1.93 31.95 15.77
C GLN A 270 -2.84 32.15 16.98
N LEU A 271 -2.30 31.82 18.15
CA LEU A 271 -3.06 31.91 19.39
C LEU A 271 -3.02 33.32 19.99
N ASN A 272 -2.06 34.15 19.59
CA ASN A 272 -1.94 35.53 20.08
C ASN A 272 -1.83 35.55 21.61
N ILE A 273 -0.75 34.95 22.10
CA ILE A 273 -0.45 34.91 23.52
C ILE A 273 0.57 35.98 23.82
N ASP A 274 0.32 36.76 24.88
CA ASP A 274 1.26 37.77 25.34
C ASP A 274 2.22 37.11 26.34
N MET A 275 3.50 37.09 25.99
CA MET A 275 4.42 36.20 26.70
C MET A 275 5.13 36.91 27.86
N SER A 276 5.31 38.23 27.77
CA SER A 276 5.75 38.96 28.96
C SER A 276 4.84 38.69 30.15
N LYS A 277 3.62 38.21 29.88
CA LYS A 277 2.66 37.82 30.91
C LYS A 277 2.85 36.39 31.38
N ARG A 278 3.25 35.47 30.51
CA ARG A 278 3.07 34.05 30.73
C ARG A 278 4.09 33.44 31.69
N THR A 279 5.14 34.16 32.05
CA THR A 279 6.11 33.60 32.98
C THR A 279 5.41 33.15 34.27
N LYS A 280 6.03 32.19 34.95
CA LYS A 280 5.47 31.56 36.14
C LYS A 280 4.17 30.83 35.83
N CYS A 281 3.96 30.43 34.57
CA CYS A 281 2.73 29.75 34.20
C CYS A 281 2.67 28.35 34.80
N LEU A 282 3.79 27.62 34.77
CA LEU A 282 3.84 26.24 35.21
C LEU A 282 4.43 26.10 36.61
N GLN A 283 4.18 27.07 37.49
CA GLN A 283 4.73 26.99 38.84
C GLN A 283 4.15 25.81 39.61
N GLN A 284 2.88 25.49 39.38
CA GLN A 284 2.27 24.33 40.02
C GLN A 284 3.07 23.06 39.70
N TRP A 285 3.30 22.80 38.41
CA TRP A 285 4.01 21.59 38.02
C TRP A 285 5.47 21.62 38.46
N ARG A 286 6.08 22.80 38.50
CA ARG A 286 7.45 22.90 39.01
C ARG A 286 7.50 22.50 40.49
N ASP A 287 6.58 23.05 41.30
CA ASP A 287 6.53 22.69 42.70
C ASP A 287 6.29 21.20 42.88
N LEU A 288 5.35 20.63 42.12
CA LEU A 288 5.06 19.21 42.26
C LEU A 288 6.27 18.36 41.88
N ALA A 289 6.88 18.64 40.72
CA ALA A 289 8.02 17.86 40.27
C ALA A 289 9.18 17.97 41.25
N ARG A 290 9.39 19.13 41.85
CA ARG A 290 10.45 19.27 42.83
C ARG A 290 10.12 18.47 44.09
N ARG A 291 8.97 18.74 44.70
CA ARG A 291 8.59 18.02 45.92
C ARG A 291 8.64 16.51 45.72
N THR A 292 8.39 16.03 44.50
CA THR A 292 8.53 14.61 44.23
C THR A 292 9.99 14.14 44.28
N GLU A 293 10.94 15.06 44.40
CA GLU A 293 12.35 14.71 44.45
C GLU A 293 13.00 15.00 45.80
N THR A 294 12.30 15.68 46.71
CA THR A 294 12.88 16.09 47.98
C THR A 294 12.37 15.28 49.17
N VAL A 295 11.52 14.29 48.95
CA VAL A 295 10.87 13.55 50.03
C VAL A 295 11.68 12.29 50.29
N ARG A 296 12.15 12.13 51.53
CA ARG A 296 12.91 10.96 51.97
C ARG A 296 12.31 10.46 53.28
N ARG A 297 11.25 9.66 53.18
CA ARG A 297 10.66 9.03 54.36
C ARG A 297 10.29 7.57 54.16
N GLU A 298 10.06 7.10 52.94
CA GLU A 298 9.97 5.67 52.61
C GLU A 298 8.86 4.98 53.41
N VAL A 299 7.63 5.37 53.09
CA VAL A 299 6.47 4.58 53.48
C VAL A 299 6.27 3.47 52.44
N CYS A 300 6.10 2.25 52.93
CA CYS A 300 6.05 1.06 52.08
C CYS A 300 4.66 0.44 52.14
N ILE A 301 4.02 0.34 50.98
CA ILE A 301 2.65 -0.15 50.87
C ILE A 301 2.65 -1.42 50.04
N ALA A 302 1.76 -2.34 50.39
CA ALA A 302 1.54 -3.57 49.65
C ALA A 302 0.24 -3.48 48.88
N VAL A 303 0.30 -3.90 47.62
CA VAL A 303 -0.88 -4.01 46.76
C VAL A 303 -1.04 -5.48 46.41
N VAL A 304 -2.08 -6.11 46.96
CA VAL A 304 -2.36 -7.53 46.76
C VAL A 304 -3.43 -7.63 45.69
N GLY A 305 -3.05 -8.07 44.50
CA GLY A 305 -3.97 -8.14 43.38
C GLY A 305 -3.72 -9.37 42.53
N LYS A 306 -4.55 -9.50 41.49
CA LYS A 306 -4.49 -10.63 40.57
C LYS A 306 -4.07 -10.23 39.16
N TYR A 307 -3.81 -8.96 38.91
CA TYR A 307 -3.29 -8.49 37.64
C TYR A 307 -1.88 -7.93 37.78
N THR A 308 -1.14 -8.37 38.80
CA THR A 308 0.10 -7.71 39.18
C THR A 308 1.23 -7.90 38.19
N LYS A 309 1.06 -8.74 37.18
CA LYS A 309 2.09 -8.89 36.16
C LYS A 309 2.12 -7.71 35.20
N PHE A 310 1.04 -6.94 35.12
CA PHE A 310 0.96 -5.73 34.31
C PHE A 310 0.55 -4.59 35.23
N THR A 311 1.52 -3.77 35.64
CA THR A 311 1.27 -2.77 36.66
C THR A 311 0.23 -1.74 36.21
N ASP A 312 0.18 -1.44 34.92
CA ASP A 312 -0.78 -0.46 34.43
C ASP A 312 -2.23 -0.87 34.64
N SER A 313 -2.47 -2.10 35.11
CA SER A 313 -3.80 -2.52 35.51
C SER A 313 -4.25 -1.91 36.83
N TYR A 314 -3.41 -1.09 37.48
CA TYR A 314 -3.77 -0.40 38.70
C TYR A 314 -3.36 1.07 38.65
N ALA A 315 -3.22 1.63 37.45
CA ALA A 315 -2.65 2.96 37.29
C ALA A 315 -3.27 3.95 38.26
N SER A 316 -4.57 4.21 38.12
CA SER A 316 -5.28 5.12 39.01
C SER A 316 -4.89 4.85 40.46
N VAL A 317 -5.07 3.61 40.91
CA VAL A 317 -4.74 3.27 42.29
C VAL A 317 -3.37 3.81 42.65
N VAL A 318 -2.35 3.38 41.90
CA VAL A 318 -0.99 3.83 42.17
C VAL A 318 -0.95 5.34 42.32
N LYS A 319 -1.43 6.04 41.30
CA LYS A 319 -1.34 7.49 41.32
C LYS A 319 -2.01 8.05 42.56
N ALA A 320 -3.20 7.53 42.89
CA ALA A 320 -3.88 7.96 44.11
C ALA A 320 -2.92 7.93 45.28
N LEU A 321 -2.33 6.77 45.55
CA LEU A 321 -1.39 6.64 46.65
C LEU A 321 -0.32 7.72 46.58
N GLN A 322 0.28 7.90 45.40
CA GLN A 322 1.29 8.94 45.24
C GLN A 322 0.74 10.29 45.70
N HIS A 323 -0.40 10.69 45.15
CA HIS A 323 -0.96 11.99 45.49
C HIS A 323 -1.12 12.15 46.99
N ALA A 324 -1.31 11.05 47.70
CA ALA A 324 -1.41 11.09 49.16
C ALA A 324 -0.02 11.24 49.79
N ALA A 325 0.90 10.36 49.44
CA ALA A 325 2.19 10.34 50.10
C ALA A 325 2.94 11.64 49.91
N LEU A 326 2.70 12.34 48.80
CA LEU A 326 3.37 13.61 48.57
C LEU A 326 2.77 14.73 49.39
N ALA A 327 1.46 14.67 49.69
CA ALA A 327 0.85 15.67 50.54
C ALA A 327 1.20 15.45 52.00
N VAL A 328 1.42 14.21 52.40
CA VAL A 328 1.94 13.90 53.74
C VAL A 328 3.43 14.13 53.86
N ASN A 329 4.10 14.47 52.75
CA ASN A 329 5.55 14.68 52.74
C ASN A 329 6.29 13.38 53.00
N ARG A 330 5.87 12.32 52.30
CA ARG A 330 6.50 11.02 52.38
C ARG A 330 6.80 10.51 50.98
N LYS A 331 7.73 9.56 50.92
CA LYS A 331 8.11 8.90 49.67
C LYS A 331 7.52 7.50 49.65
N LEU A 332 6.81 7.18 48.57
CA LEU A 332 6.12 5.92 48.46
C LEU A 332 7.04 4.83 47.94
N GLU A 333 6.92 3.64 48.53
CA GLU A 333 7.65 2.44 48.11
C GLU A 333 6.61 1.35 47.89
N LEU A 334 6.26 1.11 46.64
CA LEU A 334 5.16 0.23 46.30
C LEU A 334 5.65 -1.20 46.11
N VAL A 335 4.96 -2.15 46.72
CA VAL A 335 5.22 -3.58 46.58
C VAL A 335 3.98 -4.23 45.98
N PHE A 336 4.18 -4.96 44.89
CA PHE A 336 3.11 -5.70 44.24
C PHE A 336 3.22 -7.16 44.61
N ILE A 337 2.17 -7.72 45.19
CA ILE A 337 2.12 -9.10 45.62
C ILE A 337 1.05 -9.81 44.81
N GLU A 338 1.41 -10.92 44.18
CA GLU A 338 0.44 -11.76 43.48
C GLU A 338 -0.34 -12.58 44.50
N SER A 339 -1.66 -12.60 44.36
CA SER A 339 -2.51 -13.19 45.39
C SER A 339 -2.39 -14.72 45.41
N CYS A 340 -2.27 -15.34 44.24
CA CYS A 340 -2.23 -16.80 44.18
C CYS A 340 -1.05 -17.38 44.94
N LEU A 341 0.02 -16.61 45.14
CA LEU A 341 1.16 -17.10 45.90
C LEU A 341 0.95 -17.04 47.40
N LEU A 342 -0.08 -16.34 47.87
CA LEU A 342 -0.45 -16.36 49.28
C LEU A 342 -1.30 -17.58 49.62
N GLU A 343 -1.67 -18.40 48.65
CA GLU A 343 -2.55 -19.54 48.86
C GLU A 343 -1.73 -20.79 49.12
N GLU A 344 -2.34 -21.74 49.83
CA GLU A 344 -1.63 -22.93 50.28
C GLU A 344 -1.28 -23.88 49.15
N GLU A 345 -1.94 -23.75 48.00
CA GLU A 345 -1.58 -24.61 46.86
C GLU A 345 -0.15 -24.34 46.41
N THR A 346 0.33 -23.12 46.56
CA THR A 346 1.70 -22.79 46.22
C THR A 346 2.69 -23.28 47.26
N LEU A 347 2.23 -23.53 48.49
CA LEU A 347 3.11 -24.06 49.52
C LEU A 347 3.43 -25.54 49.30
N HIS A 348 2.65 -26.22 48.47
CA HIS A 348 2.90 -27.61 48.11
C HIS A 348 3.46 -27.77 46.70
N SER A 349 3.71 -26.68 46.00
CA SER A 349 4.23 -26.73 44.65
C SER A 349 5.47 -25.84 44.51
N GLU A 350 5.48 -24.71 45.21
CA GLU A 350 6.59 -23.77 45.15
C GLU A 350 6.66 -23.04 46.49
N PRO A 351 7.23 -23.68 47.51
CA PRO A 351 7.24 -23.04 48.84
C PRO A 351 8.09 -21.79 48.91
N SER A 352 9.17 -21.72 48.14
CA SER A 352 10.03 -20.53 48.18
C SER A 352 9.24 -19.28 47.80
N LYS A 353 8.47 -19.35 46.72
CA LYS A 353 7.64 -18.22 46.31
C LYS A 353 6.65 -17.86 47.41
N TYR A 354 5.98 -18.86 47.97
CA TYR A 354 5.02 -18.63 49.04
C TYR A 354 5.65 -17.82 50.17
N HIS A 355 6.77 -18.31 50.69
CA HIS A 355 7.40 -17.68 51.84
C HIS A 355 7.98 -16.32 51.49
N LYS A 356 8.47 -16.15 50.26
CA LYS A 356 9.00 -14.85 49.85
C LYS A 356 7.89 -13.81 49.78
N GLU A 357 6.75 -14.16 49.19
CA GLU A 357 5.65 -13.21 49.09
C GLU A 357 5.08 -12.90 50.47
N TRP A 358 5.01 -13.90 51.34
CA TRP A 358 4.53 -13.63 52.70
C TRP A 358 5.51 -12.74 53.46
N GLN A 359 6.81 -12.91 53.22
CA GLN A 359 7.80 -12.00 53.78
C GLN A 359 7.54 -10.58 53.31
N LYS A 360 7.41 -10.39 51.99
CA LYS A 360 7.10 -9.07 51.45
C LYS A 360 5.86 -8.48 52.11
N LEU A 361 4.84 -9.30 52.31
CA LEU A 361 3.58 -8.79 52.88
C LEU A 361 3.76 -8.39 54.34
N CYS A 362 4.53 -9.16 55.11
CA CYS A 362 4.64 -8.92 56.54
C CYS A 362 5.62 -7.81 56.89
N ASP A 363 6.55 -7.46 56.00
CA ASP A 363 7.55 -6.43 56.28
C ASP A 363 7.17 -5.09 55.63
N SER A 364 5.89 -4.79 55.55
CA SER A 364 5.40 -3.52 55.03
C SER A 364 4.69 -2.75 56.14
N HIS A 365 4.19 -1.56 55.79
CA HIS A 365 3.55 -0.68 56.76
C HIS A 365 2.06 -0.45 56.47
N GLY A 366 1.56 -0.92 55.35
CA GLY A 366 0.15 -0.75 55.01
C GLY A 366 -0.25 -1.61 53.84
N ILE A 367 -1.52 -2.01 53.79
CA ILE A 367 -2.02 -2.92 52.79
C ILE A 367 -3.18 -2.27 52.04
N LEU A 368 -3.13 -2.41 50.71
CA LEU A 368 -4.20 -1.96 49.84
C LEU A 368 -4.64 -3.15 49.00
N VAL A 369 -5.93 -3.47 49.07
CA VAL A 369 -6.50 -4.56 48.29
C VAL A 369 -7.34 -3.93 47.17
N PRO A 370 -6.98 -4.11 45.90
CA PRO A 370 -7.77 -3.51 44.82
C PRO A 370 -8.93 -4.38 44.38
N GLY A 371 -9.68 -3.89 43.39
CA GLY A 371 -10.80 -4.62 42.84
C GLY A 371 -10.40 -5.65 41.82
N GLY A 372 -11.39 -6.41 41.37
CA GLY A 372 -11.13 -7.47 40.43
C GLY A 372 -12.43 -8.14 40.02
N PHE A 373 -12.28 -9.19 39.22
CA PHE A 373 -13.40 -9.98 38.73
C PHE A 373 -12.98 -11.44 38.69
N GLY A 374 -13.96 -12.32 38.73
CA GLY A 374 -13.69 -13.74 38.60
C GLY A 374 -13.33 -14.44 39.89
N SER A 375 -12.51 -15.48 39.79
CA SER A 375 -12.19 -16.33 40.93
C SER A 375 -10.70 -16.64 41.06
N ARG A 376 -9.86 -16.05 40.23
CA ARG A 376 -8.43 -16.37 40.20
C ARG A 376 -7.70 -15.39 41.10
N GLY A 377 -7.37 -15.82 42.31
CA GLY A 377 -6.58 -15.04 43.23
C GLY A 377 -7.34 -14.39 44.36
N MET A 378 -8.54 -14.87 44.70
CA MET A 378 -9.31 -14.29 45.78
C MET A 378 -9.09 -14.98 47.11
N GLU A 379 -8.73 -16.26 47.11
CA GLU A 379 -8.50 -16.97 48.36
C GLU A 379 -7.17 -16.64 49.01
N GLY A 380 -6.33 -15.81 48.37
CA GLY A 380 -5.16 -15.25 49.02
C GLY A 380 -5.44 -13.80 49.41
N LYS A 381 -6.28 -13.16 48.60
CA LYS A 381 -6.81 -11.85 48.97
C LYS A 381 -7.61 -11.93 50.25
N ILE A 382 -8.17 -13.11 50.54
CA ILE A 382 -8.86 -13.33 51.80
C ILE A 382 -7.86 -13.39 52.95
N ARG A 383 -6.79 -14.15 52.75
CA ARG A 383 -5.79 -14.32 53.79
C ARG A 383 -5.06 -13.02 54.10
N ALA A 384 -4.87 -12.16 53.11
CA ALA A 384 -4.24 -10.87 53.38
C ALA A 384 -5.08 -10.05 54.36
N CYS A 385 -6.37 -9.94 54.10
CA CYS A 385 -7.25 -9.23 55.01
C CYS A 385 -7.28 -9.90 56.38
N GLN A 386 -7.29 -11.24 56.41
CA GLN A 386 -7.30 -11.94 57.68
C GLN A 386 -6.04 -11.62 58.49
N TRP A 387 -4.88 -11.64 57.84
CA TRP A 387 -3.63 -11.33 58.53
C TRP A 387 -3.63 -9.90 59.04
N ALA A 388 -3.99 -8.95 58.18
CA ALA A 388 -4.01 -7.55 58.61
C ALA A 388 -5.00 -7.34 59.75
N ARG A 389 -6.03 -8.18 59.82
CA ARG A 389 -6.99 -8.09 60.92
C ARG A 389 -6.39 -8.63 62.21
N GLU A 390 -5.83 -9.82 62.16
CA GLU A 390 -5.28 -10.47 63.34
C GLU A 390 -3.88 -9.97 63.70
N ASN A 391 -3.36 -8.94 63.03
CA ASN A 391 -2.04 -8.42 63.34
C ASN A 391 -2.00 -6.89 63.40
N GLN A 392 -3.15 -6.22 63.33
CA GLN A 392 -3.24 -4.78 63.51
C GLN A 392 -2.33 -4.04 62.52
N LYS A 393 -2.65 -4.18 61.25
CA LYS A 393 -1.96 -3.50 60.18
C LYS A 393 -2.97 -2.67 59.38
N PRO A 394 -2.71 -1.37 59.15
CA PRO A 394 -3.66 -0.55 58.39
C PRO A 394 -4.04 -1.22 57.07
N LEU A 395 -5.23 -0.89 56.58
CA LEU A 395 -5.75 -1.57 55.40
C LEU A 395 -6.82 -0.73 54.73
N LEU A 396 -6.73 -0.63 53.41
CA LEU A 396 -7.78 -0.06 52.58
C LEU A 396 -8.18 -1.07 51.51
N GLY A 397 -9.49 -1.25 51.34
CA GLY A 397 -10.02 -2.19 50.36
C GLY A 397 -10.90 -1.48 49.35
N ILE A 398 -10.85 -1.91 48.09
CA ILE A 398 -11.47 -1.19 46.98
C ILE A 398 -12.32 -2.18 46.18
N CYS A 399 -13.60 -2.28 46.52
CA CYS A 399 -14.64 -2.87 45.68
C CYS A 399 -14.56 -4.38 45.53
N LEU A 400 -13.45 -4.97 45.93
CA LEU A 400 -13.35 -6.41 46.12
C LEU A 400 -12.59 -6.78 47.37
N GLY A 401 -11.74 -5.90 47.89
CA GLY A 401 -11.23 -6.07 49.23
C GLY A 401 -12.31 -5.92 50.27
N LEU A 402 -13.37 -5.15 49.96
CA LEU A 402 -14.52 -5.08 50.84
C LEU A 402 -15.20 -6.44 50.94
N GLN A 403 -15.51 -7.05 49.80
CA GLN A 403 -16.18 -8.34 49.80
C GLN A 403 -15.28 -9.43 50.36
N ALA A 404 -14.01 -9.42 49.97
CA ALA A 404 -13.04 -10.34 50.55
C ALA A 404 -13.00 -10.20 52.07
N ALA A 405 -13.00 -8.95 52.56
CA ALA A 405 -12.91 -8.72 53.99
C ALA A 405 -14.17 -9.19 54.70
N VAL A 406 -15.33 -8.96 54.10
CA VAL A 406 -16.59 -9.42 54.69
C VAL A 406 -16.60 -10.94 54.79
N ILE A 407 -16.22 -11.61 53.71
CA ILE A 407 -16.19 -13.08 53.72
C ILE A 407 -15.19 -13.58 54.76
N GLU A 408 -14.02 -12.94 54.84
CA GLU A 408 -13.01 -13.33 55.81
C GLU A 408 -13.54 -13.17 57.24
N PHE A 409 -14.15 -12.02 57.53
CA PHE A 409 -14.72 -11.78 58.85
C PHE A 409 -15.74 -12.85 59.18
N ALA A 410 -16.62 -13.17 58.23
CA ALA A 410 -17.61 -14.22 58.45
C ALA A 410 -16.94 -15.53 58.81
N ARG A 411 -16.04 -16.01 57.94
CA ARG A 411 -15.48 -17.34 58.10
C ARG A 411 -14.55 -17.44 59.30
N ASN A 412 -14.03 -16.32 59.82
CA ASN A 412 -13.08 -16.36 60.92
C ASN A 412 -13.65 -15.91 62.25
N LYS A 413 -14.82 -15.28 62.28
CA LYS A 413 -15.47 -14.89 63.52
C LYS A 413 -16.79 -15.61 63.75
N LEU A 414 -17.69 -15.62 62.77
CA LEU A 414 -18.99 -16.23 62.91
C LEU A 414 -18.98 -17.73 62.62
N GLY A 415 -17.80 -18.33 62.48
CA GLY A 415 -17.72 -19.75 62.21
C GLY A 415 -18.46 -20.19 60.97
N LEU A 416 -18.59 -19.32 59.98
CA LEU A 416 -19.27 -19.63 58.72
C LEU A 416 -18.21 -20.08 57.73
N LYS A 417 -17.89 -21.37 57.76
CA LYS A 417 -16.80 -21.90 56.92
C LYS A 417 -17.11 -21.73 55.44
N ASP A 418 -18.38 -21.82 55.05
CA ASP A 418 -18.76 -21.78 53.65
C ASP A 418 -19.08 -20.38 53.15
N ALA A 419 -18.87 -19.35 53.98
CA ALA A 419 -19.05 -17.98 53.52
C ALA A 419 -18.21 -17.74 52.28
N ASN A 420 -18.89 -17.42 51.17
CA ASN A 420 -18.23 -17.34 49.88
C ASN A 420 -18.99 -16.36 49.00
N THR A 421 -18.60 -16.30 47.73
CA THR A 421 -19.19 -15.44 46.74
C THR A 421 -20.11 -16.23 45.81
N THR A 422 -21.05 -15.52 45.19
CA THR A 422 -21.82 -16.09 44.09
C THR A 422 -20.96 -16.16 42.83
N GLU A 423 -20.03 -15.24 42.68
CA GLU A 423 -19.13 -15.22 41.53
C GLU A 423 -18.21 -16.43 41.50
N ILE A 424 -17.96 -17.03 42.67
CA ILE A 424 -17.17 -18.26 42.73
C ILE A 424 -18.10 -19.47 42.76
N ASP A 425 -18.90 -19.58 43.81
CA ASP A 425 -19.86 -20.67 43.96
C ASP A 425 -21.26 -20.09 44.15
N PRO A 426 -22.12 -20.13 43.13
CA PRO A 426 -23.47 -19.56 43.30
C PRO A 426 -24.41 -20.43 44.10
N ASN A 427 -24.08 -21.69 44.34
CA ASN A 427 -24.93 -22.63 45.06
C ASN A 427 -24.44 -22.86 46.49
N THR A 428 -23.94 -21.82 47.14
CA THR A 428 -23.41 -21.95 48.50
C THR A 428 -24.50 -21.69 49.53
N ALA A 429 -24.42 -22.42 50.64
CA ALA A 429 -25.39 -22.24 51.72
C ALA A 429 -25.36 -20.80 52.24
N ASN A 430 -24.23 -20.38 52.79
CA ASN A 430 -24.07 -19.02 53.31
C ASN A 430 -23.46 -18.16 52.20
N ALA A 431 -24.30 -17.35 51.56
CA ALA A 431 -23.87 -16.47 50.48
C ALA A 431 -23.74 -15.06 51.04
N LEU A 432 -22.52 -14.69 51.40
CA LEU A 432 -22.28 -13.35 51.92
C LEU A 432 -22.30 -12.31 50.82
N VAL A 433 -21.91 -12.69 49.61
CA VAL A 433 -21.90 -11.82 48.45
C VAL A 433 -22.90 -12.36 47.45
N ILE A 434 -23.87 -11.55 47.07
CA ILE A 434 -24.98 -11.97 46.22
C ILE A 434 -25.02 -11.13 44.96
N ASP A 435 -25.89 -11.52 44.05
CA ASP A 435 -26.06 -10.89 42.76
C ASP A 435 -27.17 -9.85 42.82
N MET A 436 -26.88 -8.66 42.29
CA MET A 436 -27.90 -7.63 42.12
C MET A 436 -28.65 -7.91 40.82
N PRO A 437 -29.89 -8.42 40.89
CA PRO A 437 -30.55 -8.89 39.66
C PRO A 437 -30.96 -7.78 38.71
N GLU A 438 -30.85 -6.51 39.11
CA GLU A 438 -31.08 -5.42 38.16
C GLU A 438 -29.96 -5.30 37.14
N HIS A 439 -28.78 -5.85 37.44
CA HIS A 439 -27.61 -5.77 36.58
C HIS A 439 -27.12 -7.16 36.17
N HIS A 440 -28.05 -8.12 36.07
CA HIS A 440 -27.73 -9.49 35.70
C HIS A 440 -28.66 -9.96 34.60
N THR A 441 -28.81 -9.13 33.56
CA THR A 441 -29.72 -9.40 32.46
C THR A 441 -29.16 -10.37 31.44
N GLY A 442 -27.92 -10.82 31.60
CA GLY A 442 -27.25 -11.66 30.62
C GLY A 442 -26.51 -10.83 29.59
N GLN A 443 -27.06 -9.68 29.24
CA GLN A 443 -26.44 -8.74 28.31
C GLN A 443 -25.31 -8.02 29.04
N LEU A 444 -24.11 -8.59 28.98
CA LEU A 444 -22.94 -7.95 29.56
C LEU A 444 -22.48 -6.81 28.66
N GLY A 445 -22.20 -5.67 29.26
CA GLY A 445 -21.93 -4.45 28.51
C GLY A 445 -22.91 -3.36 28.85
N GLY A 446 -22.44 -2.35 29.59
CA GLY A 446 -23.33 -1.33 30.13
C GLY A 446 -24.22 -1.80 31.25
N THR A 447 -24.20 -3.09 31.59
CA THR A 447 -25.09 -3.65 32.60
C THR A 447 -24.37 -3.77 33.95
N MET A 448 -23.93 -2.62 34.45
CA MET A 448 -23.22 -2.54 35.71
C MET A 448 -23.73 -1.33 36.48
N ARG A 449 -23.69 -1.42 37.80
CA ARG A 449 -23.83 -0.22 38.61
C ARG A 449 -22.62 0.65 38.34
N LEU A 450 -22.86 1.77 37.66
CA LEU A 450 -21.81 2.60 37.10
C LEU A 450 -22.07 4.06 37.43
N GLY A 451 -20.99 4.80 37.59
CA GLY A 451 -21.07 6.24 37.67
C GLY A 451 -21.17 6.77 39.07
N LYS A 452 -21.34 8.08 39.17
CA LYS A 452 -21.36 8.74 40.47
C LYS A 452 -22.69 8.50 41.16
N ARG A 453 -22.62 8.01 42.39
CA ARG A 453 -23.75 7.84 43.27
C ARG A 453 -23.47 8.58 44.57
N ILE A 454 -24.52 8.73 45.36
CA ILE A 454 -24.48 9.53 46.58
C ILE A 454 -24.17 8.64 47.78
N THR A 455 -23.40 9.18 48.71
CA THR A 455 -23.04 8.52 49.95
C THR A 455 -23.81 9.14 51.10
N VAL A 456 -24.16 8.32 52.09
CA VAL A 456 -24.73 8.79 53.33
C VAL A 456 -24.15 7.96 54.46
N PHE A 457 -23.49 8.60 55.40
CA PHE A 457 -22.89 7.91 56.53
C PHE A 457 -23.94 7.70 57.62
N SER A 458 -23.92 6.51 58.20
CA SER A 458 -24.73 6.28 59.39
C SER A 458 -24.28 7.20 60.51
N ASP A 459 -25.18 7.43 61.46
CA ASP A 459 -24.88 8.35 62.55
C ASP A 459 -23.88 7.71 63.52
N GLY A 460 -23.02 8.56 64.08
CA GLY A 460 -21.92 8.09 64.88
C GLY A 460 -20.60 8.48 64.24
N PRO A 461 -19.85 9.38 64.87
CA PRO A 461 -18.58 9.82 64.29
C PRO A 461 -17.73 8.65 63.79
N SER A 462 -17.12 8.84 62.63
CA SER A 462 -16.28 7.83 62.00
C SER A 462 -15.02 8.48 61.47
N VAL A 463 -13.87 7.86 61.73
CA VAL A 463 -12.60 8.37 61.25
C VAL A 463 -12.67 8.64 59.75
N ILE A 464 -13.30 7.73 59.00
CA ILE A 464 -13.37 7.90 57.56
C ILE A 464 -14.27 9.07 57.20
N ARG A 465 -15.24 9.40 58.06
CA ARG A 465 -16.07 10.57 57.83
C ARG A 465 -15.32 11.85 58.20
N GLN A 466 -14.49 11.80 59.24
CA GLN A 466 -13.67 12.96 59.59
C GLN A 466 -12.64 13.24 58.51
N LEU A 467 -12.14 12.20 57.83
CA LEU A 467 -11.23 12.41 56.72
C LEU A 467 -11.94 13.03 55.52
N TYR A 468 -13.24 12.80 55.40
CA TYR A 468 -14.04 13.39 54.33
C TYR A 468 -14.49 14.81 54.64
N GLY A 469 -14.07 15.37 55.77
CA GLY A 469 -14.49 16.71 56.15
C GLY A 469 -15.76 16.77 56.96
N ASN A 470 -16.20 15.65 57.53
CA ASN A 470 -17.46 15.55 58.27
C ASN A 470 -18.63 16.18 57.52
N PRO A 471 -18.89 15.73 56.29
CA PRO A 471 -20.13 16.11 55.62
C PRO A 471 -21.23 15.08 55.84
N LYS A 472 -22.42 15.42 55.35
CA LYS A 472 -23.52 14.46 55.34
C LYS A 472 -23.53 13.59 54.10
N SER A 473 -22.84 14.00 53.04
CA SER A 473 -22.91 13.31 51.76
C SER A 473 -21.58 13.46 51.03
N VAL A 474 -21.40 12.60 50.02
CA VAL A 474 -20.29 12.74 49.08
C VAL A 474 -20.59 11.88 47.85
N GLN A 475 -20.28 12.39 46.67
CA GLN A 475 -20.51 11.66 45.43
C GLN A 475 -19.26 10.88 45.05
N GLU A 476 -19.47 9.62 44.67
CA GLU A 476 -18.34 8.75 44.33
C GLU A 476 -18.73 7.82 43.19
N ARG A 477 -17.74 7.44 42.39
CA ARG A 477 -17.98 6.64 41.20
C ARG A 477 -17.94 5.15 41.53
N HIS A 478 -18.96 4.44 41.06
CA HIS A 478 -19.12 3.02 41.25
C HIS A 478 -18.91 2.29 39.93
N ARG A 479 -18.47 1.03 40.04
CA ARG A 479 -18.43 0.11 38.90
C ARG A 479 -18.48 -1.30 39.49
N HIS A 480 -19.66 -1.91 39.51
CA HIS A 480 -19.75 -3.24 40.09
C HIS A 480 -21.04 -3.94 39.69
N ARG A 481 -21.05 -5.27 39.90
CA ARG A 481 -22.16 -6.14 39.56
C ARG A 481 -22.72 -6.92 40.74
N TYR A 482 -21.95 -7.13 41.80
CA TYR A 482 -22.38 -7.89 42.97
C TYR A 482 -22.56 -6.96 44.15
N GLU A 483 -22.97 -7.52 45.29
CA GLU A 483 -23.26 -6.70 46.45
C GLU A 483 -23.34 -7.59 47.69
N VAL A 484 -22.92 -7.08 48.84
CA VAL A 484 -22.94 -7.87 50.05
C VAL A 484 -24.38 -8.11 50.49
N ASN A 485 -24.63 -9.30 51.01
CA ASN A 485 -25.99 -9.68 51.40
C ASN A 485 -26.47 -8.81 52.55
N PRO A 486 -27.56 -8.05 52.39
CA PRO A 486 -28.05 -7.24 53.52
C PRO A 486 -28.57 -8.08 54.67
N LYS A 487 -28.92 -9.35 54.44
CA LYS A 487 -29.49 -10.16 55.50
C LYS A 487 -28.49 -10.40 56.62
N TYR A 488 -27.28 -10.83 56.28
CA TYR A 488 -26.25 -11.10 57.27
C TYR A 488 -25.67 -9.84 57.90
N VAL A 489 -26.21 -8.66 57.60
CA VAL A 489 -25.57 -7.42 58.01
C VAL A 489 -25.40 -7.38 59.52
N HIS A 490 -26.49 -7.53 60.27
CA HIS A 490 -26.41 -7.39 61.72
C HIS A 490 -25.63 -8.53 62.36
N LEU A 491 -25.60 -9.70 61.72
CA LEU A 491 -24.80 -10.80 62.25
C LEU A 491 -23.31 -10.46 62.26
N LEU A 492 -22.89 -9.55 61.40
CA LEU A 492 -21.53 -8.99 61.47
C LEU A 492 -21.47 -7.73 62.29
N GLU A 493 -22.57 -6.97 62.32
CA GLU A 493 -22.60 -5.73 63.09
C GLU A 493 -22.59 -5.98 64.58
N GLU A 494 -23.00 -7.16 65.04
CA GLU A 494 -22.91 -7.51 66.45
C GLU A 494 -21.53 -8.10 66.76
N GLN A 495 -20.51 -7.43 66.28
CA GLN A 495 -19.11 -7.81 66.43
C GLN A 495 -18.28 -6.61 65.96
N GLY A 496 -16.99 -6.81 65.77
CA GLY A 496 -16.12 -5.71 65.37
C GLY A 496 -16.22 -5.34 63.90
N MET A 497 -17.42 -5.33 63.34
CA MET A 497 -17.66 -4.83 61.99
C MET A 497 -18.80 -3.82 62.06
N ARG A 498 -18.67 -2.73 61.33
CA ARG A 498 -19.61 -1.62 61.43
C ARG A 498 -19.76 -0.97 60.06
N PHE A 499 -21.00 -0.86 59.59
CA PHE A 499 -21.31 -0.27 58.30
C PHE A 499 -21.54 1.22 58.49
N VAL A 500 -20.53 2.01 58.16
CA VAL A 500 -20.56 3.46 58.39
C VAL A 500 -21.05 4.19 57.16
N GLY A 501 -21.55 3.44 56.17
CA GLY A 501 -22.00 4.05 54.94
C GLY A 501 -22.84 3.11 54.12
N THR A 502 -23.83 3.67 53.44
CA THR A 502 -24.65 2.93 52.48
C THR A 502 -25.36 3.95 51.59
N ASP A 503 -26.26 3.46 50.75
CA ASP A 503 -26.93 4.30 49.76
C ASP A 503 -28.00 5.16 50.45
N VAL A 504 -28.78 5.88 49.64
CA VAL A 504 -29.80 6.77 50.18
C VAL A 504 -30.98 5.98 50.73
N ASP A 505 -31.20 4.75 50.26
CA ASP A 505 -32.32 3.93 50.71
C ASP A 505 -31.92 2.97 51.83
N LYS A 506 -30.66 2.97 52.24
CA LYS A 506 -30.21 2.28 53.45
C LYS A 506 -30.40 0.76 53.34
N THR A 507 -30.10 0.20 52.16
CA THR A 507 -30.11 -1.24 52.01
C THR A 507 -29.00 -1.78 51.12
N ARG A 508 -28.09 -0.93 50.65
CA ARG A 508 -26.94 -1.35 49.84
C ARG A 508 -25.67 -0.87 50.52
N MET A 509 -24.88 -1.80 51.02
CA MET A 509 -23.69 -1.46 51.80
C MET A 509 -22.56 -1.04 50.87
N GLU A 510 -21.88 0.03 51.25
CA GLU A 510 -20.77 0.57 50.47
C GLU A 510 -19.54 0.93 51.30
N ILE A 511 -19.59 0.86 52.62
CA ILE A 511 -18.43 1.11 53.47
C ILE A 511 -18.55 0.21 54.69
N ILE A 512 -17.41 -0.07 55.32
CA ILE A 512 -17.36 -0.90 56.52
C ILE A 512 -16.12 -0.50 57.32
N GLU A 513 -16.19 -0.68 58.63
CA GLU A 513 -15.12 -0.26 59.53
C GLU A 513 -14.99 -1.29 60.65
N LEU A 514 -13.77 -1.45 61.14
CA LEU A 514 -13.46 -2.35 62.23
C LEU A 514 -13.02 -1.54 63.45
N SER A 515 -13.77 -1.67 64.54
CA SER A 515 -13.46 -0.94 65.76
C SER A 515 -12.32 -1.62 66.51
N GLY A 516 -11.48 -0.80 67.14
CA GLY A 516 -10.31 -1.30 67.81
C GLY A 516 -9.11 -1.37 66.89
N HIS A 517 -9.36 -1.68 65.62
CA HIS A 517 -8.30 -1.72 64.62
C HIS A 517 -7.91 -0.30 64.22
N PRO A 518 -6.61 -0.01 64.06
CA PRO A 518 -6.22 1.35 63.68
C PRO A 518 -6.90 1.85 62.41
N TYR A 519 -6.84 1.06 61.32
CA TYR A 519 -7.41 1.51 60.06
C TYR A 519 -7.71 0.27 59.21
N PHE A 520 -8.99 -0.05 59.05
CA PHE A 520 -9.44 -1.21 58.29
C PHE A 520 -10.60 -0.82 57.37
N VAL A 521 -10.40 0.22 56.59
CA VAL A 521 -11.50 0.80 55.84
C VAL A 521 -11.64 0.14 54.48
N ALA A 522 -12.88 0.00 54.02
CA ALA A 522 -13.17 -0.61 52.74
C ALA A 522 -14.30 0.16 52.07
N THR A 523 -14.19 0.31 50.75
CA THR A 523 -15.18 1.02 49.96
C THR A 523 -15.57 0.17 48.76
N GLN A 524 -16.87 0.00 48.55
CA GLN A 524 -17.33 -0.75 47.38
C GLN A 524 -17.12 0.04 46.11
N TYR A 525 -17.25 1.36 46.19
CA TYR A 525 -16.95 2.24 45.08
C TYR A 525 -15.44 2.31 44.84
N HIS A 526 -15.05 3.13 43.87
CA HIS A 526 -13.64 3.38 43.57
C HIS A 526 -13.31 4.82 43.95
N PRO A 527 -12.65 5.07 45.08
CA PRO A 527 -12.22 6.43 45.40
C PRO A 527 -10.99 6.89 44.62
N GLU A 528 -10.39 5.99 43.84
CA GLU A 528 -9.22 6.28 43.01
C GLU A 528 -9.52 7.18 41.83
N TYR A 529 -10.80 7.34 41.45
CA TYR A 529 -11.12 8.05 40.22
C TYR A 529 -11.19 9.56 40.38
N LEU A 530 -11.36 10.06 41.61
CA LEU A 530 -11.47 11.49 41.85
C LEU A 530 -10.27 12.07 42.58
N SER A 531 -9.21 11.27 42.77
CA SER A 531 -7.98 11.78 43.34
C SER A 531 -7.23 12.62 42.31
N ARG A 532 -6.64 13.71 42.78
CA ARG A 532 -5.92 14.65 41.93
C ARG A 532 -4.60 14.99 42.59
N PRO A 533 -3.65 15.52 41.82
CA PRO A 533 -2.34 15.87 42.40
C PRO A 533 -2.43 16.81 43.59
N LEU A 534 -3.25 17.85 43.52
CA LEU A 534 -3.39 18.82 44.60
C LEU A 534 -4.73 18.67 45.31
N LYS A 535 -5.31 17.48 45.30
CA LYS A 535 -6.56 17.21 45.97
C LYS A 535 -6.68 15.71 46.22
N PRO A 536 -5.88 15.16 47.14
CA PRO A 536 -5.86 13.71 47.32
C PRO A 536 -7.19 13.16 47.77
N SER A 537 -7.30 11.83 47.85
CA SER A 537 -8.54 11.19 48.23
C SER A 537 -8.46 10.76 49.69
N PRO A 538 -9.47 11.04 50.51
CA PRO A 538 -9.32 10.90 51.97
C PRO A 538 -8.96 9.49 52.39
N PRO A 539 -9.57 8.45 51.80
CA PRO A 539 -9.21 7.08 52.24
C PRO A 539 -7.73 6.77 52.08
N PHE A 540 -7.13 7.10 50.94
CA PHE A 540 -5.70 6.86 50.76
C PHE A 540 -4.87 7.72 51.71
N LEU A 541 -5.32 8.95 51.94
CA LEU A 541 -4.68 9.82 52.91
C LEU A 541 -4.60 9.15 54.27
N GLY A 542 -5.74 8.64 54.75
CA GLY A 542 -5.77 7.98 56.04
C GLY A 542 -4.94 6.71 56.05
N LEU A 543 -4.96 5.95 54.96
CA LEU A 543 -4.12 4.76 54.87
C LEU A 543 -2.66 5.12 55.08
N ILE A 544 -2.17 6.12 54.34
CA ILE A 544 -0.77 6.54 54.48
C ILE A 544 -0.50 7.00 55.90
N LEU A 545 -1.36 7.87 56.43
CA LEU A 545 -1.13 8.40 57.77
C LEU A 545 -1.04 7.27 58.79
N ALA A 546 -2.00 6.34 58.77
CA ALA A 546 -1.93 5.19 59.66
C ALA A 546 -0.64 4.41 59.43
N SER A 547 -0.19 4.33 58.19
CA SER A 547 1.04 3.59 57.89
C SER A 547 2.28 4.30 58.41
N VAL A 548 2.19 5.59 58.74
CA VAL A 548 3.28 6.32 59.36
C VAL A 548 2.94 6.76 60.78
N ASP A 549 1.85 6.24 61.35
CA ASP A 549 1.44 6.58 62.71
C ASP A 549 1.31 8.10 62.89
N ARG A 550 0.61 8.72 61.96
CA ARG A 550 0.32 10.16 62.02
C ARG A 550 -1.17 10.44 61.81
N LEU A 551 -2.02 9.44 62.00
CA LEU A 551 -3.44 9.61 61.71
C LEU A 551 -4.15 10.38 62.81
N ASN A 552 -3.93 10.00 64.07
CA ASN A 552 -4.58 10.70 65.18
C ASN A 552 -4.10 12.15 65.28
N GLN A 553 -2.80 12.37 65.03
CA GLN A 553 -2.28 13.73 65.05
C GLN A 553 -2.93 14.59 63.96
N TYR A 554 -3.07 14.03 62.75
CA TYR A 554 -3.69 14.76 61.66
C TYR A 554 -5.18 14.99 61.92
N ILE A 555 -5.83 14.06 62.63
CA ILE A 555 -7.25 14.23 62.95
C ILE A 555 -7.45 15.46 63.82
N GLN A 556 -6.57 15.66 64.78
CA GLN A 556 -6.72 16.76 65.74
C GLN A 556 -6.08 18.03 65.21
N MET B 1 17.83 -28.39 -6.01
CA MET B 1 18.43 -27.36 -5.11
C MET B 1 17.41 -26.85 -4.10
N LYS B 2 17.86 -26.62 -2.88
CA LYS B 2 17.03 -26.12 -1.80
C LYS B 2 17.47 -24.72 -1.40
N TYR B 3 16.52 -23.91 -0.97
CA TYR B 3 16.75 -22.52 -0.65
C TYR B 3 16.07 -22.16 0.67
N ILE B 4 16.80 -21.48 1.54
CA ILE B 4 16.26 -20.92 2.77
C ILE B 4 16.48 -19.43 2.72
N LEU B 5 15.40 -18.66 2.62
CA LEU B 5 15.46 -17.21 2.60
C LEU B 5 15.23 -16.67 4.02
N VAL B 6 16.08 -15.74 4.43
CA VAL B 6 16.04 -15.14 5.75
C VAL B 6 15.77 -13.66 5.56
N THR B 7 14.59 -13.21 5.99
CA THR B 7 14.15 -11.84 5.87
C THR B 7 14.15 -11.17 7.23
N GLY B 8 13.98 -9.84 7.20
CA GLY B 8 14.00 -9.06 8.42
C GLY B 8 12.74 -8.26 8.66
N GLY B 9 12.55 -7.88 9.92
CA GLY B 9 11.32 -7.26 10.36
C GLY B 9 11.42 -5.77 10.64
N VAL B 10 11.64 -5.45 11.91
CA VAL B 10 11.42 -4.11 12.42
C VAL B 10 12.64 -3.22 12.21
N ILE B 11 13.83 -3.74 12.51
CA ILE B 11 15.06 -2.99 12.42
C ILE B 11 16.11 -3.83 11.71
N SER B 12 17.13 -3.16 11.21
CA SER B 12 18.38 -3.83 10.88
C SER B 12 19.21 -3.95 12.15
N GLY B 13 20.10 -4.95 12.17
CA GLY B 13 20.75 -5.31 13.41
C GLY B 13 19.94 -6.23 14.28
N VAL B 14 18.94 -6.89 13.70
CA VAL B 14 18.05 -7.76 14.47
C VAL B 14 18.62 -9.17 14.66
N GLY B 15 19.53 -9.61 13.79
CA GLY B 15 20.19 -10.87 13.98
C GLY B 15 20.04 -11.88 12.85
N LYS B 16 19.76 -11.39 11.64
CA LYS B 16 19.53 -12.30 10.52
C LYS B 16 20.76 -13.12 10.19
N GLY B 17 21.94 -12.50 10.22
CA GLY B 17 23.15 -13.22 9.83
C GLY B 17 23.47 -14.38 10.75
N VAL B 18 23.31 -14.17 12.05
CA VAL B 18 23.55 -15.24 13.02
C VAL B 18 22.58 -16.39 12.80
N ILE B 19 21.32 -16.07 12.52
CA ILE B 19 20.32 -17.11 12.26
C ILE B 19 20.67 -17.89 10.99
N ALA B 20 21.08 -17.18 9.95
CA ALA B 20 21.46 -17.85 8.71
C ALA B 20 22.66 -18.76 8.91
N SER B 21 23.69 -18.27 9.60
CA SER B 21 24.86 -19.09 9.89
C SER B 21 24.50 -20.29 10.74
N SER B 22 23.55 -20.13 11.67
CA SER B 22 23.14 -21.25 12.51
C SER B 22 22.41 -22.31 11.69
N PHE B 23 21.49 -21.90 10.82
CA PHE B 23 20.88 -22.85 9.89
C PHE B 23 21.96 -23.58 9.11
N GLY B 24 22.93 -22.84 8.59
CA GLY B 24 23.98 -23.44 7.79
C GLY B 24 24.74 -24.49 8.55
N THR B 25 25.16 -24.18 9.77
CA THR B 25 25.96 -25.13 10.54
C THR B 25 25.14 -26.31 11.00
N LEU B 26 23.85 -26.11 11.31
CA LEU B 26 22.98 -27.25 11.61
C LEU B 26 22.91 -28.21 10.43
N LEU B 27 22.59 -27.68 9.24
CA LEU B 27 22.48 -28.54 8.07
C LEU B 27 23.81 -29.20 7.74
N LYS B 28 24.92 -28.48 7.92
CA LYS B 28 26.22 -29.02 7.61
C LYS B 28 26.65 -30.09 8.59
N SER B 29 26.17 -30.04 9.83
CA SER B 29 26.50 -31.06 10.80
C SER B 29 25.79 -32.37 10.50
N CYS B 30 24.66 -32.32 9.80
CA CYS B 30 23.89 -33.51 9.46
C CYS B 30 24.23 -34.05 8.08
N GLY B 31 25.33 -33.60 7.48
CA GLY B 31 25.80 -34.17 6.23
C GLY B 31 25.23 -33.53 4.99
N LEU B 32 25.27 -32.21 4.93
CA LEU B 32 24.80 -31.47 3.76
C LEU B 32 25.78 -30.36 3.42
N ASP B 33 25.96 -30.13 2.13
CA ASP B 33 26.81 -29.05 1.64
C ASP B 33 25.97 -27.80 1.49
N VAL B 34 26.47 -26.69 2.03
CA VAL B 34 25.70 -25.45 2.14
C VAL B 34 26.51 -24.32 1.53
N THR B 35 25.82 -23.44 0.80
CA THR B 35 26.39 -22.18 0.36
C THR B 35 25.50 -21.03 0.84
N SER B 36 26.03 -19.81 0.75
CA SER B 36 25.36 -18.65 1.31
C SER B 36 25.44 -17.48 0.35
N ILE B 37 24.38 -16.67 0.34
CA ILE B 37 24.31 -15.46 -0.46
C ILE B 37 23.74 -14.35 0.41
N LYS B 38 24.27 -13.14 0.23
CA LYS B 38 23.81 -11.95 0.94
C LYS B 38 23.34 -10.92 -0.08
N ILE B 39 22.10 -10.46 0.08
CA ILE B 39 21.53 -9.42 -0.76
C ILE B 39 21.45 -8.14 0.06
N ASP B 40 22.03 -7.07 -0.47
CA ASP B 40 22.07 -5.77 0.20
C ASP B 40 21.42 -4.73 -0.70
N PRO B 41 20.17 -4.32 -0.41
CA PRO B 41 19.45 -3.44 -1.33
C PRO B 41 20.02 -2.04 -1.49
N TYR B 42 21.15 -1.70 -0.86
CA TYR B 42 21.66 -0.35 -1.02
C TYR B 42 22.30 -0.18 -2.39
N ILE B 43 22.36 1.08 -2.83
CA ILE B 43 22.88 1.40 -4.18
C ILE B 43 24.37 1.62 -4.00
N ASN B 44 25.11 0.52 -3.96
CA ASN B 44 26.55 0.53 -3.79
C ASN B 44 27.07 -0.79 -4.35
N ILE B 45 28.09 -0.72 -5.20
CA ILE B 45 28.65 -1.95 -5.75
C ILE B 45 29.44 -2.69 -4.68
N ASP B 46 29.86 -2.01 -3.63
CA ASP B 46 30.48 -2.65 -2.47
C ASP B 46 30.50 -1.66 -1.32
N ALA B 47 30.77 -2.17 -0.13
CA ALA B 47 30.76 -1.38 1.09
C ALA B 47 32.08 -0.69 1.38
N GLY B 48 32.91 -0.46 0.36
CA GLY B 48 34.19 0.17 0.56
C GLY B 48 34.15 1.66 0.79
N THR B 49 33.00 2.29 0.58
CA THR B 49 32.83 3.71 0.80
C THR B 49 32.05 4.03 2.07
N PHE B 50 31.78 3.03 2.90
CA PHE B 50 30.99 3.23 4.10
C PHE B 50 31.87 3.55 5.29
N SER B 51 31.29 4.29 6.23
CA SER B 51 31.86 4.42 7.56
C SER B 51 31.50 3.19 8.38
N PRO B 52 32.31 2.86 9.38
CA PRO B 52 31.94 1.77 10.30
C PRO B 52 30.65 2.07 11.06
N TYR B 53 30.29 3.34 11.22
CA TYR B 53 29.04 3.69 11.86
C TYR B 53 27.83 3.20 11.07
N GLU B 54 27.95 3.10 9.75
CA GLU B 54 26.83 2.81 8.89
C GLU B 54 26.34 1.38 9.06
N HIS B 55 27.20 0.40 8.79
CA HIS B 55 26.80 -1.00 8.87
C HIS B 55 27.87 -1.89 9.50
N GLY B 56 28.71 -1.34 10.38
CA GLY B 56 29.54 -2.20 11.19
C GLY B 56 30.75 -2.89 10.55
N GLU B 57 31.85 -2.19 10.34
CA GLU B 57 33.12 -2.88 10.11
C GLU B 57 33.14 -3.69 8.82
N VAL B 58 33.37 -2.99 7.71
CA VAL B 58 33.60 -3.63 6.43
C VAL B 58 34.46 -4.89 6.59
N TYR B 59 34.05 -5.96 5.90
CA TYR B 59 34.79 -7.21 5.85
C TYR B 59 35.35 -7.40 4.45
N VAL B 60 36.47 -8.12 4.36
CA VAL B 60 37.19 -8.29 3.10
C VAL B 60 37.34 -9.78 2.84
N LEU B 61 37.08 -10.19 1.60
CA LEU B 61 37.26 -11.56 1.18
C LEU B 61 38.66 -11.75 0.61
N ASP B 62 38.94 -12.97 0.14
CA ASP B 62 40.24 -13.23 -0.46
C ASP B 62 40.40 -12.51 -1.78
N ASP B 63 39.37 -12.56 -2.63
CA ASP B 63 39.44 -11.88 -3.92
C ASP B 63 39.59 -10.38 -3.79
N GLY B 64 39.22 -9.82 -2.64
CA GLY B 64 39.36 -8.41 -2.38
C GLY B 64 38.09 -7.60 -2.39
N ALA B 65 36.94 -8.22 -2.18
CA ALA B 65 35.67 -7.52 -2.20
C ALA B 65 35.30 -7.08 -0.79
N GLU B 66 34.94 -5.80 -0.66
CA GLU B 66 34.43 -5.26 0.59
C GLU B 66 32.95 -5.57 0.72
N VAL B 67 32.55 -6.16 1.83
CA VAL B 67 31.22 -6.70 2.03
C VAL B 67 30.78 -6.49 3.47
N ASP B 68 29.58 -6.95 3.78
CA ASP B 68 29.03 -6.88 5.12
C ASP B 68 29.63 -7.98 6.00
N LEU B 69 29.57 -7.75 7.32
CA LEU B 69 30.13 -8.70 8.27
C LEU B 69 29.38 -10.03 8.31
N ASP B 70 28.16 -10.08 7.79
CA ASP B 70 27.43 -11.34 7.75
C ASP B 70 28.21 -12.41 6.99
N LEU B 71 28.96 -12.00 5.98
CA LEU B 71 29.79 -12.97 5.26
C LEU B 71 30.96 -13.43 6.11
N GLY B 72 31.52 -12.54 6.93
CA GLY B 72 32.47 -12.98 7.94
C GLY B 72 31.90 -14.02 8.87
N ASN B 73 30.65 -13.82 9.30
CA ASN B 73 30.01 -14.80 10.17
C ASN B 73 29.81 -16.13 9.45
N TYR B 74 29.38 -16.08 8.19
CA TYR B 74 29.27 -17.30 7.40
C TYR B 74 30.60 -18.04 7.36
N GLU B 75 31.67 -17.32 7.03
CA GLU B 75 32.98 -17.94 6.92
C GLU B 75 33.41 -18.56 8.24
N ARG B 76 33.22 -17.85 9.34
CA ARG B 76 33.65 -18.34 10.64
C ARG B 76 32.84 -19.57 11.07
N PHE B 77 31.54 -19.59 10.74
CA PHE B 77 30.69 -20.68 11.23
C PHE B 77 30.81 -21.93 10.36
N LEU B 78 30.80 -21.76 9.04
CA LEU B 78 30.74 -22.88 8.12
C LEU B 78 32.09 -23.28 7.53
N ASP B 79 33.14 -22.47 7.75
CA ASP B 79 34.47 -22.76 7.24
C ASP B 79 34.46 -22.82 5.71
N VAL B 80 34.07 -21.70 5.12
CA VAL B 80 33.99 -21.56 3.67
C VAL B 80 34.80 -20.34 3.24
N THR B 81 34.96 -20.21 1.92
CA THR B 81 35.63 -19.07 1.30
C THR B 81 34.71 -18.53 0.22
N LEU B 82 34.21 -17.33 0.42
CA LEU B 82 33.19 -16.74 -0.45
C LEU B 82 33.83 -15.73 -1.39
N HIS B 83 33.06 -15.37 -2.42
CA HIS B 83 33.54 -14.55 -3.52
C HIS B 83 32.67 -13.30 -3.67
N ARG B 84 33.05 -12.47 -4.64
CA ARG B 84 32.38 -11.21 -4.88
C ARG B 84 30.95 -11.38 -5.36
N ASP B 85 30.62 -12.53 -5.94
CA ASP B 85 29.28 -12.79 -6.45
C ASP B 85 28.32 -13.33 -5.40
N ASN B 86 28.83 -13.65 -4.21
CA ASN B 86 27.98 -14.00 -3.09
C ASN B 86 27.37 -12.78 -2.42
N ASN B 87 27.60 -11.59 -2.96
CA ASN B 87 27.08 -10.33 -2.42
C ASN B 87 26.38 -9.60 -3.56
N ILE B 88 25.07 -9.69 -3.61
CA ILE B 88 24.26 -9.02 -4.62
C ILE B 88 23.82 -7.67 -4.08
N THR B 89 23.83 -6.65 -4.95
CA THR B 89 23.30 -5.34 -4.59
C THR B 89 22.48 -4.78 -5.74
N THR B 90 21.68 -3.76 -5.40
CA THR B 90 20.87 -3.07 -6.40
C THR B 90 21.74 -2.37 -7.43
N GLY B 91 22.86 -1.79 -7.00
CA GLY B 91 23.76 -1.14 -7.93
C GLY B 91 24.27 -2.09 -9.00
N LYS B 92 24.77 -3.25 -8.57
CA LYS B 92 25.27 -4.24 -9.51
C LYS B 92 24.17 -4.66 -10.50
N ILE B 93 22.99 -4.94 -9.98
CA ILE B 93 21.89 -5.42 -10.82
C ILE B 93 21.55 -4.36 -11.86
N TYR B 94 21.38 -3.11 -11.44
CA TYR B 94 20.99 -2.07 -12.37
C TYR B 94 22.09 -1.80 -13.39
N LYS B 95 23.36 -1.83 -12.96
CA LYS B 95 24.45 -1.64 -13.90
C LYS B 95 24.46 -2.74 -14.96
N LEU B 96 24.34 -4.00 -14.53
CA LEU B 96 24.33 -5.12 -15.45
C LEU B 96 23.17 -5.02 -16.44
N VAL B 97 21.97 -4.72 -15.94
CA VAL B 97 20.80 -4.64 -16.81
C VAL B 97 20.95 -3.48 -17.80
N ILE B 98 21.43 -2.32 -17.33
CA ILE B 98 21.59 -1.17 -18.21
C ILE B 98 22.62 -1.48 -19.29
N GLU B 99 23.69 -2.21 -18.93
CA GLU B 99 24.67 -2.60 -19.93
C GLU B 99 24.06 -3.51 -20.97
N LYS B 100 23.34 -4.54 -20.53
CA LYS B 100 22.70 -5.46 -21.47
C LYS B 100 21.74 -4.72 -22.40
N GLU B 101 21.03 -3.72 -21.87
CA GLU B 101 20.09 -2.97 -22.69
C GLU B 101 20.81 -2.09 -23.71
N ARG B 102 21.88 -1.44 -23.28
CA ARG B 102 22.69 -0.66 -24.22
C ARG B 102 23.44 -1.52 -25.21
N THR B 103 23.50 -2.84 -24.98
CA THR B 103 24.06 -3.74 -25.99
C THR B 103 23.00 -4.12 -27.02
N GLY B 104 21.79 -4.43 -26.56
CA GLY B 104 20.73 -4.81 -27.45
C GLY B 104 20.24 -6.23 -27.22
N GLU B 105 20.29 -6.69 -25.97
CA GLU B 105 19.86 -8.04 -25.63
C GLU B 105 18.36 -8.16 -25.39
N TYR B 106 17.64 -7.04 -25.37
CA TYR B 106 16.18 -7.04 -25.33
C TYR B 106 15.61 -6.16 -26.42
N LEU B 107 16.28 -6.10 -27.57
CA LEU B 107 15.89 -5.19 -28.63
C LEU B 107 14.42 -5.33 -28.98
N GLY B 108 13.73 -4.20 -29.03
CA GLY B 108 12.31 -4.15 -29.31
C GLY B 108 11.44 -4.04 -28.08
N LYS B 109 11.96 -4.36 -26.90
CA LYS B 109 11.18 -4.45 -25.68
C LYS B 109 11.54 -3.32 -24.71
N THR B 110 10.54 -2.92 -23.94
CA THR B 110 10.75 -1.97 -22.86
C THR B 110 11.31 -2.67 -21.64
N VAL B 111 12.42 -2.15 -21.12
CA VAL B 111 13.08 -2.74 -19.97
C VAL B 111 12.51 -2.14 -18.71
N GLN B 112 11.92 -2.98 -17.87
CA GLN B 112 11.26 -2.57 -16.64
C GLN B 112 11.80 -3.39 -15.48
N VAL B 113 11.39 -3.01 -14.28
CA VAL B 113 11.76 -3.77 -13.09
C VAL B 113 11.24 -5.20 -13.22
N VAL B 114 9.94 -5.34 -13.48
CA VAL B 114 9.34 -6.62 -13.84
C VAL B 114 9.16 -6.63 -15.36
N PRO B 115 9.68 -7.62 -16.07
CA PRO B 115 10.33 -8.85 -15.60
C PRO B 115 11.85 -8.81 -15.45
N HIS B 116 12.52 -7.76 -15.91
CA HIS B 116 13.94 -7.86 -16.23
C HIS B 116 14.83 -7.85 -14.99
N ILE B 117 14.61 -6.91 -14.07
CA ILE B 117 15.42 -6.83 -12.86
C ILE B 117 15.22 -8.10 -12.03
N THR B 118 13.97 -8.53 -11.87
CA THR B 118 13.68 -9.73 -11.10
C THR B 118 14.28 -10.97 -11.75
N ASP B 119 14.19 -11.08 -13.08
CA ASP B 119 14.82 -12.17 -13.80
C ASP B 119 16.32 -12.19 -13.54
N ALA B 120 16.98 -11.04 -13.71
CA ALA B 120 18.41 -10.96 -13.43
C ALA B 120 18.72 -11.49 -12.02
N ILE B 121 17.92 -11.07 -11.03
CA ILE B 121 18.15 -11.50 -9.66
C ILE B 121 18.06 -13.02 -9.56
N GLN B 122 17.01 -13.60 -10.15
CA GLN B 122 16.83 -15.05 -10.07
C GLN B 122 17.95 -15.80 -10.78
N GLU B 123 18.36 -15.30 -11.95
CA GLU B 123 19.46 -15.94 -12.67
C GLU B 123 20.74 -15.90 -11.86
N TRP B 124 21.04 -14.75 -11.25
CA TRP B 124 22.22 -14.63 -10.39
C TRP B 124 22.16 -15.64 -9.25
N VAL B 125 21.02 -15.73 -8.57
CA VAL B 125 20.90 -16.64 -7.43
C VAL B 125 21.07 -18.08 -7.87
N GLU B 126 20.32 -18.49 -8.91
CA GLU B 126 20.49 -19.81 -9.50
C GLU B 126 21.96 -20.10 -9.79
N ARG B 127 22.63 -19.18 -10.48
CA ARG B 127 24.01 -19.38 -10.88
C ARG B 127 24.91 -19.60 -9.67
N VAL B 128 24.85 -18.70 -8.69
CA VAL B 128 25.81 -18.74 -7.60
C VAL B 128 25.52 -19.89 -6.63
N ALA B 129 24.24 -20.29 -6.51
CA ALA B 129 23.93 -21.37 -5.58
C ALA B 129 24.55 -22.70 -6.01
N GLN B 130 24.68 -22.93 -7.31
CA GLN B 130 25.27 -24.17 -7.81
C GLN B 130 26.78 -24.16 -7.77
N THR B 131 27.41 -23.02 -7.50
CA THR B 131 28.85 -22.91 -7.58
C THR B 131 29.50 -23.52 -6.34
N PRO B 132 30.44 -24.44 -6.49
CA PRO B 132 31.16 -24.96 -5.33
C PRO B 132 31.88 -23.86 -4.57
N VAL B 133 31.93 -24.00 -3.25
CA VAL B 133 32.48 -22.96 -2.38
C VAL B 133 33.52 -23.49 -1.40
N GLN B 134 33.55 -24.78 -1.10
CA GLN B 134 34.56 -25.33 -0.21
C GLN B 134 35.36 -26.39 -0.95
N GLY B 135 35.76 -26.07 -2.18
CA GLY B 135 36.40 -27.02 -3.07
C GLY B 135 35.64 -27.11 -4.37
N SER B 136 35.34 -28.33 -4.81
CA SER B 136 34.38 -28.57 -5.88
C SER B 136 33.14 -29.29 -5.38
N SER B 137 32.89 -29.24 -4.06
CA SER B 137 31.66 -29.77 -3.50
C SER B 137 30.46 -29.25 -4.27
N LYS B 138 29.42 -30.08 -4.36
CA LYS B 138 28.19 -29.67 -5.01
C LYS B 138 27.21 -29.18 -3.96
N PRO B 139 26.94 -27.87 -3.88
CA PRO B 139 26.02 -27.40 -2.83
C PRO B 139 24.62 -27.96 -3.00
N GLN B 140 24.02 -28.35 -1.88
CA GLN B 140 22.66 -28.88 -1.85
C GLN B 140 21.66 -27.93 -1.24
N VAL B 141 22.11 -26.92 -0.50
CA VAL B 141 21.24 -25.93 0.11
C VAL B 141 21.93 -24.57 0.04
N CYS B 142 21.15 -23.53 -0.25
CA CYS B 142 21.64 -22.17 -0.24
C CYS B 142 20.85 -21.35 0.76
N ILE B 143 21.55 -20.64 1.62
CA ILE B 143 20.95 -19.71 2.57
C ILE B 143 21.11 -18.32 2.00
N VAL B 144 20.00 -17.67 1.65
CA VAL B 144 19.99 -16.32 1.13
C VAL B 144 19.47 -15.39 2.21
N GLU B 145 20.23 -14.34 2.50
CA GLU B 145 19.87 -13.36 3.53
C GLU B 145 19.53 -12.04 2.86
N LEU B 146 18.29 -11.60 2.98
CA LEU B 146 17.84 -10.35 2.39
C LEU B 146 18.04 -9.22 3.40
N GLY B 147 18.93 -8.29 3.08
CA GLY B 147 19.26 -7.24 4.01
C GLY B 147 18.21 -6.16 4.10
N GLY B 148 18.26 -5.43 5.21
CA GLY B 148 17.30 -4.39 5.48
C GLY B 148 16.02 -4.93 6.10
N THR B 149 15.02 -4.06 6.12
CA THR B 149 13.70 -4.41 6.64
C THR B 149 12.70 -4.51 5.50
N ILE B 150 11.81 -5.51 5.59
CA ILE B 150 10.70 -5.58 4.66
C ILE B 150 9.89 -4.29 4.75
N GLY B 151 9.65 -3.67 3.60
CA GLY B 151 9.02 -2.38 3.52
C GLY B 151 9.92 -1.28 3.01
N ASP B 152 11.24 -1.44 3.13
CA ASP B 152 12.17 -0.49 2.56
C ASP B 152 11.90 -0.34 1.06
N ILE B 153 12.08 0.89 0.57
CA ILE B 153 11.80 1.16 -0.85
C ILE B 153 12.80 0.42 -1.73
N GLU B 154 14.02 0.21 -1.24
CA GLU B 154 15.08 -0.35 -2.06
C GLU B 154 14.93 -1.84 -2.30
N GLY B 155 14.21 -2.55 -1.44
CA GLY B 155 14.14 -4.00 -1.52
C GLY B 155 12.84 -4.56 -2.08
N MET B 156 12.05 -3.72 -2.76
CA MET B 156 10.79 -4.19 -3.32
C MET B 156 11.04 -5.08 -4.54
N PRO B 157 12.00 -4.77 -5.41
CA PRO B 157 12.32 -5.69 -6.51
C PRO B 157 12.61 -7.09 -6.01
N PHE B 158 13.60 -7.20 -5.12
CA PHE B 158 14.05 -8.49 -4.64
C PHE B 158 12.88 -9.33 -4.13
N VAL B 159 12.08 -8.76 -3.21
CA VAL B 159 10.90 -9.47 -2.74
C VAL B 159 10.11 -10.03 -3.91
N GLU B 160 9.74 -9.16 -4.85
CA GLU B 160 8.99 -9.60 -6.01
C GLU B 160 9.68 -10.77 -6.69
N ALA B 161 10.98 -10.62 -6.95
CA ALA B 161 11.75 -11.70 -7.54
C ALA B 161 11.46 -13.02 -6.84
N PHE B 162 11.62 -13.05 -5.52
CA PHE B 162 11.48 -14.30 -4.80
C PHE B 162 10.04 -14.80 -4.81
N ARG B 163 9.07 -13.89 -4.83
CA ARG B 163 7.69 -14.32 -4.99
C ARG B 163 7.52 -15.18 -6.23
N GLN B 164 8.23 -14.84 -7.31
CA GLN B 164 8.25 -15.69 -8.49
C GLN B 164 9.11 -16.93 -8.28
N PHE B 165 10.28 -16.75 -7.67
CA PHE B 165 11.22 -17.86 -7.48
C PHE B 165 10.56 -19.04 -6.80
N GLN B 166 9.70 -18.80 -5.82
CA GLN B 166 9.12 -19.91 -5.06
C GLN B 166 8.25 -20.79 -5.95
N PHE B 167 7.68 -20.24 -7.02
CA PHE B 167 6.96 -21.06 -7.99
C PHE B 167 7.87 -21.59 -9.08
N ARG B 168 9.03 -20.96 -9.28
CA ARG B 168 9.99 -21.45 -10.27
C ARG B 168 10.72 -22.67 -9.74
N VAL B 169 10.93 -22.74 -8.42
CA VAL B 169 11.64 -23.86 -7.81
C VAL B 169 10.75 -24.70 -6.90
N LYS B 170 9.44 -24.73 -7.15
CA LYS B 170 8.63 -25.80 -6.57
C LYS B 170 8.62 -25.81 -5.05
N ARG B 171 7.66 -25.08 -4.47
CA ARG B 171 7.56 -24.81 -3.04
C ARG B 171 8.34 -25.81 -2.18
N GLU B 172 8.27 -27.10 -2.50
CA GLU B 172 8.96 -28.10 -1.70
C GLU B 172 10.48 -28.00 -1.78
N ASN B 173 11.02 -26.97 -2.44
CA ASN B 173 12.45 -26.67 -2.40
C ASN B 173 12.74 -25.27 -1.89
N PHE B 174 11.76 -24.61 -1.27
CA PHE B 174 11.89 -23.22 -0.88
C PHE B 174 11.22 -23.00 0.47
N CYS B 175 11.94 -22.34 1.38
CA CYS B 175 11.44 -22.07 2.73
C CYS B 175 11.88 -20.68 3.15
N LEU B 176 11.03 -20.00 3.91
CA LEU B 176 11.26 -18.62 4.32
C LEU B 176 11.21 -18.49 5.84
N ALA B 177 12.16 -17.75 6.39
CA ALA B 177 12.24 -17.47 7.82
C ALA B 177 12.30 -15.96 8.03
N HIS B 178 11.39 -15.45 8.86
CA HIS B 178 11.28 -14.02 9.12
C HIS B 178 11.76 -13.73 10.54
N VAL B 179 12.82 -12.93 10.65
CA VAL B 179 13.41 -12.57 11.94
C VAL B 179 12.87 -11.20 12.33
N SER B 180 12.17 -11.13 13.46
CA SER B 180 11.49 -9.91 13.87
C SER B 180 11.77 -9.61 15.34
N LEU B 181 11.87 -8.32 15.63
CA LEU B 181 12.13 -7.84 16.98
C LEU B 181 10.86 -7.79 17.81
N VAL B 182 10.96 -8.23 19.05
CA VAL B 182 9.88 -8.15 20.02
C VAL B 182 10.35 -7.27 21.18
N PRO B 183 10.04 -5.98 21.16
CA PRO B 183 10.57 -5.07 22.18
C PRO B 183 9.78 -5.12 23.48
N LEU B 184 10.47 -4.76 24.55
CA LEU B 184 9.89 -4.66 25.90
C LEU B 184 10.28 -3.31 26.47
N PRO B 185 9.52 -2.26 26.16
CA PRO B 185 9.84 -0.94 26.70
C PRO B 185 9.62 -0.88 28.20
N LYS B 186 10.53 -0.20 28.89
CA LYS B 186 10.50 -0.14 30.34
C LYS B 186 9.20 0.49 30.85
N ALA B 187 8.81 1.62 30.26
CA ALA B 187 7.61 2.31 30.71
C ALA B 187 6.34 1.65 30.23
N THR B 188 6.37 0.95 29.10
CA THR B 188 5.20 0.22 28.63
C THR B 188 4.89 -0.97 29.55
N GLY B 189 5.92 -1.73 29.91
CA GLY B 189 5.77 -2.79 30.88
C GLY B 189 5.33 -4.13 30.33
N GLU B 190 5.57 -4.41 29.05
CA GLU B 190 5.22 -5.70 28.48
C GLU B 190 5.86 -5.87 27.12
N PRO B 191 6.18 -7.11 26.71
CA PRO B 191 6.71 -7.33 25.36
C PRO B 191 5.64 -7.05 24.31
N LYS B 192 6.02 -6.30 23.30
CA LYS B 192 5.10 -5.83 22.29
C LYS B 192 5.24 -6.63 21.00
N THR B 193 4.09 -6.96 20.41
CA THR B 193 4.00 -7.86 19.28
C THR B 193 3.56 -7.18 18.00
N LYS B 194 3.12 -5.93 18.06
CA LYS B 194 2.54 -5.22 16.93
C LYS B 194 3.54 -4.99 15.80
N PRO B 195 4.80 -4.66 16.10
CA PRO B 195 5.78 -4.51 15.01
C PRO B 195 5.98 -5.78 14.20
N THR B 196 6.05 -6.93 14.86
CA THR B 196 6.16 -8.20 14.14
C THR B 196 4.91 -8.45 13.29
N GLN B 197 3.73 -8.16 13.84
CA GLN B 197 2.49 -8.32 13.08
C GLN B 197 2.52 -7.46 11.82
N SER B 198 2.93 -6.20 11.96
CA SER B 198 2.95 -5.30 10.82
C SER B 198 4.00 -5.72 9.79
N SER B 199 5.14 -6.22 10.26
CA SER B 199 6.16 -6.69 9.32
C SER B 199 5.68 -7.90 8.54
N VAL B 200 5.00 -8.84 9.21
CA VAL B 200 4.47 -10.00 8.52
C VAL B 200 3.36 -9.59 7.55
N ARG B 201 2.57 -8.58 7.92
CA ARG B 201 1.56 -8.06 6.99
C ARG B 201 2.21 -7.47 5.75
N GLU B 202 3.25 -6.65 5.93
CA GLU B 202 3.96 -6.08 4.80
C GLU B 202 4.57 -7.17 3.93
N LEU B 203 5.08 -8.24 4.56
CA LEU B 203 5.64 -9.35 3.80
C LEU B 203 4.58 -10.05 2.97
N ARG B 204 3.44 -10.38 3.58
CA ARG B 204 2.36 -11.03 2.87
C ARG B 204 1.75 -10.13 1.80
N GLY B 205 1.87 -8.82 1.94
CA GLY B 205 1.47 -7.89 0.91
C GLY B 205 2.37 -7.87 -0.29
N CYS B 206 3.34 -8.78 -0.35
CA CYS B 206 4.24 -8.91 -1.49
C CYS B 206 4.26 -10.33 -2.04
N GLY B 207 3.32 -11.18 -1.63
CA GLY B 207 3.18 -12.51 -2.17
C GLY B 207 3.94 -13.60 -1.46
N LEU B 208 4.66 -13.27 -0.39
CA LEU B 208 5.45 -14.24 0.35
C LEU B 208 4.80 -14.57 1.68
N SER B 209 5.01 -15.80 2.14
CA SER B 209 4.43 -16.30 3.37
C SER B 209 5.53 -16.93 4.22
N PRO B 210 5.65 -16.59 5.49
CA PRO B 210 6.70 -17.20 6.32
C PRO B 210 6.42 -18.66 6.61
N ASP B 211 7.49 -19.45 6.58
CA ASP B 211 7.46 -20.81 7.08
C ASP B 211 8.01 -20.91 8.49
N LEU B 212 8.85 -19.96 8.90
CA LEU B 212 9.30 -19.84 10.28
C LEU B 212 9.32 -18.37 10.67
N ILE B 213 8.99 -18.10 11.93
CA ILE B 213 9.10 -16.77 12.51
C ILE B 213 10.04 -16.87 13.71
N VAL B 214 11.16 -16.16 13.63
CA VAL B 214 12.15 -16.12 14.69
C VAL B 214 12.00 -14.79 15.41
N CYS B 215 11.57 -14.86 16.67
CA CYS B 215 11.33 -13.68 17.48
C CYS B 215 12.58 -13.38 18.31
N ARG B 216 13.09 -12.18 18.19
CA ARG B 216 14.31 -11.74 18.86
C ARG B 216 13.93 -10.81 20.00
N SER B 217 14.40 -11.14 21.20
CA SER B 217 14.14 -10.33 22.38
C SER B 217 15.37 -10.34 23.27
N GLU B 218 15.45 -9.36 24.17
CA GLU B 218 16.54 -9.33 25.12
C GLU B 218 16.43 -10.47 26.12
N LYS B 219 15.23 -10.72 26.62
CA LYS B 219 14.92 -11.79 27.55
C LYS B 219 13.95 -12.77 26.92
N PRO B 220 13.81 -13.97 27.48
CA PRO B 220 12.83 -14.91 26.95
C PRO B 220 11.40 -14.43 27.17
N ILE B 221 10.53 -14.82 26.25
CA ILE B 221 9.12 -14.44 26.29
C ILE B 221 8.30 -15.66 26.67
N GLY B 222 7.16 -15.41 27.32
CA GLY B 222 6.28 -16.47 27.75
C GLY B 222 5.49 -17.08 26.61
N LEU B 223 4.71 -18.11 26.97
CA LEU B 223 3.88 -18.78 25.99
C LEU B 223 2.71 -17.92 25.55
N GLU B 224 2.32 -16.92 26.34
CA GLU B 224 1.25 -16.02 25.96
C GLU B 224 1.64 -15.18 24.75
N VAL B 225 2.86 -14.63 24.76
CA VAL B 225 3.34 -13.84 23.64
C VAL B 225 3.49 -14.73 22.40
N LYS B 226 3.99 -15.95 22.60
CA LYS B 226 4.11 -16.89 21.49
C LYS B 226 2.74 -17.17 20.88
N GLU B 227 1.73 -17.40 21.72
CA GLU B 227 0.39 -17.67 21.22
C GLU B 227 -0.16 -16.47 20.46
N LYS B 228 0.05 -15.27 21.00
CA LYS B 228 -0.40 -14.07 20.31
C LYS B 228 0.24 -13.96 18.93
N ILE B 229 1.54 -14.21 18.84
CA ILE B 229 2.23 -14.14 17.56
C ILE B 229 1.68 -15.19 16.60
N SER B 230 1.53 -16.42 17.08
CA SER B 230 1.04 -17.49 16.23
C SER B 230 -0.35 -17.20 15.70
N ASN B 231 -1.20 -16.58 16.52
CA ASN B 231 -2.57 -16.32 16.10
C ASN B 231 -2.67 -15.12 15.18
N PHE B 232 -2.00 -14.02 15.51
CA PHE B 232 -2.10 -12.79 14.73
C PHE B 232 -1.15 -12.76 13.55
N CYS B 233 -0.30 -13.77 13.37
CA CYS B 233 0.56 -13.87 12.21
C CYS B 233 0.35 -15.15 11.42
N HIS B 234 -0.51 -16.06 11.93
CA HIS B 234 -1.07 -17.14 11.13
C HIS B 234 -0.03 -18.20 10.78
N VAL B 235 0.79 -18.59 11.75
CA VAL B 235 1.65 -19.76 11.65
C VAL B 235 1.39 -20.64 12.86
N GLY B 236 1.88 -21.87 12.78
CA GLY B 236 1.72 -22.81 13.86
C GLY B 236 2.64 -22.51 15.03
N PRO B 237 2.21 -22.86 16.24
CA PRO B 237 3.05 -22.59 17.42
C PRO B 237 4.39 -23.29 17.38
N ASP B 238 4.50 -24.40 16.65
CA ASP B 238 5.79 -25.07 16.46
C ASP B 238 6.69 -24.31 15.49
N GLN B 239 6.16 -23.31 14.78
CA GLN B 239 6.89 -22.55 13.80
C GLN B 239 7.34 -21.19 14.33
N VAL B 240 7.28 -20.99 15.64
CA VAL B 240 7.68 -19.75 16.28
C VAL B 240 8.90 -20.06 17.13
N ILE B 241 10.07 -19.70 16.65
CA ILE B 241 11.33 -19.90 17.36
C ILE B 241 11.68 -18.60 18.07
N CYS B 242 11.89 -18.67 19.36
CA CYS B 242 12.21 -17.49 20.17
C CYS B 242 13.68 -17.57 20.56
N ILE B 243 14.48 -16.69 19.97
CA ILE B 243 15.91 -16.59 20.21
C ILE B 243 16.15 -15.30 20.96
N HIS B 244 16.53 -15.40 22.23
CA HIS B 244 16.80 -14.23 23.05
C HIS B 244 18.29 -13.92 23.04
N ASP B 245 18.66 -12.85 23.72
CA ASP B 245 20.06 -12.42 23.77
C ASP B 245 20.86 -13.36 24.65
N LEU B 246 21.98 -13.85 24.11
CA LEU B 246 22.81 -14.84 24.75
C LEU B 246 24.22 -14.29 24.96
N ASN B 247 24.99 -15.00 25.78
CA ASN B 247 26.35 -14.55 26.10
C ASN B 247 27.26 -14.68 24.89
N SER B 248 27.25 -15.83 24.24
CA SER B 248 27.94 -16.04 22.98
C SER B 248 26.94 -16.53 21.94
N ILE B 249 27.31 -16.32 20.67
CA ILE B 249 26.45 -16.79 19.58
C ILE B 249 26.62 -18.26 19.32
N TYR B 250 27.65 -18.89 19.88
CA TYR B 250 27.77 -20.35 19.79
C TYR B 250 26.53 -21.04 20.35
N HIS B 251 25.81 -20.37 21.26
CA HIS B 251 24.60 -20.96 21.84
C HIS B 251 23.43 -20.95 20.87
N VAL B 252 23.47 -20.12 19.82
CA VAL B 252 22.31 -19.99 18.95
C VAL B 252 21.99 -21.29 18.23
N PRO B 253 22.90 -21.94 17.53
CA PRO B 253 22.54 -23.22 16.88
C PRO B 253 22.01 -24.25 17.85
N LEU B 254 22.63 -24.40 19.02
CA LEU B 254 22.12 -25.32 20.01
C LEU B 254 20.67 -25.01 20.36
N LEU B 255 20.39 -23.77 20.72
CA LEU B 255 19.03 -23.36 21.03
C LEU B 255 18.08 -23.66 19.88
N MET B 256 18.59 -23.71 18.65
CA MET B 256 17.76 -24.09 17.51
C MET B 256 17.50 -25.59 17.51
N GLU B 257 18.55 -26.38 17.69
CA GLU B 257 18.37 -27.82 17.81
C GLU B 257 17.42 -28.16 18.95
N GLN B 258 17.46 -27.38 20.02
CA GLN B 258 16.59 -27.60 21.16
C GLN B 258 15.14 -27.31 20.85
N ASN B 259 14.85 -26.61 19.76
CA ASN B 259 13.49 -26.23 19.38
C ASN B 259 12.99 -26.99 18.16
N GLY B 260 13.76 -27.96 17.66
CA GLY B 260 13.28 -28.81 16.59
C GLY B 260 13.37 -28.22 15.21
N VAL B 261 14.39 -27.40 14.93
CA VAL B 261 14.52 -26.83 13.60
C VAL B 261 15.01 -27.87 12.60
N ILE B 262 15.85 -28.81 13.05
CA ILE B 262 16.36 -29.83 12.13
C ILE B 262 15.23 -30.71 11.64
N GLU B 263 14.37 -31.17 12.55
CA GLU B 263 13.26 -32.01 12.15
C GLU B 263 12.31 -31.28 11.22
N TYR B 264 12.00 -30.01 11.53
CA TYR B 264 11.11 -29.24 10.68
C TYR B 264 11.70 -29.05 9.29
N LEU B 265 12.99 -28.77 9.21
CA LEU B 265 13.61 -28.56 7.90
C LEU B 265 13.73 -29.86 7.13
N ASN B 266 13.90 -30.99 7.81
CA ASN B 266 13.94 -32.27 7.13
C ASN B 266 12.56 -32.68 6.64
N GLU B 267 11.50 -32.25 7.34
CA GLU B 267 10.14 -32.56 6.92
C GLU B 267 9.65 -31.60 5.84
N ARG B 268 10.10 -30.35 5.86
CA ARG B 268 9.57 -29.32 4.97
C ARG B 268 10.30 -29.31 3.63
N LEU B 269 11.62 -29.47 3.65
CA LEU B 269 12.42 -29.50 2.44
C LEU B 269 12.72 -30.91 1.95
N GLN B 270 12.33 -31.93 2.71
CA GLN B 270 12.54 -33.33 2.34
C GLN B 270 14.03 -33.60 2.11
N LEU B 271 14.80 -33.44 3.18
CA LEU B 271 16.23 -33.62 3.12
C LEU B 271 16.65 -35.08 3.28
N ASN B 272 15.78 -35.93 3.82
CA ASN B 272 16.06 -37.34 4.01
C ASN B 272 17.32 -37.56 4.84
N ILE B 273 17.26 -37.09 6.08
CA ILE B 273 18.35 -37.23 7.03
C ILE B 273 18.04 -38.39 7.95
N ASP B 274 19.03 -39.26 8.15
CA ASP B 274 18.90 -40.38 9.08
C ASP B 274 19.34 -39.91 10.46
N MET B 275 18.41 -39.93 11.41
CA MET B 275 18.63 -39.19 12.65
C MET B 275 19.24 -40.07 13.75
N SER B 276 18.99 -41.38 13.71
CA SER B 276 19.76 -42.26 14.59
C SER B 276 21.26 -42.07 14.40
N LYS B 277 21.66 -41.49 13.27
CA LYS B 277 23.05 -41.15 12.97
C LYS B 277 23.46 -39.80 13.53
N ARG B 278 22.57 -38.82 13.56
CA ARG B 278 22.94 -37.42 13.67
C ARG B 278 23.31 -36.99 15.08
N THR B 279 23.07 -37.81 16.09
CA THR B 279 23.43 -37.42 17.44
C THR B 279 24.92 -37.08 17.51
N LYS B 280 25.27 -36.24 18.49
CA LYS B 280 26.62 -35.72 18.64
C LYS B 280 27.04 -34.87 17.45
N CYS B 281 26.08 -34.32 16.71
CA CYS B 281 26.41 -33.52 15.53
C CYS B 281 27.05 -32.20 15.93
N LEU B 282 26.52 -31.54 16.96
CA LEU B 282 26.97 -30.23 17.38
C LEU B 282 27.90 -30.29 18.58
N GLN B 283 28.73 -31.33 18.68
CA GLN B 283 29.63 -31.44 19.81
C GLN B 283 30.67 -30.32 19.81
N GLN B 284 31.11 -29.89 18.64
CA GLN B 284 32.04 -28.77 18.55
C GLN B 284 31.45 -27.53 19.23
N TRP B 285 30.24 -27.15 18.84
CA TRP B 285 29.64 -25.95 19.40
C TRP B 285 29.30 -26.12 20.88
N ARG B 286 28.96 -27.33 21.30
CA ARG B 286 28.72 -27.58 22.72
C ARG B 286 30.00 -27.36 23.52
N ASP B 287 31.12 -27.93 23.05
CA ASP B 287 32.39 -27.73 23.73
C ASP B 287 32.76 -26.25 23.77
N LEU B 288 32.60 -25.54 22.66
CA LEU B 288 32.95 -24.14 22.63
C LEU B 288 32.08 -23.33 23.59
N ALA B 289 30.76 -23.52 23.53
CA ALA B 289 29.86 -22.77 24.39
C ALA B 289 30.14 -23.06 25.86
N ARG B 290 30.48 -24.30 26.20
CA ARG B 290 30.81 -24.61 27.58
C ARG B 290 32.11 -23.93 27.99
N ARG B 291 33.18 -24.20 27.26
CA ARG B 291 34.48 -23.59 27.59
C ARG B 291 34.38 -22.08 27.72
N THR B 292 33.48 -21.45 26.96
CA THR B 292 33.27 -20.03 27.11
C THR B 292 32.63 -19.66 28.45
N GLU B 293 32.20 -20.65 29.24
CA GLU B 293 31.57 -20.40 30.53
C GLU B 293 32.41 -20.88 31.71
N THR B 294 33.50 -21.61 31.47
CA THR B 294 34.29 -22.20 32.54
C THR B 294 35.63 -21.49 32.76
N VAL B 295 35.91 -20.43 32.02
CA VAL B 295 37.22 -19.78 32.06
C VAL B 295 37.13 -18.61 33.04
N ARG B 296 38.00 -18.63 34.05
CA ARG B 296 38.08 -17.56 35.06
C ARG B 296 39.55 -17.18 35.22
N ARG B 297 40.03 -16.30 34.35
CA ARG B 297 41.39 -15.76 34.47
C ARG B 297 41.49 -14.26 34.23
N GLU B 298 40.57 -13.66 33.49
CA GLU B 298 40.43 -12.20 33.42
C GLU B 298 41.71 -11.53 32.91
N VAL B 299 42.01 -11.79 31.65
CA VAL B 299 42.97 -10.98 30.91
C VAL B 299 42.25 -9.75 30.37
N CYS B 300 42.83 -8.58 30.59
CA CYS B 300 42.18 -7.31 30.27
C CYS B 300 42.97 -6.61 29.16
N ILE B 301 42.28 -6.34 28.06
CA ILE B 301 42.89 -5.75 26.87
C ILE B 301 42.25 -4.40 26.61
N ALA B 302 43.06 -3.47 26.11
CA ALA B 302 42.60 -2.15 25.70
C ALA B 302 42.56 -2.06 24.19
N VAL B 303 41.47 -1.51 23.67
CA VAL B 303 41.32 -1.22 22.25
C VAL B 303 41.18 0.28 22.11
N VAL B 304 42.21 0.91 21.54
CA VAL B 304 42.27 2.36 21.36
C VAL B 304 41.88 2.65 19.93
N GLY B 305 40.68 3.20 19.73
CA GLY B 305 40.17 3.46 18.40
C GLY B 305 39.38 4.75 18.35
N LYS B 306 38.90 5.06 17.14
CA LYS B 306 38.14 6.28 16.88
C LYS B 306 36.69 6.01 16.51
N TYR B 307 36.25 4.76 16.47
CA TYR B 307 34.86 4.40 16.26
C TYR B 307 34.26 3.74 17.49
N THR B 308 34.81 4.01 18.68
CA THR B 308 34.49 3.23 19.86
C THR B 308 33.09 3.45 20.39
N LYS B 309 32.35 4.42 19.85
CA LYS B 309 30.97 4.60 20.27
C LYS B 309 30.04 3.55 19.70
N PHE B 310 30.45 2.86 18.64
CA PHE B 310 29.71 1.76 18.04
C PHE B 310 30.63 0.55 18.00
N THR B 311 30.46 -0.37 18.95
CA THR B 311 31.40 -1.47 19.11
C THR B 311 31.45 -2.37 17.87
N ASP B 312 30.34 -2.51 17.17
CA ASP B 312 30.31 -3.37 15.99
C ASP B 312 31.24 -2.88 14.88
N SER B 313 31.84 -1.71 15.04
CA SER B 313 32.87 -1.24 14.12
C SER B 313 34.20 -1.97 14.30
N TYR B 314 34.30 -2.91 15.25
CA TYR B 314 35.49 -3.71 15.44
C TYR B 314 35.15 -5.19 15.61
N ALA B 315 34.00 -5.62 15.09
CA ALA B 315 33.49 -6.96 15.36
C ALA B 315 34.58 -8.01 15.19
N SER B 316 35.07 -8.16 13.96
CA SER B 316 36.14 -9.11 13.67
C SER B 316 37.22 -9.04 14.73
N VAL B 317 37.78 -7.85 14.94
CA VAL B 317 38.84 -7.68 15.93
C VAL B 317 38.44 -8.35 17.23
N VAL B 318 37.33 -7.91 17.80
CA VAL B 318 36.86 -8.47 19.06
C VAL B 318 36.88 -9.98 19.00
N LYS B 319 36.17 -10.54 18.01
CA LYS B 319 36.06 -11.99 17.93
C LYS B 319 37.42 -12.64 17.88
N ALA B 320 38.32 -12.08 17.07
CA ALA B 320 39.69 -12.60 17.02
C ALA B 320 40.24 -12.77 18.43
N LEU B 321 40.26 -11.67 19.20
CA LEU B 321 40.76 -11.74 20.56
C LEU B 321 40.11 -12.87 21.34
N GLN B 322 38.77 -12.96 21.26
CA GLN B 322 38.07 -14.04 21.95
C GLN B 322 38.65 -15.39 21.54
N HIS B 323 38.70 -15.65 20.24
CA HIS B 323 39.20 -16.94 19.77
C HIS B 323 40.57 -17.26 20.34
N ALA B 324 41.35 -16.23 20.64
CA ALA B 324 42.66 -16.44 21.25
C ALA B 324 42.51 -16.75 22.74
N ALA B 325 41.81 -15.89 23.47
CA ALA B 325 41.76 -16.03 24.92
C ALA B 325 41.14 -17.35 25.33
N LEU B 326 40.24 -17.90 24.51
CA LEU B 326 39.63 -19.17 24.84
C LEU B 326 40.57 -20.35 24.58
N ALA B 327 41.48 -20.23 23.60
CA ALA B 327 42.45 -21.27 23.37
C ALA B 327 43.56 -21.26 24.40
N VAL B 328 43.88 -20.07 24.93
CA VAL B 328 44.81 -19.95 26.05
C VAL B 328 44.16 -20.29 27.39
N ASN B 329 42.85 -20.55 27.39
CA ASN B 329 42.12 -20.86 28.62
C ASN B 329 42.06 -19.64 29.54
N ARG B 330 41.73 -18.49 28.95
CA ARG B 330 41.58 -17.24 29.69
C ARG B 330 40.25 -16.60 29.33
N LYS B 331 39.80 -15.72 30.22
CA LYS B 331 38.57 -14.95 30.02
C LYS B 331 38.94 -13.52 29.65
N LEU B 332 38.37 -13.03 28.54
CA LEU B 332 38.70 -11.72 28.03
C LEU B 332 37.87 -10.64 28.71
N GLU B 333 38.52 -9.53 29.02
CA GLU B 333 37.87 -8.34 29.59
C GLU B 333 38.26 -7.16 28.70
N LEU B 334 37.36 -6.76 27.82
CA LEU B 334 37.66 -5.77 26.80
C LEU B 334 37.35 -4.37 27.30
N VAL B 335 38.29 -3.45 27.10
CA VAL B 335 38.13 -2.04 27.41
C VAL B 335 38.26 -1.24 26.12
N PHE B 336 37.27 -0.41 25.85
CA PHE B 336 37.27 0.47 24.69
C PHE B 336 37.63 1.87 25.13
N ILE B 337 38.70 2.43 24.56
CA ILE B 337 39.18 3.76 24.88
C ILE B 337 39.05 4.62 23.64
N GLU B 338 38.40 5.76 23.77
CA GLU B 338 38.33 6.73 22.69
C GLU B 338 39.64 7.49 22.61
N SER B 339 40.18 7.62 21.39
CA SER B 339 41.53 8.14 21.21
C SER B 339 41.58 9.64 21.49
N CYS B 340 40.55 10.38 21.11
CA CYS B 340 40.58 11.83 21.27
C CYS B 340 40.70 12.25 22.73
N LEU B 341 40.30 11.39 23.67
CA LEU B 341 40.42 11.71 25.08
C LEU B 341 41.82 11.50 25.62
N LEU B 342 42.69 10.82 24.87
CA LEU B 342 44.10 10.71 25.23
C LEU B 342 44.90 11.94 24.80
N GLU B 343 44.29 12.88 24.10
CA GLU B 343 44.98 14.04 23.57
C GLU B 343 44.88 15.20 24.54
N GLU B 344 45.86 16.10 24.46
CA GLU B 344 45.98 17.18 25.43
C GLU B 344 44.89 18.23 25.29
N GLU B 345 44.21 18.28 24.15
CA GLU B 345 43.10 19.23 24.01
C GLU B 345 41.98 18.92 25.00
N THR B 346 41.81 17.65 25.36
CA THR B 346 40.81 17.28 26.35
C THR B 346 41.27 17.59 27.76
N LEU B 347 42.57 17.73 27.99
CA LEU B 347 43.07 18.08 29.31
C LEU B 347 42.82 19.55 29.64
N HIS B 348 42.52 20.37 28.64
CA HIS B 348 42.19 21.77 28.84
C HIS B 348 40.70 22.05 28.67
N SER B 349 39.89 21.03 28.42
CA SER B 349 38.46 21.20 28.23
C SER B 349 37.67 20.26 29.14
N GLU B 350 38.21 19.05 29.35
CA GLU B 350 37.55 18.06 30.19
C GLU B 350 38.63 17.17 30.81
N PRO B 351 39.28 17.66 31.87
CA PRO B 351 40.38 16.87 32.45
C PRO B 351 39.95 15.57 33.09
N SER B 352 38.73 15.51 33.64
CA SER B 352 38.27 14.28 34.27
C SER B 352 38.25 13.13 33.27
N LYS B 353 37.70 13.38 32.08
CA LYS B 353 37.67 12.36 31.04
C LYS B 353 39.09 11.93 30.67
N TYR B 354 39.97 12.91 30.47
CA TYR B 354 41.36 12.63 30.12
C TYR B 354 41.97 11.66 31.13
N HIS B 355 41.91 12.01 32.41
CA HIS B 355 42.56 11.21 33.43
C HIS B 355 41.88 9.86 33.61
N LYS B 356 40.56 9.80 33.43
CA LYS B 356 39.86 8.53 33.55
C LYS B 356 40.27 7.58 32.43
N GLU B 357 40.34 8.06 31.20
CA GLU B 357 40.73 7.20 30.09
C GLU B 357 42.19 6.78 30.22
N TRP B 358 43.05 7.68 30.69
CA TRP B 358 44.45 7.29 30.90
C TRP B 358 44.57 6.26 32.02
N GLN B 359 43.74 6.36 33.05
CA GLN B 359 43.67 5.33 34.08
C GLN B 359 43.29 3.99 33.46
N LYS B 360 42.20 3.97 32.70
CA LYS B 360 41.80 2.74 32.02
C LYS B 360 42.94 2.16 31.19
N LEU B 361 43.68 3.02 30.50
CA LEU B 361 44.75 2.53 29.62
C LEU B 361 45.90 1.96 30.43
N CYS B 362 46.24 2.59 31.56
CA CYS B 362 47.42 2.18 32.32
C CYS B 362 47.17 0.97 33.22
N ASP B 363 45.92 0.67 33.56
CA ASP B 363 45.60 -0.45 34.44
C ASP B 363 45.14 -1.68 33.65
N SER B 364 45.67 -1.89 32.46
CA SER B 364 45.38 -3.06 31.64
C SER B 364 46.64 -3.89 31.47
N HIS B 365 46.50 -5.01 30.74
CA HIS B 365 47.60 -5.94 30.55
C HIS B 365 48.06 -6.04 29.10
N GLY B 366 47.37 -5.41 28.17
CA GLY B 366 47.76 -5.45 26.77
C GLY B 366 47.00 -4.45 25.95
N ILE B 367 47.60 -3.96 24.87
CA ILE B 367 47.03 -2.91 24.05
C ILE B 367 46.91 -3.39 22.61
N LEU B 368 45.75 -3.11 22.02
CA LEU B 368 45.48 -3.39 20.63
C LEU B 368 45.04 -2.08 19.97
N VAL B 369 45.76 -1.69 18.93
CA VAL B 369 45.44 -0.48 18.17
C VAL B 369 44.84 -0.93 16.83
N PRO B 370 43.57 -0.62 16.55
CA PRO B 370 42.98 -1.05 15.28
C PRO B 370 43.22 -0.06 14.15
N GLY B 371 42.69 -0.38 12.97
CA GLY B 371 42.82 0.47 11.81
C GLY B 371 41.80 1.58 11.79
N GLY B 372 41.95 2.45 10.79
CA GLY B 372 41.08 3.59 10.68
C GLY B 372 41.40 4.39 9.43
N PHE B 373 40.70 5.51 9.29
CA PHE B 373 40.88 6.42 8.17
C PHE B 373 40.73 7.84 8.69
N GLY B 374 41.31 8.79 7.95
CA GLY B 374 41.16 10.18 8.29
C GLY B 374 42.15 10.71 9.30
N SER B 375 41.72 11.70 10.08
CA SER B 375 42.62 12.39 11.00
C SER B 375 42.02 12.58 12.39
N ARG B 376 40.84 12.03 12.66
CA ARG B 376 40.14 12.26 13.92
C ARG B 376 40.49 11.13 14.88
N GLY B 377 41.41 11.41 15.79
CA GLY B 377 41.77 10.48 16.84
C GLY B 377 43.09 9.75 16.65
N MET B 378 44.00 10.28 15.83
CA MET B 378 45.28 9.63 15.61
C MET B 378 46.37 10.15 16.53
N GLU B 379 46.28 11.40 16.98
CA GLU B 379 47.30 11.95 17.86
C GLU B 379 47.19 11.45 19.30
N GLY B 380 46.17 10.65 19.63
CA GLY B 380 46.12 9.94 20.89
C GLY B 380 46.50 8.49 20.67
N LYS B 381 46.17 7.99 19.48
CA LYS B 381 46.66 6.69 19.05
C LYS B 381 48.17 6.68 18.98
N ILE B 382 48.78 7.85 18.77
CA ILE B 382 50.22 7.97 18.80
C ILE B 382 50.73 7.83 20.24
N ARG B 383 50.08 8.55 21.16
CA ARG B 383 50.51 8.53 22.54
C ARG B 383 50.34 7.16 23.18
N ALA B 384 49.33 6.40 22.77
CA ALA B 384 49.16 5.05 23.30
C ALA B 384 50.36 4.18 22.96
N CYS B 385 50.77 4.19 21.69
CA CYS B 385 51.96 3.44 21.28
C CYS B 385 53.20 3.95 22.00
N GLN B 386 53.32 5.28 22.15
CA GLN B 386 54.47 5.84 22.84
C GLN B 386 54.54 5.34 24.29
N TRP B 387 53.41 5.35 24.98
CA TRP B 387 53.37 4.89 26.36
C TRP B 387 53.71 3.42 26.46
N ALA B 388 53.08 2.59 25.62
CA ALA B 388 53.38 1.16 25.65
C ALA B 388 54.84 0.89 25.32
N ARG B 389 55.46 1.78 24.55
CA ARG B 389 56.88 1.63 24.24
C ARG B 389 57.74 1.98 25.44
N GLU B 390 57.50 3.13 26.04
CA GLU B 390 58.30 3.60 27.16
C GLU B 390 57.89 2.98 28.49
N ASN B 391 56.98 2.00 28.51
CA ASN B 391 56.57 1.35 29.75
C ASN B 391 56.51 -0.16 29.63
N GLN B 392 56.97 -0.74 28.52
CA GLN B 392 57.07 -2.19 28.37
C GLN B 392 55.73 -2.87 28.60
N LYS B 393 54.78 -2.57 27.72
CA LYS B 393 53.46 -3.17 27.73
C LYS B 393 53.21 -3.84 26.38
N PRO B 394 52.80 -5.11 26.34
CA PRO B 394 52.55 -5.78 25.06
C PRO B 394 51.63 -4.95 24.17
N LEU B 395 51.77 -5.13 22.86
CA LEU B 395 51.04 -4.29 21.92
C LEU B 395 50.94 -4.99 20.57
N LEU B 396 49.74 -4.94 20.00
CA LEU B 396 49.49 -5.34 18.63
C LEU B 396 48.83 -4.19 17.87
N GLY B 397 49.34 -3.91 16.68
CA GLY B 397 48.81 -2.84 15.85
C GLY B 397 48.32 -3.37 14.51
N ILE B 398 47.22 -2.80 14.00
CA ILE B 398 46.52 -3.34 12.84
C ILE B 398 46.30 -2.22 11.84
N CYS B 399 47.23 -2.07 10.90
CA CYS B 399 47.05 -1.33 9.65
C CYS B 399 46.98 0.18 9.82
N LEU B 400 46.83 0.64 11.05
CA LEU B 400 47.04 2.05 11.38
C LEU B 400 47.78 2.23 12.69
N GLY B 401 47.75 1.23 13.58
CA GLY B 401 48.68 1.23 14.69
C GLY B 401 50.10 1.02 14.23
N LEU B 402 50.29 0.37 13.09
CA LEU B 402 51.62 0.28 12.50
C LEU B 402 52.13 1.66 12.10
N GLN B 403 51.34 2.41 11.35
CA GLN B 403 51.76 3.74 10.92
C GLN B 403 51.87 4.69 12.10
N ALA B 404 50.90 4.64 13.01
CA ALA B 404 50.99 5.43 14.23
C ALA B 404 52.28 5.11 14.99
N ALA B 405 52.62 3.82 15.08
CA ALA B 405 53.81 3.43 15.82
C ALA B 405 55.08 3.89 15.13
N VAL B 406 55.11 3.81 13.80
CA VAL B 406 56.27 4.28 13.05
C VAL B 406 56.46 5.78 13.26
N ILE B 407 55.38 6.54 13.14
CA ILE B 407 55.47 7.99 13.33
C ILE B 407 55.92 8.31 14.76
N GLU B 408 55.37 7.58 15.74
CA GLU B 408 55.75 7.80 17.13
C GLU B 408 57.23 7.51 17.34
N PHE B 409 57.71 6.38 16.83
CA PHE B 409 59.12 6.03 16.94
C PHE B 409 59.99 7.13 16.33
N ALA B 410 59.60 7.60 15.15
CA ALA B 410 60.36 8.69 14.51
C ALA B 410 60.42 9.90 15.41
N ARG B 411 59.26 10.42 15.83
CA ARG B 411 59.21 11.68 16.55
C ARG B 411 59.80 11.58 17.95
N ASN B 412 59.92 10.38 18.52
CA ASN B 412 60.41 10.23 19.88
C ASN B 412 61.82 9.67 19.97
N LYS B 413 62.38 9.12 18.90
CA LYS B 413 63.76 8.64 18.89
C LYS B 413 64.65 9.41 17.94
N LEU B 414 64.23 9.59 16.69
CA LEU B 414 65.04 10.27 15.69
C LEU B 414 64.88 11.79 15.73
N GLY B 415 64.22 12.32 16.75
CA GLY B 415 64.04 13.75 16.85
C GLY B 415 63.35 14.38 15.66
N LEU B 416 62.50 13.63 14.97
CA LEU B 416 61.76 14.13 13.81
C LEU B 416 60.40 14.61 14.30
N LYS B 417 60.36 15.87 14.74
CA LYS B 417 59.14 16.42 15.33
C LYS B 417 57.99 16.44 14.34
N ASP B 418 58.28 16.65 13.06
CA ASP B 418 57.24 16.80 12.05
C ASP B 418 56.88 15.48 11.37
N ALA B 419 57.43 14.36 11.84
CA ALA B 419 57.03 13.06 11.31
C ALA B 419 55.52 12.91 11.40
N ASN B 420 54.87 12.76 10.25
CA ASN B 420 53.42 12.79 10.18
C ASN B 420 52.97 11.96 8.99
N THR B 421 51.67 12.02 8.72
CA THR B 421 51.03 11.31 7.63
C THR B 421 50.73 12.26 6.47
N THR B 422 50.62 11.70 5.28
CA THR B 422 50.07 12.43 4.14
C THR B 422 48.57 12.59 4.28
N GLU B 423 47.91 11.63 4.92
CA GLU B 423 46.47 11.68 5.14
C GLU B 423 46.08 12.82 6.06
N ILE B 424 47.00 13.27 6.91
CA ILE B 424 46.75 14.43 7.76
C ILE B 424 47.32 15.68 7.10
N ASP B 425 48.63 15.73 6.93
CA ASP B 425 49.30 16.86 6.29
C ASP B 425 50.11 16.35 5.10
N PRO B 426 49.65 16.56 3.86
CA PRO B 426 50.43 16.07 2.71
C PRO B 426 51.64 16.91 2.38
N ASN B 427 51.77 18.11 2.93
CA ASN B 427 52.88 19.02 2.63
C ASN B 427 53.89 19.05 3.78
N THR B 428 54.14 17.92 4.41
CA THR B 428 55.07 17.85 5.54
C THR B 428 56.48 17.55 5.06
N ALA B 429 57.46 18.14 5.75
CA ALA B 429 58.86 17.90 5.41
C ALA B 429 59.20 16.42 5.52
N ASN B 430 59.10 15.86 6.72
CA ASN B 430 59.38 14.45 6.96
C ASN B 430 58.06 13.68 6.86
N ALA B 431 57.86 13.01 5.73
CA ALA B 431 56.66 12.23 5.48
C ALA B 431 56.98 10.76 5.70
N LEU B 432 56.68 10.27 6.90
CA LEU B 432 56.92 8.86 7.21
C LEU B 432 55.91 7.96 6.54
N VAL B 433 54.69 8.45 6.34
CA VAL B 433 53.61 7.71 5.69
C VAL B 433 53.27 8.43 4.40
N ILE B 434 53.37 7.73 3.28
CA ILE B 434 53.21 8.32 1.96
C ILE B 434 52.07 7.62 1.22
N ASP B 435 51.74 8.17 0.06
CA ASP B 435 50.65 7.71 -0.77
C ASP B 435 51.18 6.74 -1.82
N MET B 436 50.51 5.60 -1.97
CA MET B 436 50.79 4.66 -3.05
C MET B 436 50.04 5.14 -4.29
N PRO B 437 50.75 5.72 -5.28
CA PRO B 437 50.04 6.37 -6.39
C PRO B 437 49.34 5.40 -7.33
N GLU B 438 49.55 4.08 -7.19
CA GLU B 438 48.76 3.13 -7.97
C GLU B 438 47.33 3.05 -7.51
N HIS B 439 47.04 3.48 -6.27
CA HIS B 439 45.71 3.43 -5.68
C HIS B 439 45.21 4.81 -5.30
N HIS B 440 45.64 5.84 -6.04
CA HIS B 440 45.26 7.22 -5.79
C HIS B 440 44.79 7.87 -7.08
N THR B 441 43.90 7.18 -7.80
CA THR B 441 43.41 7.62 -9.09
C THR B 441 42.32 8.67 -8.99
N GLY B 442 41.87 9.01 -7.79
CA GLY B 442 40.74 9.91 -7.58
C GLY B 442 39.44 9.16 -7.53
N GLN B 443 39.33 8.09 -8.30
CA GLN B 443 38.14 7.22 -8.31
C GLN B 443 38.18 6.35 -7.07
N LEU B 444 37.58 6.85 -5.99
CA LEU B 444 37.46 6.07 -4.76
C LEU B 444 36.38 5.01 -4.93
N GLY B 445 36.69 3.79 -4.52
CA GLY B 445 35.83 2.65 -4.78
C GLY B 445 36.53 1.59 -5.60
N GLY B 446 36.88 0.48 -4.95
CA GLY B 446 37.71 -0.53 -5.57
C GLY B 446 39.16 -0.13 -5.75
N THR B 447 39.53 1.10 -5.43
CA THR B 447 40.88 1.61 -5.65
C THR B 447 41.70 1.52 -4.36
N MET B 448 41.85 0.30 -3.86
CA MET B 448 42.59 0.03 -2.65
C MET B 448 43.43 -1.22 -2.85
N ARG B 449 44.56 -1.28 -2.17
CA ARG B 449 45.26 -2.55 -2.04
C ARG B 449 44.37 -3.46 -1.22
N LEU B 450 43.83 -4.48 -1.88
CA LEU B 450 42.76 -5.31 -1.33
C LEU B 450 43.08 -6.78 -1.56
N GLY B 451 42.64 -7.60 -0.62
CA GLY B 451 42.66 -9.04 -0.82
C GLY B 451 43.89 -9.71 -0.30
N LYS B 452 43.97 -11.01 -0.54
CA LYS B 452 45.06 -11.80 0.00
C LYS B 452 46.33 -11.56 -0.80
N ARG B 453 47.40 -11.22 -0.08
CA ARG B 453 48.73 -11.08 -0.63
C ARG B 453 49.68 -11.97 0.16
N ILE B 454 50.87 -12.14 -0.39
CA ILE B 454 51.86 -13.08 0.15
C ILE B 454 52.80 -12.35 1.09
N THR B 455 53.20 -13.03 2.15
CA THR B 455 54.14 -12.55 3.14
C THR B 455 55.48 -13.24 2.95
N VAL B 456 56.56 -12.51 3.22
CA VAL B 456 57.89 -13.08 3.27
C VAL B 456 58.64 -12.42 4.41
N PHE B 457 59.09 -13.21 5.37
CA PHE B 457 59.82 -12.70 6.51
C PHE B 457 61.29 -12.53 6.15
N SER B 458 61.87 -11.42 6.58
CA SER B 458 63.32 -11.28 6.48
C SER B 458 64.01 -12.35 7.30
N ASP B 459 65.26 -12.62 6.96
CA ASP B 459 66.00 -13.67 7.64
C ASP B 459 66.40 -13.22 9.04
N GLY B 460 66.40 -14.18 9.96
CA GLY B 460 66.59 -13.88 11.36
C GLY B 460 65.36 -14.27 12.16
N PRO B 461 65.48 -15.29 13.01
CA PRO B 461 64.32 -15.74 13.79
C PRO B 461 63.55 -14.58 14.40
N SER B 462 62.23 -14.69 14.36
CA SER B 462 61.34 -13.66 14.90
C SER B 462 60.21 -14.33 15.67
N VAL B 463 59.91 -13.82 16.86
CA VAL B 463 58.84 -14.36 17.67
C VAL B 463 57.55 -14.45 16.86
N ILE B 464 57.27 -13.42 16.06
CA ILE B 464 56.04 -13.42 15.28
C ILE B 464 56.11 -14.49 14.18
N ARG B 465 57.30 -14.85 13.73
CA ARG B 465 57.43 -15.93 12.77
C ARG B 465 57.29 -17.28 13.45
N GLN B 466 57.80 -17.41 14.68
CA GLN B 466 57.62 -18.65 15.42
C GLN B 466 56.15 -18.88 15.76
N LEU B 467 55.39 -17.80 15.99
CA LEU B 467 53.96 -17.95 16.22
C LEU B 467 53.24 -18.39 14.96
N TYR B 468 53.78 -18.05 13.79
CA TYR B 468 53.21 -18.46 12.52
C TYR B 468 53.60 -19.88 12.12
N GLY B 469 54.34 -20.59 12.97
CA GLY B 469 54.79 -21.92 12.64
C GLY B 469 56.11 -21.99 11.92
N ASN B 470 56.90 -20.92 11.93
CA ASN B 470 58.15 -20.82 11.22
C ASN B 470 58.04 -21.29 9.76
N PRO B 471 57.14 -20.69 8.99
CA PRO B 471 57.13 -20.91 7.55
C PRO B 471 57.93 -19.83 6.81
N LYS B 472 58.07 -20.03 5.51
CA LYS B 472 58.67 -19.02 4.65
C LYS B 472 57.65 -18.01 4.14
N SER B 473 56.36 -18.34 4.19
CA SER B 473 55.33 -17.51 3.58
C SER B 473 54.04 -17.65 4.37
N VAL B 474 53.12 -16.71 4.14
CA VAL B 474 51.76 -16.81 4.63
C VAL B 474 50.89 -15.80 3.88
N GLN B 475 49.68 -16.19 3.51
CA GLN B 475 48.77 -15.32 2.80
C GLN B 475 47.87 -14.59 3.79
N GLU B 476 47.72 -13.28 3.57
CA GLU B 476 46.93 -12.46 4.48
C GLU B 476 46.20 -11.38 3.70
N ARG B 477 45.04 -10.97 4.21
CA ARG B 477 44.17 -10.03 3.52
C ARG B 477 44.55 -8.59 3.87
N HIS B 478 44.68 -7.77 2.85
CA HIS B 478 45.02 -6.36 2.96
C HIS B 478 43.82 -5.51 2.59
N ARG B 479 43.78 -4.31 3.16
CA ARG B 479 42.84 -3.27 2.75
C ARG B 479 43.46 -1.94 3.16
N HIS B 480 44.10 -1.25 2.21
CA HIS B 480 44.74 0.01 2.56
C HIS B 480 45.07 0.83 1.33
N ARG B 481 45.34 2.12 1.57
CA ARG B 481 45.65 3.10 0.53
C ARG B 481 47.00 3.77 0.71
N TYR B 482 47.56 3.82 1.91
CA TYR B 482 48.83 4.47 2.18
C TYR B 482 49.89 3.42 2.50
N GLU B 483 51.11 3.87 2.75
CA GLU B 483 52.21 2.95 2.97
C GLU B 483 53.39 3.70 3.59
N VAL B 484 54.14 3.03 4.46
CA VAL B 484 55.26 3.68 5.12
C VAL B 484 56.35 3.97 4.11
N ASN B 485 57.02 5.10 4.27
CA ASN B 485 58.05 5.53 3.32
C ASN B 485 59.23 4.57 3.36
N PRO B 486 59.57 3.91 2.25
CA PRO B 486 60.74 3.01 2.28
C PRO B 486 62.05 3.74 2.48
N LYS B 487 62.11 5.05 2.21
CA LYS B 487 63.36 5.78 2.31
C LYS B 487 63.86 5.82 3.75
N TYR B 488 63.00 6.21 4.68
CA TYR B 488 63.36 6.30 6.09
C TYR B 488 63.55 4.94 6.76
N VAL B 489 63.48 3.84 6.01
CA VAL B 489 63.44 2.52 6.61
C VAL B 489 64.66 2.30 7.50
N HIS B 490 65.86 2.43 6.92
CA HIS B 490 67.06 2.12 7.68
C HIS B 490 67.31 3.13 8.79
N LEU B 491 66.82 4.36 8.64
CA LEU B 491 66.96 5.34 9.72
C LEU B 491 66.22 4.90 10.98
N LEU B 492 65.20 4.07 10.82
CA LEU B 492 64.56 3.42 11.97
C LEU B 492 65.16 2.07 12.29
N GLU B 493 65.67 1.39 11.26
CA GLU B 493 66.27 0.08 11.46
C GLU B 493 67.59 0.15 12.22
N GLU B 494 68.26 1.30 12.21
CA GLU B 494 69.47 1.48 13.02
C GLU B 494 69.10 1.94 14.43
N GLN B 495 68.14 1.26 15.01
CA GLN B 495 67.59 1.53 16.35
C GLN B 495 66.71 0.34 16.70
N GLY B 496 65.92 0.47 17.75
CA GLY B 496 65.07 -0.63 18.18
C GLY B 496 63.82 -0.82 17.36
N MET B 497 63.93 -0.69 16.04
CA MET B 497 62.84 -1.02 15.12
C MET B 497 63.39 -1.95 14.05
N ARG B 498 62.62 -2.96 13.69
CA ARG B 498 63.09 -4.01 12.79
C ARG B 498 61.94 -4.50 11.93
N PHE B 499 62.13 -4.46 10.61
CA PHE B 499 61.12 -4.88 9.65
C PHE B 499 61.31 -6.37 9.39
N VAL B 500 60.47 -7.18 10.01
CA VAL B 500 60.59 -8.64 9.94
C VAL B 500 59.71 -9.19 8.83
N GLY B 501 59.16 -8.31 8.00
CA GLY B 501 58.26 -8.75 6.95
C GLY B 501 58.02 -7.67 5.93
N THR B 502 57.88 -8.08 4.68
CA THR B 502 57.50 -7.19 3.59
C THR B 502 57.01 -8.05 2.43
N ASP B 503 56.75 -7.41 1.29
CA ASP B 503 56.17 -8.08 0.14
C ASP B 503 57.23 -8.95 -0.55
N VAL B 504 56.86 -9.51 -1.70
CA VAL B 504 57.77 -10.39 -2.43
C VAL B 504 58.88 -9.60 -3.10
N ASP B 505 58.66 -8.31 -3.38
CA ASP B 505 59.65 -7.47 -4.04
C ASP B 505 60.50 -6.67 -3.05
N LYS B 506 60.23 -6.80 -1.75
CA LYS B 506 61.12 -6.27 -0.71
C LYS B 506 61.21 -4.75 -0.75
N THR B 507 60.07 -4.08 -1.00
CA THR B 507 60.04 -2.63 -0.92
C THR B 507 58.76 -2.08 -0.32
N ARG B 508 57.85 -2.93 0.15
CA ARG B 508 56.61 -2.50 0.80
C ARG B 508 56.55 -3.13 2.19
N MET B 509 56.66 -2.31 3.22
CA MET B 509 56.72 -2.82 4.58
C MET B 509 55.33 -3.20 5.08
N GLU B 510 55.26 -4.36 5.73
CA GLU B 510 54.00 -4.87 6.26
C GLU B 510 54.09 -5.41 7.68
N ILE B 511 55.27 -5.48 8.29
CA ILE B 511 55.42 -5.90 9.67
C ILE B 511 56.60 -5.14 10.26
N ILE B 512 56.61 -5.00 11.58
CA ILE B 512 57.68 -4.32 12.30
C ILE B 512 57.73 -4.89 13.72
N GLU B 513 58.92 -4.85 14.31
CA GLU B 513 59.15 -5.44 15.62
C GLU B 513 60.13 -4.56 16.39
N LEU B 514 59.96 -4.53 17.71
CA LEU B 514 60.82 -3.78 18.61
C LEU B 514 61.61 -4.75 19.48
N SER B 515 62.93 -4.70 19.37
CA SER B 515 63.79 -5.58 20.15
C SER B 515 63.92 -5.06 21.57
N GLY B 516 64.01 -6.00 22.52
CA GLY B 516 64.05 -5.66 23.92
C GLY B 516 62.66 -5.57 24.53
N HIS B 517 61.70 -5.10 23.73
CA HIS B 517 60.32 -5.01 24.17
C HIS B 517 59.69 -6.40 24.15
N PRO B 518 58.89 -6.76 25.17
CA PRO B 518 58.28 -8.09 25.17
C PRO B 518 57.47 -8.40 23.92
N TYR B 519 56.55 -7.50 23.54
CA TYR B 519 55.70 -7.76 22.38
C TYR B 519 55.20 -6.42 21.85
N PHE B 520 55.70 -6.00 20.70
CA PHE B 520 55.34 -4.74 20.06
C PHE B 520 55.08 -4.94 18.57
N VAL B 521 54.24 -5.90 18.25
CA VAL B 521 54.10 -6.32 16.86
C VAL B 521 53.03 -5.50 16.17
N ALA B 522 53.25 -5.22 14.89
CA ALA B 522 52.32 -4.46 14.09
C ALA B 522 52.24 -5.07 12.69
N THR B 523 51.04 -5.08 12.13
CA THR B 523 50.79 -5.63 10.81
C THR B 523 49.99 -4.63 9.99
N GLN B 524 50.46 -4.35 8.78
CA GLN B 524 49.71 -3.44 7.90
C GLN B 524 48.46 -4.10 7.38
N TYR B 525 48.50 -5.41 7.16
CA TYR B 525 47.34 -6.19 6.78
C TYR B 525 46.38 -6.32 7.97
N HIS B 526 45.29 -7.05 7.75
CA HIS B 526 44.32 -7.35 8.80
C HIS B 526 44.39 -8.85 9.11
N PRO B 527 45.03 -9.26 10.20
CA PRO B 527 45.00 -10.68 10.57
C PRO B 527 43.70 -11.12 11.21
N GLU B 528 42.79 -10.19 11.46
CA GLU B 528 41.48 -10.45 12.04
C GLU B 528 40.53 -11.20 11.11
N TYR B 529 40.82 -11.23 9.80
CA TYR B 529 39.86 -11.77 8.84
C TYR B 529 39.94 -13.28 8.69
N LEU B 530 41.06 -13.90 9.09
CA LEU B 530 41.23 -15.34 8.95
C LEU B 530 41.23 -16.07 10.27
N SER B 531 40.93 -15.38 11.37
CA SER B 531 40.79 -16.03 12.66
C SER B 531 39.47 -16.80 12.72
N ARG B 532 39.52 -17.97 13.34
CA ARG B 532 38.37 -18.85 13.45
C ARG B 532 38.26 -19.36 14.87
N PRO B 533 37.08 -19.85 15.27
CA PRO B 533 36.93 -20.35 16.65
C PRO B 533 37.94 -21.41 17.04
N LEU B 534 38.22 -22.38 16.17
CA LEU B 534 39.17 -23.45 16.46
C LEU B 534 40.45 -23.30 15.66
N LYS B 535 40.80 -22.08 15.28
CA LYS B 535 42.02 -21.80 14.55
C LYS B 535 42.39 -20.34 14.74
N PRO B 536 42.83 -19.94 15.94
CA PRO B 536 43.08 -18.53 16.20
C PRO B 536 44.16 -17.94 15.33
N SER B 537 44.36 -16.63 15.42
CA SER B 537 45.35 -15.96 14.60
C SER B 537 46.61 -15.70 15.42
N PRO B 538 47.80 -16.00 14.91
CA PRO B 538 49.00 -16.04 15.76
C PRO B 538 49.28 -14.71 16.43
N PRO B 539 49.14 -13.57 15.74
CA PRO B 539 49.43 -12.29 16.42
C PRO B 539 48.58 -12.06 17.66
N PHE B 540 47.28 -12.30 17.60
CA PHE B 540 46.44 -12.13 18.77
C PHE B 540 46.80 -13.15 19.86
N LEU B 541 47.14 -14.37 19.44
CA LEU B 541 47.61 -15.38 20.36
C LEU B 541 48.80 -14.87 21.17
N GLY B 542 49.80 -14.35 20.47
CA GLY B 542 50.98 -13.83 21.14
C GLY B 542 50.67 -12.63 22.01
N LEU B 543 49.78 -11.76 21.55
CA LEU B 543 49.37 -10.63 22.36
C LEU B 543 48.81 -11.09 23.70
N ILE B 544 47.86 -12.04 23.65
CA ILE B 544 47.27 -12.56 24.88
C ILE B 544 48.34 -13.19 25.76
N LEU B 545 49.17 -14.06 25.17
CA LEU B 545 50.18 -14.75 25.95
C LEU B 545 51.10 -13.75 26.65
N ALA B 546 51.62 -12.77 25.91
CA ALA B 546 52.42 -11.73 26.53
C ALA B 546 51.65 -11.02 27.63
N SER B 547 50.35 -10.82 27.43
CA SER B 547 49.53 -10.14 28.44
C SER B 547 49.33 -10.98 29.69
N VAL B 548 49.58 -12.30 29.62
CA VAL B 548 49.53 -13.16 30.78
C VAL B 548 50.90 -13.74 31.12
N ASP B 549 51.97 -13.21 30.52
CA ASP B 549 53.33 -13.67 30.78
C ASP B 549 53.45 -15.19 30.58
N ARG B 550 52.94 -15.66 29.45
CA ARG B 550 53.04 -17.07 29.07
C ARG B 550 53.57 -17.23 27.64
N LEU B 551 54.22 -16.21 27.11
CA LEU B 551 54.66 -16.24 25.71
C LEU B 551 55.91 -17.08 25.54
N ASN B 552 56.93 -16.86 26.38
CA ASN B 552 58.15 -17.63 26.28
C ASN B 552 57.91 -19.10 26.58
N GLN B 553 57.04 -19.40 27.56
CA GLN B 553 56.72 -20.79 27.87
C GLN B 553 56.04 -21.46 26.68
N TYR B 554 55.09 -20.77 26.04
CA TYR B 554 54.40 -21.32 24.89
C TYR B 554 55.34 -21.48 23.70
N ILE B 555 56.33 -20.60 23.58
CA ILE B 555 57.30 -20.71 22.48
C ILE B 555 58.08 -22.01 22.59
N GLN B 556 58.47 -22.38 23.79
CA GLN B 556 59.30 -23.57 24.01
C GLN B 556 58.43 -24.81 24.16
N MET C 1 -16.31 -29.89 0.70
CA MET C 1 -16.97 -28.75 0.00
C MET C 1 -15.98 -28.01 -0.89
N LYS C 2 -16.45 -27.59 -2.06
CA LYS C 2 -15.65 -26.86 -3.03
C LYS C 2 -16.17 -25.44 -3.17
N TYR C 3 -15.25 -24.51 -3.45
CA TYR C 3 -15.56 -23.10 -3.51
C TYR C 3 -14.91 -22.48 -4.73
N ILE C 4 -15.68 -21.69 -5.47
CA ILE C 4 -15.17 -20.89 -6.58
C ILE C 4 -15.48 -19.44 -6.25
N LEU C 5 -14.43 -18.65 -6.02
CA LEU C 5 -14.55 -17.23 -5.74
C LEU C 5 -14.37 -16.44 -7.03
N VAL C 6 -15.27 -15.50 -7.27
CA VAL C 6 -15.27 -14.66 -8.46
C VAL C 6 -15.07 -13.22 -8.01
N THR C 7 -13.92 -12.65 -8.34
CA THR C 7 -13.55 -11.30 -7.97
C THR C 7 -13.58 -10.39 -9.20
N GLY C 8 -13.48 -9.09 -8.92
CA GLY C 8 -13.55 -8.10 -9.98
C GLY C 8 -12.34 -7.21 -10.07
N GLY C 9 -12.17 -6.60 -11.23
CA GLY C 9 -10.98 -5.84 -11.56
C GLY C 9 -11.16 -4.34 -11.56
N VAL C 10 -11.39 -3.81 -12.75
CA VAL C 10 -11.25 -2.38 -13.01
C VAL C 10 -12.52 -1.61 -12.65
N ILE C 11 -13.68 -2.13 -13.04
CA ILE C 11 -14.95 -1.47 -12.83
C ILE C 11 -15.94 -2.48 -12.29
N SER C 12 -17.00 -1.96 -11.68
CA SER C 12 -18.21 -2.74 -11.48
C SER C 12 -19.04 -2.68 -12.76
N GLY C 13 -19.87 -3.70 -12.96
CA GLY C 13 -20.51 -3.87 -14.24
C GLY C 13 -19.66 -4.57 -15.26
N VAL C 14 -18.62 -5.27 -14.81
CA VAL C 14 -17.69 -5.94 -15.72
C VAL C 14 -18.19 -7.32 -16.16
N GLY C 15 -19.07 -7.95 -15.39
CA GLY C 15 -19.67 -9.20 -15.81
C GLY C 15 -19.46 -10.38 -14.88
N LYS C 16 -19.20 -10.11 -13.60
CA LYS C 16 -18.91 -11.19 -12.66
C LYS C 16 -20.10 -12.12 -12.49
N GLY C 17 -21.31 -11.57 -12.41
CA GLY C 17 -22.48 -12.40 -12.16
C GLY C 17 -22.75 -13.39 -13.28
N VAL C 18 -22.60 -12.95 -14.52
CA VAL C 18 -22.79 -13.83 -15.67
C VAL C 18 -21.77 -14.95 -15.65
N ILE C 19 -20.52 -14.63 -15.31
CA ILE C 19 -19.47 -15.64 -15.24
C ILE C 19 -19.77 -16.65 -14.14
N ALA C 20 -20.22 -16.17 -12.98
CA ALA C 20 -20.55 -17.07 -11.89
C ALA C 20 -21.70 -17.99 -12.26
N SER C 21 -22.76 -17.43 -12.85
CA SER C 21 -23.89 -18.25 -13.29
C SER C 21 -23.47 -19.25 -14.34
N SER C 22 -22.54 -18.88 -15.22
CA SER C 22 -22.07 -19.81 -16.25
C SER C 22 -21.28 -20.96 -15.64
N PHE C 23 -20.38 -20.67 -14.70
CA PHE C 23 -19.72 -21.73 -13.95
C PHE C 23 -20.76 -22.65 -13.32
N GLY C 24 -21.76 -22.06 -12.68
CA GLY C 24 -22.77 -22.85 -12.01
C GLY C 24 -23.49 -23.79 -12.95
N THR C 25 -23.92 -23.29 -14.09
CA THR C 25 -24.68 -24.11 -15.03
C THR C 25 -23.80 -25.16 -15.69
N LEU C 26 -22.52 -24.84 -15.95
CA LEU C 26 -21.60 -25.85 -16.45
C LEU C 26 -21.48 -27.00 -15.46
N LEU C 27 -21.18 -26.68 -14.19
CA LEU C 27 -21.01 -27.73 -13.20
C LEU C 27 -22.31 -28.51 -13.00
N LYS C 28 -23.45 -27.83 -13.05
CA LYS C 28 -24.72 -28.48 -12.84
C LYS C 28 -25.10 -29.38 -14.01
N SER C 29 -24.63 -29.08 -15.21
CA SER C 29 -24.91 -29.93 -16.35
C SER C 29 -24.14 -31.23 -16.30
N CYS C 30 -23.00 -31.25 -15.60
CA CYS C 30 -22.18 -32.44 -15.46
C CYS C 30 -22.47 -33.23 -14.20
N GLY C 31 -23.60 -32.96 -13.54
CA GLY C 31 -24.04 -33.77 -12.42
C GLY C 31 -23.49 -33.33 -11.08
N LEU C 32 -23.59 -32.05 -10.77
CA LEU C 32 -23.16 -31.51 -9.50
C LEU C 32 -24.19 -30.53 -8.97
N ASP C 33 -24.38 -30.55 -7.66
CA ASP C 33 -25.28 -29.62 -6.98
C ASP C 33 -24.51 -28.37 -6.61
N VAL C 34 -25.06 -27.21 -6.94
CA VAL C 34 -24.37 -25.94 -6.82
C VAL C 34 -25.23 -24.98 -6.02
N THR C 35 -24.58 -24.21 -5.15
CA THR C 35 -25.21 -23.08 -4.48
C THR C 35 -24.39 -21.82 -4.74
N SER C 36 -24.97 -20.67 -4.44
CA SER C 36 -24.37 -19.39 -4.78
C SER C 36 -24.51 -18.42 -3.63
N ILE C 37 -23.49 -17.57 -3.45
CA ILE C 37 -23.48 -16.52 -2.46
C ILE C 37 -22.97 -15.24 -3.11
N LYS C 38 -23.56 -14.12 -2.71
CA LYS C 38 -23.17 -12.80 -3.19
C LYS C 38 -22.75 -11.94 -2.01
N ILE C 39 -21.54 -11.40 -2.07
CA ILE C 39 -21.01 -10.50 -1.05
C ILE C 39 -21.00 -9.09 -1.63
N ASP C 40 -21.64 -8.16 -0.92
CA ASP C 40 -21.75 -6.77 -1.34
C ASP C 40 -21.14 -5.88 -0.27
N PRO C 41 -19.92 -5.36 -0.48
CA PRO C 41 -19.24 -4.62 0.60
C PRO C 41 -19.89 -3.31 1.00
N TYR C 42 -21.03 -2.92 0.44
CA TYR C 42 -21.61 -1.64 0.84
C TYR C 42 -22.25 -1.76 2.22
N ILE C 43 -22.37 -0.60 2.88
CA ILE C 43 -22.90 -0.56 4.25
C ILE C 43 -24.40 -0.39 4.12
N ASN C 44 -25.08 -1.50 3.87
CA ASN C 44 -26.53 -1.53 3.71
C ASN C 44 -26.97 -2.96 4.01
N ILE C 45 -27.99 -3.10 4.85
CA ILE C 45 -28.49 -4.44 5.16
C ILE C 45 -29.24 -5.01 3.98
N ASP C 46 -29.70 -4.17 3.06
CA ASP C 46 -30.29 -4.62 1.81
C ASP C 46 -30.36 -3.44 0.86
N ALA C 47 -30.62 -3.74 -0.41
CA ALA C 47 -30.65 -2.74 -1.46
C ALA C 47 -32.01 -2.08 -1.64
N GLY C 48 -32.84 -2.09 -0.59
CA GLY C 48 -34.16 -1.50 -0.68
C GLY C 48 -34.19 0.01 -0.64
N THR C 49 -33.08 0.65 -0.31
CA THR C 49 -32.99 2.10 -0.27
C THR C 49 -32.22 2.68 -1.45
N PHE C 50 -31.90 1.86 -2.46
CA PHE C 50 -31.13 2.31 -3.60
C PHE C 50 -32.04 2.80 -4.71
N SER C 51 -31.50 3.73 -5.50
CA SER C 51 -32.08 4.06 -6.78
C SER C 51 -31.66 3.02 -7.82
N PRO C 52 -32.46 2.84 -8.86
CA PRO C 52 -32.03 1.95 -9.96
C PRO C 52 -30.77 2.45 -10.66
N TYR C 53 -30.48 3.75 -10.57
CA TYR C 53 -29.25 4.27 -11.14
C TYR C 53 -28.01 3.71 -10.44
N GLU C 54 -28.12 3.37 -9.16
CA GLU C 54 -26.98 2.98 -8.36
C GLU C 54 -26.42 1.63 -8.79
N HIS C 55 -27.23 0.58 -8.70
CA HIS C 55 -26.75 -0.77 -9.03
C HIS C 55 -27.78 -1.58 -9.82
N GLY C 56 -28.64 -0.93 -10.60
CA GLY C 56 -29.44 -1.66 -11.54
C GLY C 56 -30.61 -2.52 -11.04
N GLU C 57 -31.75 -1.93 -10.71
CA GLU C 57 -32.98 -2.71 -10.63
C GLU C 57 -32.95 -3.74 -9.49
N VAL C 58 -33.21 -3.26 -8.28
CA VAL C 58 -33.40 -4.14 -7.13
C VAL C 58 -34.19 -5.39 -7.52
N TYR C 59 -33.73 -6.54 -7.04
CA TYR C 59 -34.40 -7.82 -7.22
C TYR C 59 -34.94 -8.29 -5.88
N VAL C 60 -36.02 -9.07 -5.92
CA VAL C 60 -36.73 -9.51 -4.72
C VAL C 60 -36.80 -11.02 -4.74
N LEU C 61 -36.51 -11.63 -3.59
CA LEU C 61 -36.62 -13.07 -3.42
C LEU C 61 -38.00 -13.42 -2.90
N ASP C 62 -38.22 -14.72 -2.66
CA ASP C 62 -39.50 -15.16 -2.13
C ASP C 62 -39.69 -14.69 -0.69
N ASP C 63 -38.65 -14.84 0.14
CA ASP C 63 -38.75 -14.42 1.53
C ASP C 63 -38.99 -12.92 1.66
N GLY C 64 -38.65 -12.14 0.64
CA GLY C 64 -38.87 -10.72 0.63
C GLY C 64 -37.63 -9.86 0.81
N ALA C 65 -36.45 -10.38 0.49
CA ALA C 65 -35.22 -9.62 0.63
C ALA C 65 -34.88 -8.91 -0.67
N GLU C 66 -34.59 -7.62 -0.56
CA GLU C 66 -34.11 -6.84 -1.70
C GLU C 66 -32.62 -7.04 -1.86
N VAL C 67 -32.20 -7.40 -3.07
CA VAL C 67 -30.84 -7.83 -3.35
C VAL C 67 -30.42 -7.33 -4.73
N ASP C 68 -29.20 -7.67 -5.12
CA ASP C 68 -28.66 -7.33 -6.42
C ASP C 68 -29.21 -8.29 -7.49
N LEU C 69 -29.16 -7.82 -8.74
CA LEU C 69 -29.68 -8.60 -9.85
C LEU C 69 -28.87 -9.86 -10.12
N ASP C 70 -27.64 -9.95 -9.61
CA ASP C 70 -26.84 -11.16 -9.80
C ASP C 70 -27.56 -12.38 -9.25
N LEU C 71 -28.33 -12.21 -8.18
CA LEU C 71 -29.11 -13.33 -7.65
C LEU C 71 -30.26 -13.69 -8.59
N GLY C 72 -30.86 -12.69 -9.23
CA GLY C 72 -31.80 -12.99 -10.30
C GLY C 72 -31.17 -13.82 -11.40
N ASN C 73 -29.94 -13.48 -11.79
CA ASN C 73 -29.25 -14.25 -12.82
C ASN C 73 -28.98 -15.67 -12.35
N TYR C 74 -28.55 -15.83 -11.09
CA TYR C 74 -28.37 -17.17 -10.54
C TYR C 74 -29.66 -17.97 -10.64
N GLU C 75 -30.77 -17.38 -10.19
CA GLU C 75 -32.04 -18.08 -10.21
C GLU C 75 -32.45 -18.47 -11.61
N ARG C 76 -32.29 -17.56 -12.56
CA ARG C 76 -32.71 -17.83 -13.93
C ARG C 76 -31.83 -18.92 -14.57
N PHE C 77 -30.54 -18.93 -14.26
CA PHE C 77 -29.63 -19.86 -14.92
C PHE C 77 -29.68 -21.26 -14.29
N LEU C 78 -29.68 -21.33 -12.96
CA LEU C 78 -29.56 -22.59 -12.26
C LEU C 78 -30.88 -23.16 -11.76
N ASP C 79 -31.97 -22.38 -11.84
CA ASP C 79 -33.29 -22.83 -11.40
C ASP C 79 -33.26 -23.16 -9.90
N VAL C 80 -32.93 -22.15 -9.11
CA VAL C 80 -32.85 -22.27 -7.66
C VAL C 80 -33.72 -21.19 -7.02
N THR C 81 -33.87 -21.31 -5.71
CA THR C 81 -34.60 -20.33 -4.89
C THR C 81 -33.70 -19.95 -3.73
N LEU C 82 -33.27 -18.71 -3.71
CA LEU C 82 -32.28 -18.24 -2.74
C LEU C 82 -32.96 -17.44 -1.63
N HIS C 83 -32.21 -17.24 -0.55
CA HIS C 83 -32.73 -16.65 0.68
C HIS C 83 -31.93 -15.41 1.05
N ARG C 84 -32.34 -14.79 2.16
CA ARG C 84 -31.74 -13.56 2.63
C ARG C 84 -30.30 -13.75 3.07
N ASP C 85 -29.91 -14.96 3.44
CA ASP C 85 -28.55 -15.24 3.90
C ASP C 85 -27.57 -15.53 2.77
N ASN C 86 -28.07 -15.66 1.54
CA ASN C 86 -27.20 -15.75 0.38
C ASN C 86 -26.66 -14.40 -0.06
N ASN C 87 -26.95 -13.34 0.69
CA ASN C 87 -26.50 -11.99 0.39
C ASN C 87 -25.84 -11.43 1.64
N ILE C 88 -24.52 -11.46 1.68
CA ILE C 88 -23.74 -10.95 2.80
C ILE C 88 -23.37 -9.50 2.52
N THR C 89 -23.42 -8.66 3.55
CA THR C 89 -22.97 -7.28 3.44
C THR C 89 -22.18 -6.89 4.68
N THR C 90 -21.43 -5.79 4.53
CA THR C 90 -20.66 -5.25 5.64
C THR C 90 -21.55 -4.80 6.78
N GLY C 91 -22.70 -4.20 6.45
CA GLY C 91 -23.63 -3.78 7.48
C GLY C 91 -24.09 -4.93 8.35
N LYS C 92 -24.53 -6.02 7.73
CA LYS C 92 -24.97 -7.19 8.47
C LYS C 92 -23.85 -7.72 9.37
N ILE C 93 -22.66 -7.84 8.81
CA ILE C 93 -21.53 -8.40 9.56
C ILE C 93 -21.24 -7.54 10.78
N TYR C 94 -21.14 -6.23 10.59
CA TYR C 94 -20.80 -5.35 11.70
C TYR C 94 -21.90 -5.33 12.74
N LYS C 95 -23.17 -5.34 12.31
CA LYS C 95 -24.27 -5.39 13.26
C LYS C 95 -24.21 -6.66 14.11
N LEU C 96 -24.03 -7.81 13.45
CA LEU C 96 -23.96 -9.08 14.16
C LEU C 96 -22.80 -9.10 15.15
N VAL C 97 -21.63 -8.64 14.72
CA VAL C 97 -20.45 -8.66 15.60
C VAL C 97 -20.66 -7.71 16.78
N ILE C 98 -21.20 -6.52 16.52
CA ILE C 98 -21.42 -5.56 17.60
C ILE C 98 -22.43 -6.11 18.60
N GLU C 99 -23.45 -6.81 18.11
CA GLU C 99 -24.41 -7.43 19.01
C GLU C 99 -23.75 -8.48 19.88
N LYS C 100 -22.98 -9.37 19.27
CA LYS C 100 -22.29 -10.41 20.03
C LYS C 100 -21.36 -9.80 21.07
N GLU C 101 -20.70 -8.69 20.74
CA GLU C 101 -19.80 -8.06 21.69
C GLU C 101 -20.55 -7.41 22.84
N ARG C 102 -21.67 -6.75 22.53
CA ARG C 102 -22.51 -6.19 23.59
C ARG C 102 -23.21 -7.26 24.41
N THR C 103 -23.20 -8.51 23.95
CA THR C 103 -23.71 -9.61 24.78
C THR C 103 -22.63 -10.11 25.72
N GLY C 104 -21.41 -10.27 25.22
CA GLY C 104 -20.32 -10.76 26.04
C GLY C 104 -19.77 -12.08 25.55
N GLU C 105 -19.79 -12.31 24.24
CA GLU C 105 -19.30 -13.55 23.66
C GLU C 105 -17.80 -13.55 23.42
N TYR C 106 -17.13 -12.41 23.60
CA TYR C 106 -15.67 -12.33 23.57
C TYR C 106 -15.14 -11.62 24.80
N LEU C 107 -15.81 -11.82 25.94
CA LEU C 107 -15.47 -11.09 27.14
C LEU C 107 -13.98 -11.21 27.47
N GLY C 108 -13.35 -10.08 27.73
CA GLY C 108 -11.94 -10.01 28.02
C GLY C 108 -11.07 -9.63 26.83
N LYS C 109 -11.60 -9.76 25.61
CA LYS C 109 -10.82 -9.59 24.40
C LYS C 109 -11.24 -8.32 23.65
N THR C 110 -10.27 -7.73 22.97
CA THR C 110 -10.52 -6.61 22.07
C THR C 110 -11.06 -7.11 20.75
N VAL C 111 -12.19 -6.57 20.33
CA VAL C 111 -12.83 -6.97 19.08
C VAL C 111 -12.29 -6.12 17.96
N GLN C 112 -11.67 -6.77 16.98
CA GLN C 112 -11.03 -6.11 15.85
C GLN C 112 -11.53 -6.74 14.56
N VAL C 113 -11.15 -6.13 13.44
CA VAL C 113 -11.49 -6.68 12.13
C VAL C 113 -10.89 -8.08 12.01
N VAL C 114 -9.59 -8.20 12.24
CA VAL C 114 -8.92 -9.49 12.37
C VAL C 114 -8.73 -9.76 13.86
N PRO C 115 -9.20 -10.89 14.39
CA PRO C 115 -9.79 -12.04 13.69
C PRO C 115 -11.31 -12.06 13.55
N HIS C 116 -12.03 -11.14 14.19
CA HIS C 116 -13.44 -11.37 14.48
C HIS C 116 -14.34 -11.18 13.25
N ILE C 117 -14.16 -10.08 12.53
CA ILE C 117 -14.99 -9.83 11.34
C ILE C 117 -14.73 -10.91 10.30
N THR C 118 -13.46 -11.24 10.07
CA THR C 118 -13.11 -12.27 9.09
C THR C 118 -13.64 -13.64 9.51
N ASP C 119 -13.54 -13.97 10.80
CA ASP C 119 -14.11 -15.21 11.30
C ASP C 119 -15.60 -15.26 11.04
N ALA C 120 -16.33 -14.20 11.41
CA ALA C 120 -17.75 -14.14 11.14
C ALA C 120 -18.04 -14.42 9.66
N ILE C 121 -17.27 -13.79 8.77
CA ILE C 121 -17.49 -13.98 7.34
C ILE C 121 -17.32 -15.45 6.97
N GLN C 122 -16.24 -16.07 7.45
CA GLN C 122 -15.98 -17.47 7.11
C GLN C 122 -17.06 -18.39 7.67
N GLU C 123 -17.49 -18.13 8.91
CA GLU C 123 -18.55 -18.95 9.49
C GLU C 123 -19.83 -18.83 8.69
N TRP C 124 -20.20 -17.61 8.30
CA TRP C 124 -21.39 -17.39 7.47
C TRP C 124 -21.28 -18.17 6.16
N VAL C 125 -20.14 -18.08 5.49
CA VAL C 125 -19.98 -18.76 4.21
C VAL C 125 -20.07 -20.27 4.38
N GLU C 126 -19.30 -20.82 5.33
CA GLU C 126 -19.40 -22.23 5.67
C GLU C 126 -20.84 -22.65 5.89
N ARG C 127 -21.56 -21.90 6.74
CA ARG C 127 -22.93 -22.24 7.09
C ARG C 127 -23.82 -22.29 5.85
N VAL C 128 -23.81 -21.22 5.05
CA VAL C 128 -24.77 -21.11 3.97
C VAL C 128 -24.42 -22.05 2.82
N ALA C 129 -23.13 -22.36 2.62
CA ALA C 129 -22.77 -23.23 1.52
C ALA C 129 -23.32 -24.65 1.70
N GLN C 130 -23.43 -25.12 2.94
CA GLN C 130 -23.95 -26.46 3.20
C GLN C 130 -25.46 -26.51 3.15
N THR C 131 -26.14 -25.38 3.08
CA THR C 131 -27.59 -25.36 3.18
C THR C 131 -28.21 -25.76 1.85
N PRO C 132 -29.11 -26.75 1.83
CA PRO C 132 -29.80 -27.09 0.59
C PRO C 132 -30.58 -25.90 0.04
N VAL C 133 -30.63 -25.81 -1.28
CA VAL C 133 -31.24 -24.66 -1.96
C VAL C 133 -32.25 -25.05 -3.02
N GLN C 134 -32.22 -26.27 -3.56
CA GLN C 134 -33.21 -26.70 -4.53
C GLN C 134 -33.95 -27.92 -4.00
N GLY C 135 -34.35 -27.85 -2.73
CA GLY C 135 -34.94 -28.97 -2.03
C GLY C 135 -34.17 -29.26 -0.76
N SER C 136 -33.81 -30.52 -0.56
CA SER C 136 -32.83 -30.90 0.46
C SER C 136 -31.56 -31.45 -0.16
N SER C 137 -31.32 -31.15 -1.44
CA SER C 137 -30.06 -31.51 -2.08
C SER C 137 -28.89 -31.08 -1.23
N LYS C 138 -27.81 -31.85 -1.28
CA LYS C 138 -26.59 -31.50 -0.55
C LYS C 138 -25.65 -30.78 -1.50
N PRO C 139 -25.44 -29.47 -1.35
CA PRO C 139 -24.56 -28.77 -2.29
C PRO C 139 -23.13 -29.28 -2.21
N GLN C 140 -22.51 -29.43 -3.39
CA GLN C 140 -21.13 -29.87 -3.50
C GLN C 140 -20.18 -28.78 -3.93
N VAL C 141 -20.69 -27.67 -4.47
CA VAL C 141 -19.87 -26.54 -4.89
C VAL C 141 -20.63 -25.26 -4.58
N CYS C 142 -19.91 -24.25 -4.10
CA CYS C 142 -20.47 -22.93 -3.87
C CYS C 142 -19.72 -21.91 -4.70
N ILE C 143 -20.46 -21.09 -5.42
CA ILE C 143 -19.91 -19.97 -6.19
C ILE C 143 -20.14 -18.72 -5.37
N VAL C 144 -19.06 -18.09 -4.91
CA VAL C 144 -19.13 -16.85 -4.15
C VAL C 144 -18.66 -15.73 -5.05
N GLU C 145 -19.48 -14.67 -5.15
CA GLU C 145 -19.17 -13.51 -5.98
C GLU C 145 -18.90 -12.31 -5.08
N LEU C 146 -17.68 -11.80 -5.11
CA LEU C 146 -17.29 -10.66 -4.30
C LEU C 146 -17.56 -9.37 -5.10
N GLY C 147 -18.48 -8.56 -4.61
CA GLY C 147 -18.88 -7.38 -5.34
C GLY C 147 -17.88 -6.25 -5.24
N GLY C 148 -17.98 -5.34 -6.19
CA GLY C 148 -17.08 -4.21 -6.26
C GLY C 148 -15.77 -4.57 -6.96
N THR C 149 -14.81 -3.66 -6.83
CA THR C 149 -13.49 -3.84 -7.40
C THR C 149 -12.48 -4.09 -6.29
N ILE C 150 -11.54 -5.01 -6.55
CA ILE C 150 -10.42 -5.19 -5.64
C ILE C 150 -9.68 -3.87 -5.49
N GLY C 151 -9.47 -3.46 -4.25
CA GLY C 151 -8.90 -2.16 -3.94
C GLY C 151 -9.86 -1.23 -3.24
N ASP C 152 -11.16 -1.43 -3.40
CA ASP C 152 -12.14 -0.65 -2.66
C ASP C 152 -11.88 -0.76 -1.16
N ILE C 153 -12.11 0.35 -0.45
CA ILE C 153 -11.84 0.38 0.99
C ILE C 153 -12.80 -0.56 1.72
N GLU C 154 -14.00 -0.74 1.19
CA GLU C 154 -15.03 -1.50 1.89
C GLU C 154 -14.80 -3.00 1.86
N GLY C 155 -14.05 -3.50 0.89
CA GLY C 155 -13.90 -4.94 0.71
C GLY C 155 -12.57 -5.52 1.16
N MET C 156 -11.83 -4.78 1.98
CA MET C 156 -10.55 -5.27 2.46
C MET C 156 -10.74 -6.38 3.49
N PRO C 157 -11.71 -6.28 4.40
CA PRO C 157 -11.98 -7.40 5.32
C PRO C 157 -12.21 -8.70 4.58
N PHE C 158 -13.19 -8.69 3.67
CA PHE C 158 -13.57 -9.90 2.96
C PHE C 158 -12.36 -10.58 2.32
N VAL C 159 -11.60 -9.81 1.52
CA VAL C 159 -10.38 -10.36 0.93
C VAL C 159 -9.56 -11.08 1.99
N GLU C 160 -9.22 -10.37 3.06
CA GLU C 160 -8.45 -10.98 4.13
C GLU C 160 -9.08 -12.29 4.59
N ALA C 161 -10.38 -12.25 4.86
CA ALA C 161 -11.10 -13.46 5.25
C ALA C 161 -10.74 -14.62 4.32
N PHE C 162 -10.90 -14.41 3.02
CA PHE C 162 -10.71 -15.51 2.09
C PHE C 162 -9.25 -15.92 2.02
N ARG C 163 -8.32 -14.98 2.20
CA ARG C 163 -6.92 -15.36 2.28
C ARG C 163 -6.70 -16.42 3.35
N GLN C 164 -7.42 -16.32 4.47
CA GLN C 164 -7.39 -17.37 5.47
C GLN C 164 -8.19 -18.59 5.05
N PHE C 165 -9.37 -18.37 4.47
CA PHE C 165 -10.24 -19.47 4.08
C PHE C 165 -9.53 -20.48 3.19
N GLN C 166 -8.69 -20.02 2.28
CA GLN C 166 -8.06 -20.94 1.34
C GLN C 166 -7.14 -21.92 2.05
N PHE C 167 -6.59 -21.55 3.21
CA PHE C 167 -5.83 -22.49 4.02
C PHE C 167 -6.70 -23.25 5.00
N ARG C 168 -7.89 -22.73 5.30
CA ARG C 168 -8.82 -23.43 6.18
C ARG C 168 -9.49 -24.58 5.43
N VAL C 169 -9.70 -24.42 4.12
CA VAL C 169 -10.36 -25.44 3.31
C VAL C 169 -9.43 -26.06 2.28
N LYS C 170 -8.11 -26.07 2.52
CA LYS C 170 -7.26 -26.97 1.76
C LYS C 170 -7.25 -26.71 0.26
N ARG C 171 -6.33 -25.83 -0.17
CA ARG C 171 -6.26 -25.31 -1.53
C ARG C 171 -6.98 -26.18 -2.55
N GLU C 172 -6.85 -27.50 -2.48
CA GLU C 172 -7.49 -28.37 -3.44
C GLU C 172 -9.01 -28.37 -3.35
N ASN C 173 -9.61 -27.50 -2.52
CA ASN C 173 -11.04 -27.27 -2.51
C ASN C 173 -11.41 -25.82 -2.77
N PHE C 174 -10.46 -25.01 -3.25
CA PHE C 174 -10.67 -23.58 -3.38
C PHE C 174 -10.02 -23.09 -4.68
N CYS C 175 -10.77 -22.30 -5.45
CA CYS C 175 -10.30 -21.77 -6.72
C CYS C 175 -10.81 -20.36 -6.89
N LEU C 176 -10.00 -19.50 -7.51
CA LEU C 176 -10.31 -18.09 -7.67
C LEU C 176 -10.26 -17.69 -9.14
N ALA C 177 -11.26 -16.91 -9.55
CA ALA C 177 -11.36 -16.38 -10.91
C ALA C 177 -11.50 -14.86 -10.84
N HIS C 178 -10.62 -14.16 -11.55
CA HIS C 178 -10.59 -12.70 -11.56
C HIS C 178 -11.08 -12.19 -12.90
N VAL C 179 -12.18 -11.44 -12.87
CA VAL C 179 -12.79 -10.88 -14.07
C VAL C 179 -12.33 -9.43 -14.21
N SER C 180 -11.64 -9.13 -15.30
CA SER C 180 -11.03 -7.83 -15.49
C SER C 180 -11.33 -7.28 -16.88
N LEU C 181 -11.49 -5.96 -16.94
CA LEU C 181 -11.79 -5.26 -18.17
C LEU C 181 -10.53 -4.99 -18.97
N VAL C 182 -10.61 -5.21 -20.28
CA VAL C 182 -9.54 -4.90 -21.21
C VAL C 182 -10.06 -3.84 -22.19
N PRO C 183 -9.82 -2.57 -21.93
CA PRO C 183 -10.40 -1.52 -22.78
C PRO C 183 -9.61 -1.29 -24.06
N LEU C 184 -10.33 -0.78 -25.05
CA LEU C 184 -9.76 -0.41 -26.36
C LEU C 184 -10.22 1.00 -26.68
N PRO C 185 -9.51 2.02 -26.18
CA PRO C 185 -9.91 3.39 -26.48
C PRO C 185 -9.69 3.73 -27.94
N LYS C 186 -10.65 4.48 -28.50
CA LYS C 186 -10.62 4.80 -29.92
C LYS C 186 -9.36 5.58 -30.29
N ALA C 187 -9.02 6.60 -29.51
CA ALA C 187 -7.87 7.42 -29.82
C ALA C 187 -6.56 6.75 -29.47
N THR C 188 -6.55 5.86 -28.48
CA THR C 188 -5.34 5.12 -28.15
C THR C 188 -4.97 4.13 -29.26
N GLY C 189 -5.96 3.40 -29.76
CA GLY C 189 -5.77 2.53 -30.90
C GLY C 189 -5.25 1.14 -30.60
N GLU C 190 -5.47 0.63 -29.39
CA GLU C 190 -5.06 -0.73 -29.07
C GLU C 190 -5.68 -1.17 -27.76
N PRO C 191 -5.93 -2.48 -27.59
CA PRO C 191 -6.44 -2.96 -26.30
C PRO C 191 -5.38 -2.82 -25.21
N LYS C 192 -5.81 -2.29 -24.08
CA LYS C 192 -4.90 -1.96 -23.00
C LYS C 192 -4.99 -2.99 -21.88
N THR C 193 -3.82 -3.36 -21.35
CA THR C 193 -3.68 -4.44 -20.40
C THR C 193 -3.27 -3.99 -19.01
N LYS C 194 -2.89 -2.73 -18.85
CA LYS C 194 -2.35 -2.20 -17.60
C LYS C 194 -3.36 -2.23 -16.46
N PRO C 195 -4.63 -1.91 -16.70
CA PRO C 195 -5.61 -2.02 -15.60
C PRO C 195 -5.73 -3.42 -15.03
N THR C 196 -5.75 -4.44 -15.90
CA THR C 196 -5.79 -5.82 -15.42
C THR C 196 -4.53 -6.15 -14.62
N GLN C 197 -3.37 -5.71 -15.10
CA GLN C 197 -2.12 -5.94 -14.38
C GLN C 197 -2.19 -5.32 -12.99
N SER C 198 -2.66 -4.08 -12.90
CA SER C 198 -2.72 -3.40 -11.61
C SER C 198 -3.75 -4.06 -10.69
N SER C 199 -4.86 -4.53 -11.24
CA SER C 199 -5.85 -5.20 -10.40
C SER C 199 -5.30 -6.51 -9.85
N VAL C 200 -4.58 -7.27 -10.68
CA VAL C 200 -3.98 -8.52 -10.21
C VAL C 200 -2.90 -8.23 -9.17
N ARG C 201 -2.16 -7.13 -9.35
CA ARG C 201 -1.17 -6.73 -8.34
C ARG C 201 -1.85 -6.41 -7.01
N GLU C 202 -2.93 -5.63 -7.05
CA GLU C 202 -3.66 -5.31 -5.84
C GLU C 202 -4.21 -6.57 -5.18
N LEU C 203 -4.66 -7.53 -5.99
CA LEU C 203 -5.17 -8.79 -5.45
C LEU C 203 -4.07 -9.57 -4.76
N ARG C 204 -2.92 -9.73 -5.42
CA ARG C 204 -1.80 -10.44 -4.82
C ARG C 204 -1.23 -9.72 -3.60
N GLY C 205 -1.42 -8.41 -3.51
CA GLY C 205 -1.07 -7.66 -2.32
C GLY C 205 -1.96 -7.90 -1.14
N CYS C 206 -2.88 -8.86 -1.26
CA CYS C 206 -3.77 -9.24 -0.17
C CYS C 206 -3.71 -10.73 0.12
N GLY C 207 -2.73 -11.44 -0.43
CA GLY C 207 -2.52 -12.84 -0.14
C GLY C 207 -3.23 -13.82 -1.04
N LEU C 208 -3.96 -13.35 -2.04
CA LEU C 208 -4.71 -14.21 -2.94
C LEU C 208 -4.05 -14.26 -4.31
N SER C 209 -4.20 -15.40 -4.98
CA SER C 209 -3.60 -15.63 -6.28
C SER C 209 -4.67 -16.16 -7.24
N PRO C 210 -4.82 -15.59 -8.43
CA PRO C 210 -5.83 -16.09 -9.35
C PRO C 210 -5.48 -17.46 -9.90
N ASP C 211 -6.51 -18.30 -10.02
CA ASP C 211 -6.41 -19.55 -10.76
C ASP C 211 -6.96 -19.41 -12.17
N LEU C 212 -7.85 -18.45 -12.40
CA LEU C 212 -8.31 -18.11 -13.74
C LEU C 212 -8.41 -16.59 -13.86
N ILE C 213 -8.10 -16.09 -15.04
CA ILE C 213 -8.28 -14.68 -15.38
C ILE C 213 -9.22 -14.61 -16.58
N VAL C 214 -10.37 -13.99 -16.38
CA VAL C 214 -11.37 -13.81 -17.42
C VAL C 214 -11.30 -12.37 -17.89
N CYS C 215 -10.86 -12.18 -19.14
CA CYS C 215 -10.69 -10.87 -19.72
C CYS C 215 -11.95 -10.49 -20.48
N ARG C 216 -12.53 -9.35 -20.15
CA ARG C 216 -13.77 -8.87 -20.74
C ARG C 216 -13.45 -7.73 -21.69
N SER C 217 -13.90 -7.86 -22.93
CA SER C 217 -13.69 -6.83 -23.95
C SER C 217 -14.93 -6.75 -24.82
N GLU C 218 -15.06 -5.63 -25.53
CA GLU C 218 -16.16 -5.48 -26.47
C GLU C 218 -15.99 -6.41 -27.66
N LYS C 219 -14.78 -6.50 -28.19
CA LYS C 219 -14.43 -7.37 -29.30
C LYS C 219 -13.40 -8.40 -28.85
N PRO C 220 -13.20 -9.47 -29.62
CA PRO C 220 -12.17 -10.44 -29.26
C PRO C 220 -10.77 -9.86 -29.39
N ILE C 221 -9.87 -10.36 -28.55
CA ILE C 221 -8.49 -9.91 -28.51
C ILE C 221 -7.60 -11.00 -29.10
N GLY C 222 -6.49 -10.57 -29.69
CA GLY C 222 -5.55 -11.49 -30.30
C GLY C 222 -4.73 -12.25 -29.29
N LEU C 223 -3.90 -13.16 -29.82
CA LEU C 223 -3.02 -13.95 -28.97
C LEU C 223 -1.89 -13.12 -28.38
N GLU C 224 -1.57 -11.99 -28.98
CA GLU C 224 -0.55 -11.11 -28.43
C GLU C 224 -0.98 -10.52 -27.09
N VAL C 225 -2.22 -10.04 -27.01
CA VAL C 225 -2.73 -9.50 -25.76
C VAL C 225 -2.83 -10.60 -24.71
N LYS C 226 -3.27 -11.79 -25.12
CA LYS C 226 -3.33 -12.92 -24.21
C LYS C 226 -1.95 -13.23 -23.65
N GLU C 227 -0.93 -13.26 -24.51
CA GLU C 227 0.42 -13.55 -24.06
C GLU C 227 0.92 -12.48 -23.10
N LYS C 228 0.64 -11.21 -23.41
CA LYS C 228 1.03 -10.13 -22.51
C LYS C 228 0.40 -10.31 -21.14
N ILE C 229 -0.89 -10.64 -21.11
CA ILE C 229 -1.58 -10.83 -19.84
C ILE C 229 -0.98 -12.01 -19.08
N SER C 230 -0.76 -13.12 -19.77
CA SER C 230 -0.22 -14.30 -19.12
C SER C 230 1.17 -14.04 -18.54
N ASN C 231 1.98 -13.24 -19.24
CA ASN C 231 3.34 -12.99 -18.77
C ASN C 231 3.38 -11.98 -17.65
N PHE C 232 2.65 -10.87 -17.78
CA PHE C 232 2.69 -9.79 -16.79
C PHE C 232 1.73 -10.02 -15.62
N CYS C 233 0.95 -11.10 -15.64
CA CYS C 233 0.10 -11.45 -14.52
C CYS C 233 0.39 -12.84 -13.98
N HIS C 234 1.28 -13.59 -14.63
CA HIS C 234 1.90 -14.77 -14.04
C HIS C 234 0.92 -15.93 -13.89
N VAL C 235 0.12 -16.18 -14.92
CA VAL C 235 -0.68 -17.39 -15.03
C VAL C 235 -0.38 -18.02 -16.38
N GLY C 236 -0.81 -19.27 -16.53
CA GLY C 236 -0.61 -19.99 -17.76
C GLY C 236 -1.54 -19.53 -18.86
N PRO C 237 -1.10 -19.63 -20.11
CA PRO C 237 -1.96 -19.20 -21.22
C PRO C 237 -3.27 -19.96 -21.32
N ASP C 238 -3.31 -21.19 -20.81
CA ASP C 238 -4.56 -21.94 -20.75
C ASP C 238 -5.50 -21.43 -19.66
N GLN C 239 -5.01 -20.55 -18.77
CA GLN C 239 -5.79 -20.02 -17.68
C GLN C 239 -6.30 -18.61 -17.95
N VAL C 240 -6.26 -18.17 -19.21
CA VAL C 240 -6.73 -16.85 -19.61
C VAL C 240 -7.93 -17.07 -20.52
N ILE C 241 -9.12 -16.86 -19.98
CA ILE C 241 -10.37 -17.00 -20.72
C ILE C 241 -10.79 -15.61 -21.18
N CYS C 242 -11.00 -15.46 -22.47
CA CYS C 242 -11.38 -14.17 -23.06
C CYS C 242 -12.85 -14.25 -23.46
N ILE C 243 -13.69 -13.53 -22.72
CA ILE C 243 -15.13 -13.47 -22.96
C ILE C 243 -15.44 -12.08 -23.45
N HIS C 244 -15.81 -11.96 -24.72
CA HIS C 244 -16.16 -10.68 -25.32
C HIS C 244 -17.66 -10.45 -25.26
N ASP C 245 -18.09 -9.30 -25.74
CA ASP C 245 -19.50 -8.94 -25.71
C ASP C 245 -20.26 -9.75 -26.76
N LEU C 246 -21.35 -10.38 -26.32
CA LEU C 246 -22.14 -11.28 -27.14
C LEU C 246 -23.57 -10.78 -27.24
N ASN C 247 -24.31 -11.36 -28.18
CA ASN C 247 -25.69 -10.94 -28.42
C ASN C 247 -26.58 -11.33 -27.26
N SER C 248 -26.51 -12.58 -26.83
CA SER C 248 -27.18 -13.05 -25.63
C SER C 248 -26.16 -13.66 -24.69
N ILE C 249 -26.52 -13.71 -23.41
CA ILE C 249 -25.65 -14.32 -22.42
C ILE C 249 -25.73 -15.82 -22.42
N TYR C 250 -26.73 -16.39 -23.10
CA TYR C 250 -26.77 -17.84 -23.28
C TYR C 250 -25.50 -18.36 -23.94
N HIS C 251 -24.82 -17.50 -24.71
CA HIS C 251 -23.59 -17.91 -25.38
C HIS C 251 -22.41 -18.02 -24.42
N VAL C 252 -22.50 -17.39 -23.24
CA VAL C 252 -21.34 -17.36 -22.34
C VAL C 252 -20.94 -18.75 -21.88
N PRO C 253 -21.82 -19.57 -21.31
CA PRO C 253 -21.39 -20.92 -20.90
C PRO C 253 -20.81 -21.73 -22.04
N LEU C 254 -21.43 -21.70 -23.22
CA LEU C 254 -20.87 -22.40 -24.36
C LEU C 254 -19.45 -21.96 -24.64
N LEU C 255 -19.23 -20.65 -24.77
CA LEU C 255 -17.90 -20.13 -24.99
C LEU C 255 -16.93 -20.58 -23.91
N MET C 256 -17.43 -20.87 -22.71
CA MET C 256 -16.57 -21.41 -21.66
C MET C 256 -16.24 -22.87 -21.92
N GLU C 257 -17.25 -23.67 -22.25
CA GLU C 257 -17.00 -25.06 -22.63
C GLU C 257 -16.04 -25.14 -23.80
N GLN C 258 -16.12 -24.17 -24.71
CA GLN C 258 -15.24 -24.15 -25.88
C GLN C 258 -13.80 -23.84 -25.50
N ASN C 259 -13.55 -23.33 -24.31
CA ASN C 259 -12.21 -22.95 -23.87
C ASN C 259 -11.67 -23.90 -22.79
N GLY C 260 -12.38 -24.98 -22.48
CA GLY C 260 -11.85 -25.99 -21.58
C GLY C 260 -11.97 -25.66 -20.12
N VAL C 261 -13.02 -24.96 -19.70
CA VAL C 261 -13.18 -24.64 -18.29
C VAL C 261 -13.61 -25.87 -17.50
N ILE C 262 -14.40 -26.76 -18.11
CA ILE C 262 -14.86 -27.95 -17.40
C ILE C 262 -13.68 -28.85 -17.07
N GLU C 263 -12.80 -29.09 -18.04
CA GLU C 263 -11.64 -29.93 -17.79
C GLU C 263 -10.73 -29.33 -16.74
N TYR C 264 -10.49 -28.01 -16.82
CA TYR C 264 -9.63 -27.36 -15.84
C TYR C 264 -10.23 -27.46 -14.44
N LEU C 265 -11.54 -27.26 -14.31
CA LEU C 265 -12.15 -27.33 -12.99
C LEU C 265 -12.20 -28.75 -12.47
N ASN C 266 -12.32 -29.74 -13.34
CA ASN C 266 -12.28 -31.13 -12.91
C ASN C 266 -10.89 -31.55 -12.50
N GLU C 267 -9.86 -30.95 -13.10
CA GLU C 267 -8.48 -31.25 -12.74
C GLU C 267 -8.02 -30.48 -11.49
N ARG C 268 -8.55 -29.28 -11.29
CA ARG C 268 -8.07 -28.40 -10.23
C ARG C 268 -8.79 -28.67 -8.92
N LEU C 269 -10.10 -28.89 -8.97
CA LEU C 269 -10.89 -29.18 -7.78
C LEU C 269 -11.12 -30.66 -7.56
N GLN C 270 -10.68 -31.51 -8.49
CA GLN C 270 -10.81 -32.96 -8.38
C GLN C 270 -12.28 -33.34 -8.21
N LEU C 271 -13.07 -33.04 -9.24
CA LEU C 271 -14.50 -33.30 -9.22
C LEU C 271 -14.83 -34.73 -9.64
N ASN C 272 -13.92 -35.41 -10.33
CA ASN C 272 -14.13 -36.78 -10.76
C ASN C 272 -15.38 -36.91 -11.63
N ILE C 273 -15.35 -36.22 -12.76
CA ILE C 273 -16.43 -36.24 -13.73
C ILE C 273 -16.07 -37.21 -14.84
N ASP C 274 -17.01 -38.07 -15.20
CA ASP C 274 -16.83 -39.00 -16.31
C ASP C 274 -17.30 -38.30 -17.58
N MET C 275 -16.38 -38.10 -18.52
CA MET C 275 -16.64 -37.17 -19.61
C MET C 275 -17.21 -37.86 -20.85
N SER C 276 -16.89 -39.14 -21.05
CA SER C 276 -17.62 -39.89 -22.07
C SER C 276 -19.13 -39.82 -21.86
N LYS C 277 -19.55 -39.47 -20.65
CA LYS C 277 -20.95 -39.27 -20.30
C LYS C 277 -21.44 -37.86 -20.60
N ARG C 278 -20.59 -36.84 -20.44
CA ARG C 278 -21.04 -35.47 -20.31
C ARG C 278 -21.44 -34.81 -21.63
N THR C 279 -21.16 -35.42 -22.77
CA THR C 279 -21.54 -34.81 -24.03
C THR C 279 -23.06 -34.54 -24.04
N LYS C 280 -23.45 -33.56 -24.85
CA LYS C 280 -24.83 -33.09 -24.91
C LYS C 280 -25.28 -32.49 -23.59
N CYS C 281 -24.35 -32.04 -22.75
CA CYS C 281 -24.71 -31.48 -21.46
C CYS C 281 -25.42 -30.14 -21.61
N LEU C 282 -24.93 -29.29 -22.50
CA LEU C 282 -25.45 -27.95 -22.68
C LEU C 282 -26.39 -27.83 -23.88
N GLN C 283 -27.16 -28.88 -24.17
CA GLN C 283 -28.06 -28.83 -25.30
C GLN C 283 -29.15 -27.78 -25.11
N GLN C 284 -29.61 -27.60 -23.87
CA GLN C 284 -30.60 -26.56 -23.59
C GLN C 284 -30.08 -25.19 -24.03
N TRP C 285 -28.89 -24.82 -23.58
CA TRP C 285 -28.35 -23.51 -23.91
C TRP C 285 -28.01 -23.40 -25.39
N ARG C 286 -27.61 -24.49 -26.02
CA ARG C 286 -27.37 -24.47 -27.46
C ARG C 286 -28.66 -24.17 -28.21
N ASP C 287 -29.74 -24.87 -27.86
CA ASP C 287 -31.03 -24.62 -28.50
C ASP C 287 -31.47 -23.18 -28.28
N LEU C 288 -31.35 -22.68 -27.05
CA LEU C 288 -31.77 -21.32 -26.77
C LEU C 288 -30.95 -20.31 -27.57
N ALA C 289 -29.61 -20.44 -27.54
CA ALA C 289 -28.76 -19.50 -28.25
C ALA C 289 -29.03 -19.53 -29.74
N ARG C 290 -29.31 -20.70 -30.30
CA ARG C 290 -29.62 -20.78 -31.71
C ARG C 290 -30.96 -20.11 -32.01
N ARG C 291 -32.02 -20.56 -31.34
CA ARG C 291 -33.34 -19.97 -31.56
C ARG C 291 -33.33 -18.46 -31.41
N THR C 292 -32.45 -17.93 -30.55
CA THR C 292 -32.32 -16.49 -30.44
C THR C 292 -31.70 -15.86 -31.69
N GLU C 293 -31.22 -16.66 -32.64
CA GLU C 293 -30.62 -16.15 -33.86
C GLU C 293 -31.43 -16.45 -35.11
N THR C 294 -32.48 -17.27 -35.01
CA THR C 294 -33.25 -17.70 -36.17
C THR C 294 -34.62 -17.03 -36.27
N VAL C 295 -34.96 -16.14 -35.35
CA VAL C 295 -36.30 -15.56 -35.28
C VAL C 295 -36.28 -14.23 -36.03
N ARG C 296 -37.14 -14.11 -37.04
CA ARG C 296 -37.28 -12.88 -37.83
C ARG C 296 -38.77 -12.55 -37.94
N ARG C 297 -39.30 -11.87 -36.92
CA ARG C 297 -40.68 -11.39 -36.95
C ARG C 297 -40.86 -9.97 -36.44
N GLU C 298 -39.97 -9.46 -35.59
CA GLU C 298 -39.90 -8.03 -35.26
C GLU C 298 -41.21 -7.53 -34.65
N VAL C 299 -41.50 -8.04 -33.45
CA VAL C 299 -42.49 -7.42 -32.59
C VAL C 299 -41.83 -6.28 -31.83
N CYS C 300 -42.47 -5.12 -31.84
CA CYS C 300 -41.90 -3.89 -31.29
C CYS C 300 -42.70 -3.44 -30.08
N ILE C 301 -42.03 -3.34 -28.94
CA ILE C 301 -42.66 -3.01 -27.66
C ILE C 301 -42.09 -1.69 -27.16
N ALA C 302 -42.95 -0.91 -26.51
CA ALA C 302 -42.56 0.34 -25.87
C ALA C 302 -42.51 0.15 -24.36
N VAL C 303 -41.45 0.65 -23.75
CA VAL C 303 -41.30 0.69 -22.30
C VAL C 303 -41.25 2.15 -21.89
N VAL C 304 -42.30 2.61 -21.22
CA VAL C 304 -42.43 3.99 -20.78
C VAL C 304 -42.05 4.04 -19.32
N GLY C 305 -40.88 4.61 -19.02
CA GLY C 305 -40.38 4.65 -17.67
C GLY C 305 -39.66 5.94 -17.37
N LYS C 306 -39.19 6.05 -16.13
CA LYS C 306 -38.49 7.24 -15.65
C LYS C 306 -37.03 6.99 -15.33
N TYR C 307 -36.53 5.78 -15.51
CA TYR C 307 -35.12 5.46 -15.36
C TYR C 307 -34.49 5.06 -16.69
N THR C 308 -35.06 5.51 -17.81
CA THR C 308 -34.71 4.98 -19.12
C THR C 308 -33.32 5.37 -19.59
N LYS C 309 -32.63 6.25 -18.87
CA LYS C 309 -31.26 6.59 -19.25
C LYS C 309 -30.27 5.49 -18.87
N PHE C 310 -30.65 4.61 -17.96
CA PHE C 310 -29.84 3.46 -17.56
C PHE C 310 -30.71 2.21 -17.74
N THR C 311 -30.49 1.49 -18.84
CA THR C 311 -31.38 0.39 -19.21
C THR C 311 -31.38 -0.72 -18.16
N ASP C 312 -30.25 -0.93 -17.48
CA ASP C 312 -30.17 -1.99 -16.48
C ASP C 312 -31.12 -1.76 -15.30
N SER C 313 -31.78 -0.60 -15.25
CA SER C 313 -32.83 -0.37 -14.27
C SER C 313 -34.12 -1.12 -14.58
N TYR C 314 -34.17 -1.87 -15.69
CA TYR C 314 -35.32 -2.68 -16.03
C TYR C 314 -34.91 -4.09 -16.46
N ALA C 315 -33.74 -4.55 -16.02
CA ALA C 315 -33.16 -5.79 -16.52
C ALA C 315 -34.19 -6.91 -16.54
N SER C 316 -34.67 -7.31 -15.37
CA SER C 316 -35.68 -8.35 -15.26
C SER C 316 -36.78 -8.14 -16.30
N VAL C 317 -37.40 -6.96 -16.29
CA VAL C 317 -38.47 -6.67 -17.24
C VAL C 317 -38.04 -7.08 -18.63
N VAL C 318 -36.95 -6.48 -19.11
CA VAL C 318 -36.47 -6.78 -20.45
C VAL C 318 -36.40 -8.28 -20.66
N LYS C 319 -35.67 -8.97 -19.79
CA LYS C 319 -35.47 -10.39 -19.97
C LYS C 319 -36.81 -11.12 -20.05
N ALA C 320 -37.73 -10.76 -19.15
CA ALA C 320 -39.07 -11.35 -19.20
C ALA C 320 -39.62 -11.29 -20.62
N LEU C 321 -39.70 -10.07 -21.18
CA LEU C 321 -40.20 -9.92 -22.54
C LEU C 321 -39.49 -10.86 -23.50
N GLN C 322 -38.15 -10.89 -23.44
CA GLN C 322 -37.40 -11.79 -24.30
C GLN C 322 -37.91 -13.22 -24.15
N HIS C 323 -37.94 -13.72 -22.91
CA HIS C 323 -38.36 -15.09 -22.69
C HIS C 323 -39.72 -15.37 -23.31
N ALA C 324 -40.55 -14.35 -23.43
CA ALA C 324 -41.85 -14.51 -24.07
C ALA C 324 -41.69 -14.53 -25.59
N ALA C 325 -41.05 -13.52 -26.15
CA ALA C 325 -41.00 -13.40 -27.60
C ALA C 325 -40.31 -14.59 -28.24
N LEU C 326 -39.38 -15.23 -27.53
CA LEU C 326 -38.71 -16.39 -28.08
C LEU C 326 -39.58 -17.64 -28.04
N ALA C 327 -40.49 -17.74 -27.06
CA ALA C 327 -41.40 -18.87 -27.03
C ALA C 327 -42.52 -18.72 -28.04
N VAL C 328 -42.90 -17.48 -28.35
CA VAL C 328 -43.84 -17.20 -29.43
C VAL C 328 -43.18 -17.26 -30.80
N ASN C 329 -41.87 -17.44 -30.86
CA ASN C 329 -41.12 -17.49 -32.11
C ASN C 329 -41.13 -16.12 -32.80
N ARG C 330 -40.86 -15.08 -32.01
CA ARG C 330 -40.78 -13.72 -32.51
C ARG C 330 -39.48 -13.09 -32.04
N LYS C 331 -39.08 -12.04 -32.75
CA LYS C 331 -37.89 -11.25 -32.41
C LYS C 331 -38.33 -9.93 -31.78
N LEU C 332 -37.78 -9.63 -30.61
CA LEU C 332 -38.17 -8.45 -29.87
C LEU C 332 -37.40 -7.22 -30.33
N GLU C 333 -38.11 -6.10 -30.45
CA GLU C 333 -37.53 -4.80 -30.78
C GLU C 333 -37.98 -3.83 -29.70
N LEU C 334 -37.09 -3.54 -28.75
CA LEU C 334 -37.44 -2.77 -27.58
C LEU C 334 -37.21 -1.29 -27.81
N VAL C 335 -38.19 -0.47 -27.46
CA VAL C 335 -38.10 0.98 -27.51
C VAL C 335 -38.26 1.52 -26.10
N PHE C 336 -37.32 2.34 -25.67
CA PHE C 336 -37.36 3.00 -24.38
C PHE C 336 -37.80 4.44 -24.56
N ILE C 337 -38.89 4.82 -23.90
CA ILE C 337 -39.44 6.16 -23.98
C ILE C 337 -39.35 6.79 -22.60
N GLU C 338 -38.76 7.97 -22.52
CA GLU C 338 -38.73 8.74 -21.28
C GLU C 338 -40.09 9.39 -21.06
N SER C 339 -40.61 9.27 -19.85
CA SER C 339 -41.99 9.68 -19.59
C SER C 339 -42.13 11.21 -19.59
N CYS C 340 -41.13 11.92 -19.08
CA CYS C 340 -41.23 13.37 -18.98
C CYS C 340 -41.38 14.03 -20.34
N LEU C 341 -40.94 13.38 -21.41
CA LEU C 341 -41.09 13.95 -22.74
C LEU C 341 -42.48 13.77 -23.31
N LEU C 342 -43.31 12.91 -22.71
CA LEU C 342 -44.71 12.80 -23.09
C LEU C 342 -45.57 13.89 -22.45
N GLU C 343 -45.01 14.72 -21.59
CA GLU C 343 -45.75 15.73 -20.85
C GLU C 343 -45.72 17.05 -21.61
N GLU C 344 -46.75 17.87 -21.36
CA GLU C 344 -46.93 19.10 -22.13
C GLU C 344 -45.89 20.16 -21.79
N GLU C 345 -45.20 20.03 -20.66
CA GLU C 345 -44.15 21.01 -20.35
C GLU C 345 -43.02 20.94 -21.37
N THR C 346 -42.78 19.76 -21.95
CA THR C 346 -41.77 19.63 -22.98
C THR C 346 -42.25 20.16 -24.32
N LEU C 347 -43.56 20.28 -24.52
CA LEU C 347 -44.09 20.83 -25.76
C LEU C 347 -43.91 22.34 -25.82
N HIS C 348 -43.65 22.99 -24.69
CA HIS C 348 -43.38 24.42 -24.64
C HIS C 348 -41.92 24.74 -24.40
N SER C 349 -41.06 23.73 -24.34
CA SER C 349 -39.64 23.94 -24.12
C SER C 349 -38.81 23.22 -25.18
N GLU C 350 -39.27 22.04 -25.61
CA GLU C 350 -38.57 21.25 -26.60
C GLU C 350 -39.61 20.44 -27.38
N PRO C 351 -40.29 21.07 -28.34
CA PRO C 351 -41.35 20.35 -29.06
C PRO C 351 -40.85 19.21 -29.92
N SER C 352 -39.64 19.31 -30.47
CA SER C 352 -39.12 18.24 -31.31
C SER C 352 -39.04 16.93 -30.53
N LYS C 353 -38.49 16.99 -29.31
CA LYS C 353 -38.40 15.80 -28.47
C LYS C 353 -39.79 15.24 -28.19
N TYR C 354 -40.73 16.12 -27.82
CA TYR C 354 -42.10 15.71 -27.54
C TYR C 354 -42.66 14.90 -28.71
N HIS C 355 -42.63 15.49 -29.90
CA HIS C 355 -43.23 14.85 -31.06
C HIS C 355 -42.49 13.59 -31.48
N LYS C 356 -41.17 13.57 -31.30
CA LYS C 356 -40.40 12.38 -31.64
C LYS C 356 -40.76 11.22 -30.72
N GLU C 357 -40.85 11.47 -29.42
CA GLU C 357 -41.19 10.40 -28.48
C GLU C 357 -42.63 9.94 -28.70
N TRP C 358 -43.54 10.86 -29.00
CA TRP C 358 -44.91 10.45 -29.29
C TRP C 358 -44.98 9.63 -30.57
N GLN C 359 -44.16 9.96 -31.56
CA GLN C 359 -44.05 9.14 -32.76
C GLN C 359 -43.60 7.73 -32.40
N LYS C 360 -42.50 7.62 -31.64
CA LYS C 360 -42.04 6.32 -31.19
C LYS C 360 -43.14 5.54 -30.48
N LEU C 361 -43.92 6.22 -29.65
CA LEU C 361 -44.96 5.53 -28.90
C LEU C 361 -46.09 5.05 -29.80
N CYS C 362 -46.46 5.86 -30.79
CA CYS C 362 -47.62 5.53 -31.61
C CYS C 362 -47.31 4.52 -32.72
N ASP C 363 -46.05 4.35 -33.10
CA ASP C 363 -45.68 3.42 -34.17
C ASP C 363 -45.15 2.10 -33.61
N SER C 364 -45.66 1.65 -32.49
CA SER C 364 -45.31 0.37 -31.89
C SER C 364 -46.53 -0.55 -31.88
N HIS C 365 -46.33 -1.76 -31.36
CA HIS C 365 -47.37 -2.78 -31.34
C HIS C 365 -47.82 -3.16 -29.93
N GLY C 366 -47.16 -2.67 -28.90
CA GLY C 366 -47.54 -2.99 -27.54
C GLY C 366 -46.82 -2.11 -26.54
N ILE C 367 -47.45 -1.85 -25.40
CA ILE C 367 -46.93 -0.94 -24.40
C ILE C 367 -46.78 -1.67 -23.07
N LEU C 368 -45.63 -1.43 -22.44
CA LEU C 368 -45.34 -1.95 -21.11
C LEU C 368 -44.97 -0.76 -20.23
N VAL C 369 -45.70 -0.60 -19.13
CA VAL C 369 -45.43 0.46 -18.17
C VAL C 369 -44.81 -0.19 -16.93
N PRO C 370 -43.56 0.13 -16.60
CA PRO C 370 -42.94 -0.49 -15.41
C PRO C 370 -43.23 0.26 -14.13
N GLY C 371 -42.68 -0.24 -13.03
CA GLY C 371 -42.85 0.39 -11.73
C GLY C 371 -41.89 1.52 -11.50
N GLY C 372 -42.07 2.19 -10.37
CA GLY C 372 -41.25 3.34 -10.04
C GLY C 372 -41.62 3.88 -8.68
N PHE C 373 -40.97 4.99 -8.34
CA PHE C 373 -41.20 5.67 -7.07
C PHE C 373 -41.12 7.17 -7.32
N GLY C 374 -41.74 7.94 -6.43
CA GLY C 374 -41.67 9.37 -6.50
C GLY C 374 -42.69 10.02 -7.41
N SER C 375 -42.32 11.16 -8.00
CA SER C 375 -43.25 11.96 -8.78
C SER C 375 -42.67 12.43 -10.11
N ARG C 376 -41.46 12.00 -10.47
CA ARG C 376 -40.78 12.49 -11.67
C ARG C 376 -41.08 11.53 -12.82
N GLY C 377 -42.02 11.92 -13.67
CA GLY C 377 -42.34 11.18 -14.86
C GLY C 377 -43.61 10.36 -14.81
N MET C 378 -44.54 10.69 -13.92
CA MET C 378 -45.79 9.94 -13.83
C MET C 378 -46.91 10.56 -14.64
N GLU C 379 -46.89 11.88 -14.86
CA GLU C 379 -47.94 12.52 -15.63
C GLU C 379 -47.81 12.30 -17.13
N GLY C 380 -46.75 11.63 -17.60
CA GLY C 380 -46.67 11.16 -18.97
C GLY C 380 -46.97 9.67 -19.02
N LYS C 381 -46.61 8.99 -17.94
CA LYS C 381 -47.03 7.60 -17.75
C LYS C 381 -48.54 7.50 -17.69
N ILE C 382 -49.20 8.58 -17.27
CA ILE C 382 -50.66 8.63 -17.29
C ILE C 382 -51.16 8.73 -18.73
N ARG C 383 -50.56 9.63 -19.50
CA ARG C 383 -50.99 9.85 -20.87
C ARG C 383 -50.75 8.63 -21.74
N ALA C 384 -49.70 7.85 -21.47
CA ALA C 384 -49.46 6.63 -22.24
C ALA C 384 -50.63 5.65 -22.06
N CYS C 385 -51.02 5.41 -20.81
CA CYS C 385 -52.16 4.54 -20.56
C CYS C 385 -53.43 5.11 -21.18
N GLN C 386 -53.62 6.43 -21.08
CA GLN C 386 -54.81 7.05 -21.67
C GLN C 386 -54.85 6.82 -23.18
N TRP C 387 -53.72 7.01 -23.86
CA TRP C 387 -53.67 6.81 -25.30
C TRP C 387 -53.94 5.36 -25.66
N ALA C 388 -53.27 4.44 -24.98
CA ALA C 388 -53.48 3.02 -25.27
C ALA C 388 -54.92 2.61 -24.99
N ARG C 389 -55.59 3.32 -24.09
CA ARG C 389 -57.00 3.05 -23.81
C ARG C 389 -57.89 3.56 -24.93
N GLU C 390 -57.71 4.81 -25.32
CA GLU C 390 -58.54 5.44 -26.34
C GLU C 390 -58.11 5.09 -27.77
N ASN C 391 -57.15 4.17 -27.95
CA ASN C 391 -56.71 3.78 -29.28
C ASN C 391 -56.56 2.27 -29.44
N GLN C 392 -56.98 1.48 -28.46
CA GLN C 392 -57.02 0.02 -28.57
C GLN C 392 -55.63 -0.53 -28.91
N LYS C 393 -54.70 -0.34 -27.99
CA LYS C 393 -53.36 -0.87 -28.10
C LYS C 393 -53.06 -1.75 -26.89
N PRO C 394 -52.59 -2.99 -27.08
CA PRO C 394 -52.30 -3.86 -25.94
C PRO C 394 -51.42 -3.16 -24.91
N LEU C 395 -51.54 -3.59 -23.65
CA LEU C 395 -50.85 -2.89 -22.58
C LEU C 395 -50.71 -3.81 -21.37
N LEU C 396 -49.51 -3.80 -20.80
CA LEU C 396 -49.24 -4.44 -19.52
C LEU C 396 -48.63 -3.41 -18.57
N GLY C 397 -49.15 -3.38 -17.34
CA GLY C 397 -48.67 -2.44 -16.33
C GLY C 397 -48.15 -3.18 -15.11
N ILE C 398 -47.08 -2.66 -14.50
CA ILE C 398 -46.34 -3.37 -13.46
C ILE C 398 -46.18 -2.44 -12.26
N CYS C 399 -47.11 -2.51 -11.31
CA CYS C 399 -46.97 -1.99 -9.95
C CYS C 399 -46.98 -0.48 -9.84
N LEU C 400 -46.85 0.21 -10.97
CA LEU C 400 -47.13 1.64 -11.04
C LEU C 400 -47.89 2.01 -12.30
N GLY C 401 -47.82 1.20 -13.36
CA GLY C 401 -48.75 1.34 -14.45
C GLY C 401 -50.16 0.99 -14.05
N LEU C 402 -50.31 0.13 -13.04
CA LEU C 402 -51.63 -0.14 -12.48
C LEU C 402 -52.21 1.13 -11.85
N GLN C 403 -51.44 1.77 -10.97
CA GLN C 403 -51.93 2.97 -10.30
C GLN C 403 -52.10 4.11 -11.29
N ALA C 404 -51.13 4.28 -12.19
CA ALA C 404 -51.27 5.27 -13.26
C ALA C 404 -52.54 5.03 -14.06
N ALA C 405 -52.82 3.76 -14.39
CA ALA C 405 -53.99 3.44 -15.19
C ALA C 405 -55.27 3.71 -14.43
N VAL C 406 -55.30 3.39 -13.14
CA VAL C 406 -56.48 3.66 -12.32
C VAL C 406 -56.75 5.15 -12.26
N ILE C 407 -55.71 5.94 -12.00
CA ILE C 407 -55.88 7.40 -11.93
C ILE C 407 -56.34 7.94 -13.28
N GLU C 408 -55.77 7.43 -14.37
CA GLU C 408 -56.15 7.87 -15.70
C GLU C 408 -57.63 7.56 -15.97
N PHE C 409 -58.04 6.33 -15.67
CA PHE C 409 -59.43 5.93 -15.85
C PHE C 409 -60.34 6.85 -15.06
N ALA C 410 -59.99 7.13 -13.80
CA ALA C 410 -60.79 8.04 -12.99
C ALA C 410 -60.92 9.39 -13.65
N ARG C 411 -59.79 10.03 -13.97
CA ARG C 411 -59.81 11.40 -14.44
C ARG C 411 -60.40 11.53 -15.84
N ASN C 412 -60.47 10.45 -16.62
CA ASN C 412 -60.95 10.52 -17.99
C ASN C 412 -62.33 9.92 -18.19
N LYS C 413 -62.85 9.15 -17.23
CA LYS C 413 -64.20 8.61 -17.32
C LYS C 413 -65.13 9.15 -16.25
N LEU C 414 -64.72 9.12 -14.98
CA LEU C 414 -65.55 9.56 -13.88
C LEU C 414 -65.48 11.07 -13.65
N GLY C 415 -64.85 11.81 -14.55
CA GLY C 415 -64.74 13.25 -14.39
C GLY C 415 -64.08 13.68 -13.10
N LEU C 416 -63.19 12.87 -12.56
CA LEU C 416 -62.48 13.19 -11.32
C LEU C 416 -61.15 13.82 -11.71
N LYS C 417 -61.17 15.13 -11.91
CA LYS C 417 -59.97 15.84 -12.40
C LYS C 417 -58.82 15.74 -11.41
N ASP C 418 -59.12 15.70 -10.11
CA ASP C 418 -58.09 15.72 -9.08
C ASP C 418 -57.65 14.32 -8.66
N ALA C 419 -58.15 13.28 -9.32
CA ALA C 419 -57.68 11.93 -9.03
C ALA C 419 -56.17 11.88 -9.14
N ASN C 420 -55.51 11.55 -8.03
CA ASN C 420 -54.06 11.64 -7.96
C ASN C 420 -53.56 10.64 -6.93
N THR C 421 -52.26 10.72 -6.64
CA THR C 421 -51.59 9.85 -5.70
C THR C 421 -51.33 10.59 -4.38
N THR C 422 -51.18 9.83 -3.32
CA THR C 422 -50.67 10.37 -2.06
C THR C 422 -49.17 10.63 -2.17
N GLU C 423 -48.47 9.84 -2.96
CA GLU C 423 -47.03 10.00 -3.16
C GLU C 423 -46.71 11.31 -3.86
N ILE C 424 -47.65 11.86 -4.62
CA ILE C 424 -47.47 13.16 -5.24
C ILE C 424 -48.10 14.24 -4.38
N ASP C 425 -49.41 14.19 -4.21
CA ASP C 425 -50.13 15.15 -3.37
C ASP C 425 -50.91 14.39 -2.30
N PRO C 426 -50.46 14.40 -1.04
CA PRO C 426 -51.20 13.67 0.00
C PRO C 426 -52.45 14.37 0.47
N ASN C 427 -52.65 15.64 0.15
CA ASN C 427 -53.80 16.43 0.59
C ASN C 427 -54.82 16.61 -0.53
N THR C 428 -55.02 15.61 -1.36
CA THR C 428 -55.94 15.70 -2.48
C THR C 428 -57.34 15.24 -2.07
N ALA C 429 -58.35 15.89 -2.65
CA ALA C 429 -59.73 15.53 -2.37
C ALA C 429 -59.99 14.07 -2.74
N ASN C 430 -59.87 13.74 -4.02
CA ASN C 430 -60.08 12.39 -4.51
C ASN C 430 -58.72 11.68 -4.55
N ALA C 431 -58.48 10.83 -3.56
CA ALA C 431 -57.24 10.07 -3.45
C ALA C 431 -57.49 8.66 -3.93
N LEU C 432 -57.16 8.41 -5.20
CA LEU C 432 -57.33 7.07 -5.76
C LEU C 432 -56.27 6.12 -5.26
N VAL C 433 -55.08 6.62 -4.97
CA VAL C 433 -53.97 5.83 -4.46
C VAL C 433 -53.66 6.32 -3.06
N ILE C 434 -53.72 5.43 -2.08
CA ILE C 434 -53.58 5.78 -0.67
C ILE C 434 -52.40 5.02 -0.07
N ASP C 435 -52.09 5.37 1.17
CA ASP C 435 -50.98 4.82 1.92
C ASP C 435 -51.46 3.65 2.77
N MET C 436 -50.72 2.54 2.71
CA MET C 436 -50.95 1.41 3.60
C MET C 436 -50.22 1.69 4.92
N PRO C 437 -50.95 2.05 5.99
CA PRO C 437 -50.27 2.51 7.20
C PRO C 437 -49.52 1.43 7.96
N GLU C 438 -49.66 0.16 7.57
CA GLU C 438 -48.82 -0.88 8.18
C GLU C 438 -47.38 -0.80 7.71
N HIS C 439 -47.13 -0.14 6.58
CA HIS C 439 -45.80 -0.02 5.99
C HIS C 439 -45.37 1.44 5.87
N HIS C 440 -45.85 2.29 6.78
CA HIS C 440 -45.54 3.71 6.79
C HIS C 440 -45.10 4.14 8.17
N THR C 441 -44.17 3.38 8.76
CA THR C 441 -43.71 3.61 10.12
C THR C 441 -42.66 4.71 10.21
N GLY C 442 -42.25 5.28 9.09
CA GLY C 442 -41.17 6.26 9.06
C GLY C 442 -39.82 5.60 8.88
N GLN C 443 -39.65 4.42 9.44
CA GLN C 443 -38.43 3.63 9.31
C GLN C 443 -38.42 2.99 7.92
N LEU C 444 -37.86 3.70 6.95
CA LEU C 444 -37.70 3.17 5.60
C LEU C 444 -36.57 2.16 5.58
N GLY C 445 -36.82 1.01 4.96
CA GLY C 445 -35.90 -0.11 5.02
C GLY C 445 -36.54 -1.33 5.62
N GLY C 446 -36.83 -2.33 4.78
CA GLY C 446 -37.61 -3.47 5.21
C GLY C 446 -39.08 -3.19 5.45
N THR C 447 -39.51 -1.94 5.36
CA THR C 447 -40.88 -1.55 5.66
C THR C 447 -41.71 -1.44 4.37
N MET C 448 -41.79 -2.57 3.66
CA MET C 448 -42.53 -2.64 2.41
C MET C 448 -43.30 -3.96 2.38
N ARG C 449 -44.42 -3.95 1.70
CA ARG C 449 -45.06 -5.21 1.33
C ARG C 449 -44.13 -5.91 0.36
N LEU C 450 -43.53 -7.01 0.83
CA LEU C 450 -42.42 -7.67 0.15
C LEU C 450 -42.66 -9.17 0.11
N GLY C 451 -42.19 -9.78 -0.96
CA GLY C 451 -42.13 -11.23 -1.03
C GLY C 451 -43.33 -11.85 -1.67
N LYS C 452 -43.34 -13.18 -1.66
CA LYS C 452 -44.39 -13.92 -2.34
C LYS C 452 -45.67 -13.89 -1.52
N ARG C 453 -46.76 -13.49 -2.17
CA ARG C 453 -48.09 -13.51 -1.61
C ARG C 453 -48.99 -14.29 -2.56
N ILE C 454 -50.17 -14.62 -2.05
CA ILE C 454 -51.11 -15.49 -2.75
C ILE C 454 -52.09 -14.65 -3.55
N THR C 455 -52.47 -15.16 -4.72
CA THR C 455 -53.43 -14.55 -5.61
C THR C 455 -54.73 -15.33 -5.56
N VAL C 456 -55.85 -14.63 -5.69
CA VAL C 456 -57.16 -15.25 -5.85
C VAL C 456 -57.94 -14.42 -6.86
N PHE C 457 -58.35 -15.06 -7.95
CA PHE C 457 -59.12 -14.38 -8.98
C PHE C 457 -60.59 -14.36 -8.60
N SER C 458 -61.23 -13.23 -8.83
CA SER C 458 -62.68 -13.17 -8.70
C SER C 458 -63.32 -14.11 -9.71
N ASP C 459 -64.55 -14.50 -9.43
CA ASP C 459 -65.24 -15.46 -10.29
C ASP C 459 -65.67 -14.78 -11.59
N GLY C 460 -65.63 -15.55 -12.67
CA GLY C 460 -65.84 -15.01 -14.00
C GLY C 460 -64.59 -15.20 -14.85
N PRO C 461 -64.66 -16.05 -15.87
CA PRO C 461 -63.48 -16.29 -16.70
C PRO C 461 -62.77 -15.00 -17.10
N SER C 462 -61.45 -15.04 -17.07
CA SER C 462 -60.62 -13.89 -17.41
C SER C 462 -59.47 -14.36 -18.28
N VAL C 463 -59.20 -13.62 -19.36
CA VAL C 463 -58.10 -13.95 -20.25
C VAL C 463 -56.81 -14.12 -19.46
N ILE C 464 -56.58 -13.24 -18.49
CA ILE C 464 -55.35 -13.32 -17.71
C ILE C 464 -55.34 -14.56 -16.83
N ARG C 465 -56.52 -15.06 -16.45
CA ARG C 465 -56.59 -16.30 -15.70
C ARG C 465 -56.39 -17.50 -16.62
N GLN C 466 -56.89 -17.43 -17.86
CA GLN C 466 -56.65 -18.50 -18.81
C GLN C 466 -55.18 -18.59 -19.18
N LEU C 467 -54.47 -17.46 -19.20
CA LEU C 467 -53.04 -17.49 -19.45
C LEU C 467 -52.29 -18.11 -18.28
N TYR C 468 -52.84 -18.01 -17.08
CA TYR C 468 -52.24 -18.62 -15.89
C TYR C 468 -52.56 -20.10 -15.76
N GLY C 469 -53.27 -20.69 -16.73
CA GLY C 469 -53.64 -22.08 -16.65
C GLY C 469 -54.96 -22.35 -15.96
N ASN C 470 -55.80 -21.33 -15.78
CA ASN C 470 -57.06 -21.43 -15.06
C ASN C 470 -56.91 -22.14 -13.72
N PRO C 471 -56.04 -21.64 -12.84
CA PRO C 471 -56.01 -22.12 -11.47
C PRO C 471 -56.86 -21.24 -10.55
N LYS C 472 -56.98 -21.68 -9.31
CA LYS C 472 -57.62 -20.87 -8.28
C LYS C 472 -56.66 -19.92 -7.60
N SER C 473 -55.36 -20.17 -7.69
CA SER C 473 -54.37 -19.41 -6.95
C SER C 473 -53.07 -19.34 -7.74
N VAL C 474 -52.21 -18.41 -7.34
CA VAL C 474 -50.84 -18.35 -7.83
C VAL C 474 -50.03 -17.45 -6.90
N GLN C 475 -48.80 -17.83 -6.61
CA GLN C 475 -47.93 -17.06 -5.75
C GLN C 475 -47.07 -16.11 -6.58
N GLU C 476 -46.99 -14.86 -6.13
CA GLU C 476 -46.25 -13.85 -6.87
C GLU C 476 -45.57 -12.89 -5.91
N ARG C 477 -44.43 -12.34 -6.33
CA ARG C 477 -43.61 -11.49 -5.48
C ARG C 477 -44.06 -10.04 -5.58
N HIS C 478 -44.24 -9.43 -4.42
CA HIS C 478 -44.64 -8.04 -4.27
C HIS C 478 -43.49 -7.21 -3.75
N ARG C 479 -43.52 -5.92 -4.10
CA ARG C 479 -42.62 -4.93 -3.50
C ARG C 479 -43.32 -3.58 -3.66
N HIS C 480 -43.99 -3.11 -2.61
CA HIS C 480 -44.69 -1.84 -2.73
C HIS C 480 -45.06 -1.27 -1.37
N ARG C 481 -45.39 0.03 -1.37
CA ARG C 481 -45.75 0.78 -0.18
C ARG C 481 -47.14 1.41 -0.23
N TYR C 482 -47.70 1.64 -1.41
CA TYR C 482 -49.01 2.26 -1.57
C TYR C 482 -50.01 1.24 -2.07
N GLU C 483 -51.26 1.66 -2.25
CA GLU C 483 -52.31 0.74 -2.63
C GLU C 483 -53.52 1.53 -3.12
N VAL C 484 -54.24 0.99 -4.09
CA VAL C 484 -55.40 1.69 -4.64
C VAL C 484 -56.51 1.73 -3.58
N ASN C 485 -57.22 2.84 -3.54
CA ASN C 485 -58.27 3.03 -2.54
C ASN C 485 -59.40 2.04 -2.76
N PRO C 486 -59.70 1.17 -1.79
CA PRO C 486 -60.82 0.23 -1.98
C PRO C 486 -62.17 0.92 -2.05
N LYS C 487 -62.29 2.16 -1.55
CA LYS C 487 -63.58 2.82 -1.53
C LYS C 487 -64.10 3.10 -2.93
N TYR C 488 -63.25 3.69 -3.78
CA TYR C 488 -63.64 4.02 -5.16
C TYR C 488 -63.75 2.79 -6.05
N VAL C 489 -63.62 1.58 -5.51
CA VAL C 489 -63.51 0.39 -6.35
C VAL C 489 -64.73 0.27 -7.26
N HIS C 490 -65.93 0.24 -6.68
CA HIS C 490 -67.12 0.01 -7.49
C HIS C 490 -67.43 1.19 -8.40
N LEU C 491 -66.99 2.39 -8.03
CA LEU C 491 -67.19 3.54 -8.91
C LEU C 491 -66.43 3.38 -10.22
N LEU C 492 -65.37 2.58 -10.22
CA LEU C 492 -64.71 2.19 -11.46
C LEU C 492 -65.24 0.89 -12.02
N GLU C 493 -65.71 0.01 -11.13
CA GLU C 493 -66.24 -1.27 -11.57
C GLU C 493 -67.57 -1.13 -12.31
N GLU C 494 -68.29 -0.04 -12.10
CA GLU C 494 -69.51 0.22 -12.86
C GLU C 494 -69.18 0.95 -14.16
N GLN C 495 -68.18 0.43 -14.86
CA GLN C 495 -67.67 0.96 -16.12
C GLN C 495 -66.71 -0.10 -16.67
N GLY C 496 -65.94 0.27 -17.68
CA GLY C 496 -65.04 -0.69 -18.30
C GLY C 496 -63.77 -0.97 -17.52
N MET C 497 -63.88 -1.08 -16.20
CA MET C 497 -62.77 -1.51 -15.35
C MET C 497 -63.27 -2.65 -14.47
N ARG C 498 -62.45 -3.67 -14.30
CA ARG C 498 -62.86 -4.89 -13.60
C ARG C 498 -61.68 -5.46 -12.84
N PHE C 499 -61.87 -5.67 -11.54
CA PHE C 499 -60.83 -6.21 -10.66
C PHE C 499 -60.94 -7.73 -10.67
N VAL C 500 -60.06 -8.37 -11.43
CA VAL C 500 -60.11 -9.82 -11.62
C VAL C 500 -59.20 -10.52 -10.62
N GLY C 501 -58.68 -9.77 -9.65
CA GLY C 501 -57.76 -10.35 -8.69
C GLY C 501 -57.58 -9.46 -7.49
N THR C 502 -57.40 -10.08 -6.33
CA THR C 502 -57.07 -9.38 -5.10
C THR C 502 -56.53 -10.41 -4.11
N ASP C 503 -56.30 -9.97 -2.87
CA ASP C 503 -55.68 -10.81 -1.86
C ASP C 503 -56.69 -11.84 -1.35
N VAL C 504 -56.29 -12.59 -0.31
CA VAL C 504 -57.15 -13.62 0.24
C VAL C 504 -58.30 -13.02 1.04
N ASP C 505 -58.14 -11.80 1.55
CA ASP C 505 -59.18 -11.15 2.34
C ASP C 505 -60.06 -10.23 1.51
N LYS C 506 -59.79 -10.10 0.21
CA LYS C 506 -60.70 -9.44 -0.73
C LYS C 506 -60.88 -7.96 -0.41
N THR C 507 -59.78 -7.29 -0.04
CA THR C 507 -59.82 -5.85 0.14
C THR C 507 -58.57 -5.13 -0.34
N ARG C 508 -57.62 -5.83 -0.95
CA ARG C 508 -56.41 -5.23 -1.51
C ARG C 508 -56.32 -5.59 -2.98
N MET C 509 -56.48 -4.62 -3.85
CA MET C 509 -56.52 -4.87 -5.28
C MET C 509 -55.12 -5.08 -5.83
N GLU C 510 -54.99 -6.10 -6.68
CA GLU C 510 -53.70 -6.44 -7.29
C GLU C 510 -53.77 -6.72 -8.79
N ILE C 511 -54.95 -6.74 -9.40
CA ILE C 511 -55.09 -6.91 -10.84
C ILE C 511 -56.31 -6.11 -11.28
N ILE C 512 -56.33 -5.74 -12.57
CA ILE C 512 -57.44 -5.00 -13.15
C ILE C 512 -57.47 -5.30 -14.65
N GLU C 513 -58.66 -5.22 -15.23
CA GLU C 513 -58.86 -5.57 -16.63
C GLU C 513 -59.89 -4.62 -17.23
N LEU C 514 -59.73 -4.35 -18.52
CA LEU C 514 -60.63 -3.49 -19.27
C LEU C 514 -61.37 -4.33 -20.31
N SER C 515 -62.70 -4.36 -20.20
CA SER C 515 -63.51 -5.13 -21.13
C SER C 515 -63.68 -4.38 -22.43
N GLY C 516 -63.72 -5.13 -23.53
CA GLY C 516 -63.78 -4.54 -24.85
C GLY C 516 -62.41 -4.27 -25.42
N HIS C 517 -61.47 -3.90 -24.55
CA HIS C 517 -60.09 -3.67 -24.96
C HIS C 517 -59.39 -5.01 -25.19
N PRO C 518 -58.58 -5.13 -26.26
CA PRO C 518 -57.90 -6.41 -26.50
C PRO C 518 -57.07 -6.89 -25.31
N TYR C 519 -56.20 -6.04 -24.77
CA TYR C 519 -55.33 -6.46 -23.67
C TYR C 519 -54.89 -5.21 -22.90
N PHE C 520 -55.42 -5.03 -21.70
CA PHE C 520 -55.12 -3.88 -20.85
C PHE C 520 -54.84 -4.34 -19.42
N VAL C 521 -53.95 -5.29 -19.27
CA VAL C 521 -53.78 -5.95 -17.98
C VAL C 521 -52.75 -5.22 -17.15
N ALA C 522 -52.98 -5.19 -15.84
CA ALA C 522 -52.08 -4.54 -14.91
C ALA C 522 -51.97 -5.38 -13.65
N THR C 523 -50.76 -5.43 -13.09
CA THR C 523 -50.48 -6.20 -11.89
C THR C 523 -49.73 -5.32 -10.90
N GLN C 524 -50.21 -5.29 -9.65
CA GLN C 524 -49.51 -4.52 -8.63
C GLN C 524 -48.21 -5.20 -8.22
N TYR C 525 -48.19 -6.52 -8.24
CA TYR C 525 -46.99 -7.29 -8.01
C TYR C 525 -46.03 -7.16 -9.20
N HIS C 526 -44.90 -7.86 -9.11
CA HIS C 526 -43.93 -7.92 -10.20
C HIS C 526 -43.92 -9.33 -10.76
N PRO C 527 -44.54 -9.58 -11.92
CA PRO C 527 -44.45 -10.90 -12.54
C PRO C 527 -43.12 -11.16 -13.24
N GLU C 528 -42.26 -10.14 -13.31
CA GLU C 528 -40.94 -10.23 -13.92
C GLU C 528 -39.95 -11.08 -13.14
N TYR C 529 -40.23 -11.37 -11.87
CA TYR C 529 -39.25 -12.02 -11.01
C TYR C 529 -39.25 -13.54 -11.14
N LEU C 530 -40.33 -14.13 -11.64
CA LEU C 530 -40.42 -15.58 -11.76
C LEU C 530 -40.39 -16.06 -13.20
N SER C 531 -40.14 -15.16 -14.15
CA SER C 531 -39.97 -15.57 -15.54
C SER C 531 -38.61 -16.24 -15.73
N ARG C 532 -38.60 -17.28 -16.54
CA ARG C 532 -37.40 -18.07 -16.81
C ARG C 532 -37.28 -18.31 -18.31
N PRO C 533 -36.09 -18.66 -18.78
CA PRO C 533 -35.91 -18.89 -20.22
C PRO C 533 -36.87 -19.91 -20.80
N LEU C 534 -37.09 -21.03 -20.13
CA LEU C 534 -37.98 -22.08 -20.61
C LEU C 534 -39.27 -22.14 -19.80
N LYS C 535 -39.68 -21.03 -19.21
CA LYS C 535 -40.91 -20.95 -18.45
C LYS C 535 -41.36 -19.50 -18.37
N PRO C 536 -41.82 -18.92 -19.48
CA PRO C 536 -42.14 -17.49 -19.48
C PRO C 536 -43.24 -17.13 -18.52
N SER C 537 -43.52 -15.84 -18.38
CA SER C 537 -44.54 -15.38 -17.46
C SER C 537 -45.81 -15.04 -18.22
N PRO C 538 -46.97 -15.49 -17.78
CA PRO C 538 -48.18 -15.44 -18.63
C PRO C 538 -48.54 -14.02 -19.05
N PRO C 539 -48.44 -13.03 -18.16
CA PRO C 539 -48.81 -11.66 -18.60
C PRO C 539 -47.98 -11.16 -19.78
N PHE C 540 -46.66 -11.34 -19.75
CA PHE C 540 -45.84 -10.92 -20.87
C PHE C 540 -46.15 -11.74 -22.12
N LEU C 541 -46.43 -13.03 -21.93
CA LEU C 541 -46.84 -13.89 -23.03
C LEU C 541 -48.06 -13.30 -23.73
N GLY C 542 -49.10 -12.97 -22.95
CA GLY C 542 -50.30 -12.39 -23.53
C GLY C 542 -50.05 -11.04 -24.16
N LEU C 543 -49.20 -10.23 -23.54
CA LEU C 543 -48.86 -8.95 -24.15
C LEU C 543 -48.28 -9.14 -25.54
N ILE C 544 -47.28 -10.02 -25.66
CA ILE C 544 -46.67 -10.28 -26.96
C ILE C 544 -47.71 -10.80 -27.94
N LEU C 545 -48.49 -11.80 -27.53
CA LEU C 545 -49.48 -12.39 -28.42
C LEU C 545 -50.45 -11.33 -28.94
N ALA C 546 -51.01 -10.53 -28.04
CA ALA C 546 -51.87 -9.44 -28.46
C ALA C 546 -51.14 -8.50 -29.41
N SER C 547 -49.85 -8.27 -29.17
CA SER C 547 -49.08 -7.38 -30.03
C SER C 547 -48.84 -7.97 -31.41
N VAL C 548 -49.02 -9.29 -31.58
CA VAL C 548 -48.93 -9.92 -32.89
C VAL C 548 -50.27 -10.50 -33.33
N ASP C 549 -51.36 -10.15 -32.64
CA ASP C 549 -52.69 -10.62 -32.99
C ASP C 549 -52.73 -12.15 -33.07
N ARG C 550 -52.20 -12.79 -32.04
CA ARG C 550 -52.23 -14.25 -31.92
C ARG C 550 -52.74 -14.69 -30.55
N LEU C 551 -53.44 -13.82 -29.84
CA LEU C 551 -53.87 -14.13 -28.48
C LEU C 551 -55.07 -15.05 -28.47
N ASN C 552 -56.10 -14.74 -29.26
CA ASN C 552 -57.29 -15.58 -29.30
C ASN C 552 -56.97 -16.95 -29.86
N GLN C 553 -56.10 -17.02 -30.88
CA GLN C 553 -55.69 -18.31 -31.42
C GLN C 553 -54.98 -19.15 -30.38
N TYR C 554 -54.06 -18.54 -29.62
CA TYR C 554 -53.34 -19.26 -28.59
C TYR C 554 -54.27 -19.67 -27.45
N ILE C 555 -55.31 -18.88 -27.17
CA ILE C 555 -56.26 -19.23 -26.12
C ILE C 555 -56.97 -20.54 -26.47
N GLN C 556 -57.35 -20.70 -27.72
CA GLN C 556 -58.12 -21.87 -28.15
C GLN C 556 -57.18 -23.02 -28.51
N MET D 1 10.59 30.63 -10.46
CA MET D 1 10.23 29.62 -11.50
C MET D 1 8.92 28.92 -11.16
N LYS D 2 8.10 28.67 -12.18
CA LYS D 2 6.82 28.00 -12.04
C LYS D 2 6.87 26.64 -12.71
N TYR D 3 6.11 25.70 -12.16
CA TYR D 3 6.12 24.32 -12.61
C TYR D 3 4.69 23.80 -12.71
N ILE D 4 4.38 23.15 -13.82
CA ILE D 4 3.11 22.45 -14.00
C ILE D 4 3.44 20.99 -14.27
N LEU D 5 3.09 20.12 -13.34
CA LEU D 5 3.30 18.69 -13.48
C LEU D 5 2.03 18.04 -14.03
N VAL D 6 2.20 17.19 -15.03
CA VAL D 6 1.11 16.50 -15.70
C VAL D 6 1.32 15.00 -15.47
N THR D 7 0.42 14.40 -14.70
CA THR D 7 0.47 12.99 -14.34
C THR D 7 -0.63 12.24 -15.07
N GLY D 8 -0.53 10.91 -15.00
CA GLY D 8 -1.48 10.05 -15.68
C GLY D 8 -2.21 9.09 -14.76
N GLY D 9 -3.35 8.61 -15.25
CA GLY D 9 -4.26 7.82 -14.46
C GLY D 9 -4.28 6.34 -14.78
N VAL D 10 -5.23 5.96 -15.62
CA VAL D 10 -5.62 4.57 -15.78
C VAL D 10 -4.74 3.85 -16.79
N ILE D 11 -4.47 4.48 -17.93
CA ILE D 11 -3.71 3.89 -19.01
C ILE D 11 -2.68 4.89 -19.50
N SER D 12 -1.66 4.38 -20.18
CA SER D 12 -0.84 5.21 -21.05
C SER D 12 -1.55 5.34 -22.39
N GLY D 13 -1.25 6.43 -23.10
CA GLY D 13 -2.04 6.79 -24.26
C GLY D 13 -3.30 7.54 -23.93
N VAL D 14 -3.37 8.12 -22.73
CA VAL D 14 -4.57 8.82 -22.29
C VAL D 14 -4.62 10.27 -22.77
N GLY D 15 -3.48 10.87 -23.10
CA GLY D 15 -3.46 12.19 -23.68
C GLY D 15 -2.69 13.25 -22.91
N LYS D 16 -1.72 12.82 -22.10
CA LYS D 16 -0.97 13.77 -21.28
C LYS D 16 -0.18 14.75 -22.12
N GLY D 17 0.45 14.27 -23.20
CA GLY D 17 1.30 15.15 -24.00
C GLY D 17 0.52 16.27 -24.66
N VAL D 18 -0.66 15.96 -25.18
CA VAL D 18 -1.50 16.98 -25.80
C VAL D 18 -1.92 18.02 -24.78
N ILE D 19 -2.26 17.58 -23.57
CA ILE D 19 -2.65 18.51 -22.51
C ILE D 19 -1.48 19.41 -22.12
N ALA D 20 -0.28 18.82 -22.01
CA ALA D 20 0.89 19.62 -21.67
C ALA D 20 1.19 20.65 -22.75
N SER D 21 1.16 20.23 -24.01
CA SER D 21 1.39 21.16 -25.11
C SER D 21 0.34 22.26 -25.14
N SER D 22 -0.91 21.91 -24.80
CA SER D 22 -1.97 22.92 -24.78
C SER D 22 -1.75 23.94 -23.68
N PHE D 23 -1.40 23.49 -22.47
CA PHE D 23 -1.00 24.42 -21.42
C PHE D 23 0.12 25.32 -21.91
N GLY D 24 1.13 24.72 -22.54
CA GLY D 24 2.26 25.51 -23.00
C GLY D 24 1.86 26.59 -23.97
N THR D 25 1.04 26.25 -24.96
CA THR D 25 0.66 27.22 -25.97
C THR D 25 -0.28 28.27 -25.41
N LEU D 26 -1.15 27.90 -24.47
CA LEU D 26 -1.98 28.91 -23.79
C LEU D 26 -1.11 29.93 -23.07
N LEU D 27 -0.17 29.44 -22.24
CA LEU D 27 0.69 30.36 -21.50
C LEU D 27 1.55 31.20 -22.44
N LYS D 28 2.01 30.60 -23.54
CA LYS D 28 2.86 31.31 -24.47
C LYS D 28 2.10 32.36 -25.25
N SER D 29 0.80 32.16 -25.46
CA SER D 29 0.00 33.15 -26.16
C SER D 29 -0.25 34.38 -25.32
N CYS D 30 -0.19 34.25 -23.99
CA CYS D 30 -0.41 35.36 -23.07
C CYS D 30 0.89 36.03 -22.63
N GLY D 31 2.00 35.76 -23.32
CA GLY D 31 3.24 36.46 -23.07
C GLY D 31 4.11 35.84 -22.00
N LEU D 32 4.34 34.54 -22.08
CA LEU D 32 5.20 33.83 -21.15
C LEU D 32 6.10 32.87 -21.91
N ASP D 33 7.33 32.76 -21.44
CA ASP D 33 8.30 31.82 -22.00
C ASP D 33 8.17 30.49 -21.29
N VAL D 34 8.07 29.41 -22.06
CA VAL D 34 7.75 28.09 -21.54
C VAL D 34 8.81 27.11 -22.01
N THR D 35 9.20 26.20 -21.11
CA THR D 35 10.01 25.05 -21.47
C THR D 35 9.30 23.77 -21.02
N SER D 36 9.77 22.64 -21.51
CA SER D 36 9.09 21.37 -21.29
C SER D 36 10.10 20.28 -20.96
N ILE D 37 9.70 19.36 -20.09
CA ILE D 37 10.49 18.20 -19.72
C ILE D 37 9.59 16.98 -19.74
N LYS D 38 10.15 15.86 -20.19
CA LYS D 38 9.45 14.57 -20.23
C LYS D 38 10.22 13.56 -19.38
N ILE D 39 9.52 12.96 -18.42
CA ILE D 39 10.09 11.91 -17.58
C ILE D 39 9.50 10.58 -18.00
N ASP D 40 10.37 9.62 -18.32
CA ASP D 40 9.96 8.30 -18.77
C ASP D 40 10.54 7.25 -17.83
N PRO D 41 9.72 6.69 -16.93
CA PRO D 41 10.27 5.78 -15.90
C PRO D 41 10.86 4.48 -16.42
N TYR D 42 10.90 4.23 -17.73
CA TYR D 42 11.45 2.96 -18.18
C TYR D 42 12.97 2.96 -18.06
N ILE D 43 13.53 1.75 -17.98
CA ILE D 43 14.98 1.59 -17.77
C ILE D 43 15.59 1.53 -19.17
N ASN D 44 15.78 2.70 -19.75
CA ASN D 44 16.35 2.85 -21.08
C ASN D 44 16.93 4.26 -21.16
N ILE D 45 18.17 4.37 -21.62
CA ILE D 45 18.76 5.70 -21.76
C ILE D 45 18.15 6.45 -22.92
N ASP D 46 17.52 5.74 -23.85
CA ASP D 46 16.75 6.37 -24.92
C ASP D 46 15.89 5.32 -25.57
N ALA D 47 14.93 5.78 -26.37
CA ALA D 47 13.97 4.90 -27.02
C ALA D 47 14.44 4.36 -28.36
N GLY D 48 15.75 4.30 -28.58
CA GLY D 48 16.28 3.81 -29.83
C GLY D 48 16.24 2.31 -30.01
N THR D 49 15.93 1.57 -28.96
CA THR D 49 15.83 0.12 -29.02
C THR D 49 14.39 -0.37 -28.99
N PHE D 50 13.41 0.53 -29.11
CA PHE D 50 12.01 0.17 -29.03
C PHE D 50 11.46 -0.13 -30.42
N SER D 51 10.45 -1.00 -30.44
CA SER D 51 9.60 -1.15 -31.60
C SER D 51 8.56 -0.03 -31.62
N PRO D 52 8.06 0.33 -32.79
CA PRO D 52 6.95 1.30 -32.85
C PRO D 52 5.70 0.80 -32.15
N TYR D 53 5.54 -0.52 -32.00
CA TYR D 53 4.41 -1.05 -31.26
C TYR D 53 4.45 -0.66 -29.79
N GLU D 54 5.64 -0.45 -29.23
CA GLU D 54 5.80 -0.24 -27.80
C GLU D 54 5.23 1.11 -27.37
N HIS D 55 5.77 2.20 -27.91
CA HIS D 55 5.34 3.54 -27.51
C HIS D 55 5.22 4.50 -28.69
N GLY D 56 4.93 4.00 -29.89
CA GLY D 56 4.55 4.89 -30.96
C GLY D 56 5.61 5.76 -31.63
N GLU D 57 6.42 5.21 -32.53
CA GLU D 57 7.14 6.06 -33.47
C GLU D 57 8.18 6.95 -32.78
N VAL D 58 9.33 6.36 -32.48
CA VAL D 58 10.48 7.11 -31.99
C VAL D 58 10.61 8.44 -32.72
N TYR D 59 10.88 9.50 -31.96
CA TYR D 59 11.14 10.83 -32.49
C TYR D 59 12.60 11.18 -32.26
N VAL D 60 13.15 12.03 -33.12
CA VAL D 60 14.56 12.38 -33.11
C VAL D 60 14.69 13.89 -33.01
N LEU D 61 15.58 14.34 -32.14
CA LEU D 61 15.87 15.75 -31.98
C LEU D 61 17.03 16.15 -32.90
N ASP D 62 17.43 17.42 -32.83
CA ASP D 62 18.55 17.87 -33.64
C ASP D 62 19.86 17.26 -33.16
N ASP D 63 20.08 17.25 -31.84
CA ASP D 63 21.31 16.68 -31.30
C ASP D 63 21.44 15.19 -31.61
N GLY D 64 20.34 14.51 -31.89
CA GLY D 64 20.34 13.12 -32.25
C GLY D 64 19.83 12.17 -31.18
N ALA D 65 19.01 12.63 -30.26
CA ALA D 65 18.48 11.79 -29.20
C ALA D 65 17.14 11.21 -29.62
N GLU D 66 17.00 9.90 -29.45
CA GLU D 66 15.73 9.21 -29.68
C GLU D 66 14.87 9.34 -28.44
N VAL D 67 13.64 9.80 -28.62
CA VAL D 67 12.75 10.17 -27.52
C VAL D 67 11.32 9.81 -27.88
N ASP D 68 10.40 10.10 -26.97
CA ASP D 68 8.98 9.88 -27.16
C ASP D 68 8.39 10.98 -28.05
N LEU D 69 7.25 10.66 -28.67
CA LEU D 69 6.59 11.59 -29.56
C LEU D 69 6.04 12.82 -28.85
N ASP D 70 5.88 12.77 -27.53
CA ASP D 70 5.40 13.93 -26.79
C ASP D 70 6.32 15.13 -27.01
N LEU D 71 7.61 14.89 -27.19
CA LEU D 71 8.53 15.99 -27.48
C LEU D 71 8.31 16.53 -28.89
N GLY D 72 7.98 15.66 -29.83
CA GLY D 72 7.52 16.13 -31.13
C GLY D 72 6.32 17.03 -31.03
N ASN D 73 5.36 16.66 -30.18
CA ASN D 73 4.17 17.50 -29.99
C ASN D 73 4.54 18.84 -29.37
N TYR D 74 5.43 18.83 -28.37
CA TYR D 74 5.91 20.07 -27.80
C TYR D 74 6.51 20.97 -28.88
N GLU D 75 7.41 20.41 -29.69
CA GLU D 75 8.07 21.18 -30.73
C GLU D 75 7.07 21.76 -31.71
N ARG D 76 6.11 20.95 -32.14
CA ARG D 76 5.14 21.40 -33.13
C ARG D 76 4.22 22.48 -32.56
N PHE D 77 3.86 22.39 -31.27
CA PHE D 77 2.90 23.32 -30.71
C PHE D 77 3.56 24.64 -30.29
N LEU D 78 4.72 24.56 -29.64
CA LEU D 78 5.35 25.73 -29.05
C LEU D 78 6.48 26.32 -29.89
N ASP D 79 6.89 25.63 -30.97
CA ASP D 79 7.96 26.11 -31.84
C ASP D 79 9.26 26.27 -31.07
N VAL D 80 9.72 25.15 -30.51
CA VAL D 80 10.94 25.10 -29.72
C VAL D 80 11.86 24.02 -30.29
N THR D 81 13.09 24.00 -29.79
CA THR D 81 14.08 22.99 -30.13
C THR D 81 14.64 22.43 -28.84
N LEU D 82 14.35 21.16 -28.58
CA LEU D 82 14.68 20.52 -27.31
C LEU D 82 15.92 19.65 -27.45
N HIS D 83 16.48 19.28 -26.31
CA HIS D 83 17.76 18.59 -26.23
C HIS D 83 17.61 17.27 -25.49
N ARG D 84 18.73 16.55 -25.39
CA ARG D 84 18.76 15.24 -24.77
C ARG D 84 18.45 15.28 -23.29
N ASP D 85 18.66 16.42 -22.64
CA ASP D 85 18.41 16.55 -21.20
C ASP D 85 16.97 16.90 -20.87
N ASN D 86 16.15 17.20 -21.88
CA ASN D 86 14.73 17.37 -21.68
C ASN D 86 13.99 16.04 -21.57
N ASN D 87 14.71 14.92 -21.57
CA ASN D 87 14.14 13.59 -21.48
C ASN D 87 14.87 12.85 -20.36
N ILE D 88 14.26 12.79 -19.19
CA ILE D 88 14.81 12.10 -18.04
C ILE D 88 14.29 10.67 -18.02
N THR D 89 15.17 9.73 -17.66
CA THR D 89 14.75 8.34 -17.47
C THR D 89 15.41 7.77 -16.23
N THR D 90 14.84 6.65 -15.78
CA THR D 90 15.39 5.93 -14.63
C THR D 90 16.79 5.41 -14.91
N GLY D 91 17.03 4.94 -16.13
CA GLY D 91 18.36 4.46 -16.49
C GLY D 91 19.41 5.54 -16.34
N LYS D 92 19.16 6.72 -16.90
CA LYS D 92 20.10 7.82 -16.79
C LYS D 92 20.36 8.17 -15.33
N ILE D 93 19.30 8.28 -14.55
CA ILE D 93 19.43 8.67 -13.14
C ILE D 93 20.29 7.66 -12.40
N TYR D 94 19.99 6.38 -12.55
CA TYR D 94 20.73 5.36 -11.82
C TYR D 94 22.17 5.29 -12.27
N LYS D 95 22.42 5.44 -13.58
CA LYS D 95 23.79 5.45 -14.07
C LYS D 95 24.58 6.61 -13.47
N LEU D 96 24.00 7.81 -13.50
CA LEU D 96 24.66 8.98 -12.95
C LEU D 96 24.96 8.82 -11.47
N VAL D 97 23.98 8.34 -10.71
CA VAL D 97 24.17 8.18 -9.26
C VAL D 97 25.23 7.12 -8.98
N ILE D 98 25.19 6.00 -9.71
CA ILE D 98 26.17 4.94 -9.49
C ILE D 98 27.57 5.44 -9.82
N GLU D 99 27.70 6.26 -10.86
CA GLU D 99 28.99 6.84 -11.19
C GLU D 99 29.49 7.73 -10.08
N LYS D 100 28.64 8.64 -9.60
CA LYS D 100 29.03 9.54 -8.52
C LYS D 100 29.44 8.75 -7.28
N GLU D 101 28.75 7.64 -7.00
CA GLU D 101 29.09 6.85 -5.83
C GLU D 101 30.43 6.13 -6.00
N ARG D 102 30.66 5.58 -7.19
CA ARG D 102 31.96 4.97 -7.47
C ARG D 102 33.08 5.98 -7.56
N THR D 103 32.76 7.27 -7.64
CA THR D 103 33.80 8.30 -7.56
C THR D 103 34.12 8.63 -6.11
N GLY D 104 33.10 8.75 -5.27
CA GLY D 104 33.30 9.08 -3.87
C GLY D 104 32.70 10.41 -3.48
N GLU D 105 31.58 10.78 -4.11
CA GLU D 105 30.92 12.04 -3.82
C GLU D 105 29.97 11.97 -2.63
N TYR D 106 29.73 10.78 -2.09
CA TYR D 106 28.98 10.61 -0.85
C TYR D 106 29.74 9.73 0.12
N LEU D 107 31.07 9.84 0.12
CA LEU D 107 31.90 8.96 0.91
C LEU D 107 31.48 8.95 2.37
N GLY D 108 31.31 7.75 2.92
CA GLY D 108 30.86 7.57 4.27
C GLY D 108 29.38 7.26 4.41
N LYS D 109 28.58 7.56 3.39
CA LYS D 109 27.14 7.46 3.46
C LYS D 109 26.61 6.33 2.59
N THR D 110 25.50 5.76 3.04
CA THR D 110 24.78 4.77 2.26
C THR D 110 23.92 5.44 1.21
N VAL D 111 24.07 5.03 -0.04
CA VAL D 111 23.34 5.61 -1.15
C VAL D 111 22.04 4.86 -1.32
N GLN D 112 20.93 5.57 -1.18
CA GLN D 112 19.59 5.00 -1.25
C GLN D 112 18.76 5.80 -2.23
N VAL D 113 17.56 5.30 -2.51
CA VAL D 113 16.62 6.01 -3.37
C VAL D 113 16.31 7.38 -2.76
N VAL D 114 15.88 7.38 -1.50
CA VAL D 114 15.75 8.60 -0.71
C VAL D 114 16.97 8.69 0.20
N PRO D 115 17.73 9.79 0.18
CA PRO D 115 17.49 11.04 -0.54
C PRO D 115 18.12 11.17 -1.93
N HIS D 116 18.97 10.24 -2.34
CA HIS D 116 19.93 10.53 -3.41
C HIS D 116 19.29 10.54 -4.80
N ILE D 117 18.50 9.52 -5.12
CA ILE D 117 17.86 9.46 -6.44
C ILE D 117 16.90 10.63 -6.60
N THR D 118 16.10 10.90 -5.56
CA THR D 118 15.15 12.01 -5.62
C THR D 118 15.86 13.35 -5.72
N ASP D 119 16.95 13.53 -4.98
CA ASP D 119 17.75 14.74 -5.09
C ASP D 119 18.26 14.92 -6.51
N ALA D 120 18.87 13.87 -7.07
CA ALA D 120 19.33 13.94 -8.45
C ALA D 120 18.20 14.40 -9.39
N ILE D 121 17.01 13.83 -9.22
CA ILE D 121 15.89 14.19 -10.08
C ILE D 121 15.58 15.68 -9.95
N GLN D 122 15.51 16.16 -8.71
CA GLN D 122 15.17 17.57 -8.49
C GLN D 122 16.25 18.48 -9.05
N GLU D 123 17.52 18.13 -8.86
CA GLU D 123 18.60 18.94 -9.40
C GLU D 123 18.53 19.00 -10.91
N TRP D 124 18.30 17.85 -11.56
CA TRP D 124 18.14 17.81 -13.01
C TRP D 124 17.00 18.73 -13.47
N VAL D 125 15.85 18.65 -12.81
CA VAL D 125 14.71 19.45 -13.21
C VAL D 125 14.99 20.92 -13.04
N GLU D 126 15.48 21.31 -11.85
CA GLU D 126 15.91 22.68 -11.61
C GLU D 126 16.85 23.16 -12.71
N ARG D 127 17.89 22.37 -13.01
CA ARG D 127 18.88 22.76 -13.99
C ARG D 127 18.25 23.01 -15.36
N VAL D 128 17.48 22.04 -15.85
CA VAL D 128 17.00 22.11 -17.23
C VAL D 128 15.90 23.15 -17.37
N ALA D 129 15.11 23.40 -16.31
CA ALA D 129 14.03 24.36 -16.43
C ALA D 129 14.55 25.78 -16.66
N GLN D 130 15.71 26.12 -16.11
CA GLN D 130 16.28 27.45 -16.28
C GLN D 130 16.99 27.61 -17.62
N THR D 131 17.20 26.54 -18.36
CA THR D 131 17.99 26.60 -19.58
C THR D 131 17.16 27.19 -20.71
N PRO D 132 17.65 28.23 -21.39
CA PRO D 132 16.93 28.75 -22.56
C PRO D 132 16.76 27.69 -23.63
N VAL D 133 15.63 27.76 -24.32
CA VAL D 133 15.27 26.73 -25.30
C VAL D 133 14.87 27.30 -26.65
N GLN D 134 14.47 28.57 -26.75
CA GLN D 134 14.13 29.17 -28.03
C GLN D 134 15.04 30.37 -28.27
N GLY D 135 16.34 30.18 -28.02
CA GLY D 135 17.30 31.25 -28.07
C GLY D 135 18.05 31.34 -26.75
N SER D 136 18.13 32.55 -26.20
CA SER D 136 18.56 32.75 -24.82
C SER D 136 17.44 33.28 -23.95
N SER D 137 16.19 33.11 -24.39
CA SER D 137 15.03 33.46 -23.57
C SER D 137 15.17 32.85 -22.19
N LYS D 138 14.65 33.55 -21.19
CA LYS D 138 14.66 33.05 -19.82
C LYS D 138 13.32 32.37 -19.54
N PRO D 139 13.27 31.05 -19.44
CA PRO D 139 11.97 30.40 -19.20
C PRO D 139 11.37 30.80 -17.87
N GLN D 140 10.06 31.04 -17.88
CA GLN D 140 9.31 31.40 -16.68
C GLN D 140 8.40 30.30 -16.19
N VAL D 141 8.10 29.30 -17.02
CA VAL D 141 7.26 28.17 -16.63
C VAL D 141 7.82 26.92 -17.29
N CYS D 142 7.81 25.82 -16.54
CA CYS D 142 8.20 24.52 -17.07
C CYS D 142 7.05 23.55 -16.93
N ILE D 143 6.73 22.87 -18.01
CA ILE D 143 5.72 21.81 -18.04
C ILE D 143 6.46 20.49 -17.98
N VAL D 144 6.29 19.74 -16.89
CA VAL D 144 6.90 18.44 -16.72
C VAL D 144 5.82 17.39 -16.87
N GLU D 145 6.06 16.41 -17.75
CA GLU D 145 5.11 15.33 -18.01
C GLU D 145 5.68 14.04 -17.48
N LEU D 146 5.02 13.44 -16.50
CA LEU D 146 5.46 12.19 -15.90
C LEU D 146 4.81 11.02 -16.65
N GLY D 147 5.64 10.22 -17.31
CA GLY D 147 5.12 9.16 -18.14
C GLY D 147 4.65 7.96 -17.36
N GLY D 148 3.80 7.17 -18.00
CA GLY D 148 3.22 6.01 -17.38
C GLY D 148 2.00 6.35 -16.54
N THR D 149 1.59 5.37 -15.75
CA THR D 149 0.45 5.52 -14.85
C THR D 149 0.94 5.59 -13.41
N ILE D 150 0.31 6.46 -12.62
CA ILE D 150 0.56 6.47 -11.18
C ILE D 150 0.24 5.09 -10.62
N GLY D 151 1.19 4.53 -9.89
CA GLY D 151 1.09 3.17 -9.39
C GLY D 151 2.11 2.23 -9.99
N ASP D 152 2.63 2.53 -11.17
CA ASP D 152 3.70 1.74 -11.75
C ASP D 152 4.87 1.66 -10.79
N ILE D 153 5.53 0.50 -10.77
CA ILE D 153 6.65 0.30 -9.85
C ILE D 153 7.81 1.21 -10.22
N GLU D 154 7.96 1.53 -11.50
CA GLU D 154 9.12 2.26 -11.98
C GLU D 154 9.08 3.74 -11.62
N GLY D 155 7.91 4.30 -11.38
CA GLY D 155 7.77 5.73 -11.18
C GLY D 155 7.55 6.17 -9.74
N MET D 156 7.85 5.29 -8.78
CA MET D 156 7.66 5.64 -7.38
C MET D 156 8.73 6.64 -6.92
N PRO D 157 9.99 6.50 -7.34
CA PRO D 157 10.99 7.52 -7.00
C PRO D 157 10.54 8.92 -7.41
N PHE D 158 10.24 9.08 -8.70
CA PHE D 158 9.89 10.38 -9.25
C PHE D 158 8.78 11.04 -8.43
N VAL D 159 7.66 10.32 -8.24
CA VAL D 159 6.59 10.85 -7.40
C VAL D 159 7.15 11.39 -6.10
N GLU D 160 7.88 10.55 -5.37
CA GLU D 160 8.46 10.98 -4.11
C GLU D 160 9.25 12.26 -4.29
N ALA D 161 10.13 12.29 -5.29
CA ALA D 161 10.90 13.49 -5.59
C ALA D 161 10.00 14.71 -5.60
N PHE D 162 8.92 14.67 -6.39
CA PHE D 162 8.09 15.84 -6.55
C PHE D 162 7.34 16.17 -5.27
N ARG D 163 6.99 15.15 -4.48
CA ARG D 163 6.39 15.43 -3.18
C ARG D 163 7.28 16.34 -2.35
N GLN D 164 8.60 16.17 -2.45
CA GLN D 164 9.53 17.09 -1.82
C GLN D 164 9.62 18.41 -2.58
N PHE D 165 9.69 18.33 -3.91
CA PHE D 165 9.86 19.52 -4.74
C PHE D 165 8.81 20.57 -4.43
N GLN D 166 7.57 20.17 -4.19
CA GLN D 166 6.50 21.15 -3.99
C GLN D 166 6.73 21.98 -2.74
N PHE D 167 7.45 21.44 -1.75
CA PHE D 167 7.83 22.23 -0.59
C PHE D 167 9.17 22.93 -0.80
N ARG D 168 9.98 22.46 -1.74
CA ARG D 168 11.24 23.12 -2.04
C ARG D 168 11.00 24.39 -2.85
N VAL D 169 9.96 24.39 -3.69
CA VAL D 169 9.64 25.54 -4.54
C VAL D 169 8.33 26.20 -4.16
N LYS D 170 7.89 26.09 -2.90
CA LYS D 170 6.87 27.02 -2.42
C LYS D 170 5.55 26.93 -3.17
N ARG D 171 4.67 26.05 -2.67
CA ARG D 171 3.41 25.67 -3.33
C ARG D 171 2.94 26.70 -4.35
N GLU D 172 3.02 27.99 -4.05
CA GLU D 172 2.56 29.01 -4.98
C GLU D 172 3.38 29.09 -6.25
N ASN D 173 4.34 28.18 -6.47
CA ASN D 173 5.04 28.05 -7.74
C ASN D 173 4.90 26.66 -8.34
N PHE D 174 3.97 25.85 -7.84
CA PHE D 174 3.86 24.46 -8.24
C PHE D 174 2.38 24.08 -8.37
N CYS D 175 2.03 23.44 -9.48
CA CYS D 175 0.66 23.02 -9.74
C CYS D 175 0.67 21.67 -10.43
N LEU D 176 -0.33 20.84 -10.12
CA LEU D 176 -0.41 19.48 -10.62
C LEU D 176 -1.73 19.24 -11.34
N ALA D 177 -1.65 18.58 -12.49
CA ALA D 177 -2.82 18.21 -13.29
C ALA D 177 -2.79 16.71 -13.54
N HIS D 178 -3.88 16.04 -13.21
CA HIS D 178 -4.00 14.59 -13.34
C HIS D 178 -4.96 14.27 -14.48
N VAL D 179 -4.44 13.59 -15.51
CA VAL D 179 -5.22 13.22 -16.68
C VAL D 179 -5.67 11.76 -16.51
N SER D 180 -6.97 11.54 -16.47
CA SER D 180 -7.52 10.23 -16.18
C SER D 180 -8.61 9.86 -17.17
N LEU D 181 -8.67 8.57 -17.49
CA LEU D 181 -9.65 8.04 -18.42
C LEU D 181 -10.98 7.78 -17.74
N VAL D 182 -12.06 8.14 -18.41
CA VAL D 182 -13.41 7.87 -17.97
C VAL D 182 -14.08 6.98 -19.02
N PRO D 183 -14.06 5.66 -18.82
CA PRO D 183 -14.58 4.75 -19.86
C PRO D 183 -16.09 4.62 -19.81
N LEU D 184 -16.64 4.27 -20.98
CA LEU D 184 -18.07 4.02 -21.15
C LEU D 184 -18.22 2.68 -21.86
N PRO D 185 -18.20 1.57 -21.12
CA PRO D 185 -18.36 0.27 -21.77
C PRO D 185 -19.75 0.08 -22.32
N LYS D 186 -19.82 -0.53 -23.50
CA LYS D 186 -21.08 -0.69 -24.21
C LYS D 186 -22.08 -1.51 -23.38
N ALA D 187 -21.63 -2.63 -22.82
CA ALA D 187 -22.53 -3.49 -22.06
C ALA D 187 -22.82 -2.95 -20.68
N THR D 188 -21.91 -2.17 -20.09
CA THR D 188 -22.16 -1.56 -18.79
C THR D 188 -23.24 -0.48 -18.91
N GLY D 189 -23.14 0.37 -19.92
CA GLY D 189 -24.17 1.34 -20.21
C GLY D 189 -24.07 2.65 -19.46
N GLU D 190 -22.88 3.04 -19.01
CA GLU D 190 -22.72 4.32 -18.34
C GLU D 190 -21.24 4.66 -18.20
N PRO D 191 -20.89 5.95 -18.18
CA PRO D 191 -19.48 6.32 -17.95
C PRO D 191 -19.07 5.99 -16.53
N LYS D 192 -17.92 5.36 -16.40
CA LYS D 192 -17.44 4.85 -15.13
C LYS D 192 -16.36 5.75 -14.56
N THR D 193 -16.45 5.98 -13.24
CA THR D 193 -15.62 6.94 -12.54
C THR D 193 -14.64 6.31 -11.57
N LYS D 194 -14.77 5.01 -11.30
CA LYS D 194 -14.00 4.32 -10.29
C LYS D 194 -12.50 4.29 -10.61
N PRO D 195 -12.10 4.08 -11.87
CA PRO D 195 -10.66 4.13 -12.17
C PRO D 195 -10.01 5.46 -11.85
N THR D 196 -10.69 6.57 -12.17
CA THR D 196 -10.16 7.88 -11.82
C THR D 196 -10.07 8.04 -10.30
N GLN D 197 -11.09 7.58 -9.57
CA GLN D 197 -11.05 7.64 -8.11
C GLN D 197 -9.86 6.88 -7.57
N SER D 198 -9.63 5.67 -8.08
CA SER D 198 -8.53 4.86 -7.59
C SER D 198 -7.18 5.47 -7.96
N SER D 199 -7.07 6.07 -9.14
CA SER D 199 -5.82 6.71 -9.52
C SER D 199 -5.52 7.91 -8.63
N VAL D 200 -6.55 8.71 -8.31
CA VAL D 200 -6.35 9.85 -7.43
C VAL D 200 -6.00 9.38 -6.02
N ARG D 201 -6.59 8.26 -5.58
CA ARG D 201 -6.22 7.69 -4.29
C ARG D 201 -4.76 7.27 -4.27
N GLU D 202 -4.32 6.57 -5.31
CA GLU D 202 -2.92 6.16 -5.40
C GLU D 202 -2.00 7.37 -5.42
N LEU D 203 -2.42 8.44 -6.10
CA LEU D 203 -1.62 9.66 -6.14
C LEU D 203 -1.50 10.29 -4.75
N ARG D 204 -2.63 10.45 -4.05
CA ARG D 204 -2.62 11.01 -2.72
C ARG D 204 -1.89 10.12 -1.72
N GLY D 205 -1.80 8.82 -1.98
CA GLY D 205 -0.99 7.93 -1.19
C GLY D 205 0.49 8.09 -1.37
N CYS D 206 0.90 9.13 -2.11
CA CYS D 206 2.32 9.43 -2.31
C CYS D 206 2.63 10.87 -1.96
N GLY D 207 1.72 11.58 -1.29
CA GLY D 207 1.96 12.92 -0.81
C GLY D 207 1.60 14.03 -1.75
N LEU D 208 1.06 13.72 -2.92
CA LEU D 208 0.69 14.73 -3.91
C LEU D 208 -0.81 14.89 -3.99
N SER D 209 -1.25 16.10 -4.32
CA SER D 209 -2.65 16.44 -4.40
C SER D 209 -2.93 17.14 -5.73
N PRO D 210 -3.93 16.72 -6.50
CA PRO D 210 -4.20 17.39 -7.77
C PRO D 210 -4.76 18.79 -7.57
N ASP D 211 -4.30 19.70 -8.43
CA ASP D 211 -4.91 21.01 -8.56
C ASP D 211 -5.87 21.07 -9.74
N LEU D 212 -5.69 20.21 -10.73
CA LEU D 212 -6.66 20.05 -11.81
C LEU D 212 -6.82 18.57 -12.13
N ILE D 213 -8.03 18.18 -12.49
CA ILE D 213 -8.32 16.83 -12.96
C ILE D 213 -8.90 16.96 -14.37
N VAL D 214 -8.21 16.38 -15.34
CA VAL D 214 -8.63 16.40 -16.73
C VAL D 214 -9.17 15.01 -17.05
N CYS D 215 -10.48 14.94 -17.30
CA CYS D 215 -11.16 13.70 -17.58
C CYS D 215 -11.23 13.49 -19.09
N ARG D 216 -10.74 12.36 -19.55
CA ARG D 216 -10.66 12.03 -20.97
C ARG D 216 -11.72 10.99 -21.28
N SER D 217 -12.57 11.28 -22.26
CA SER D 217 -13.62 10.37 -22.68
C SER D 217 -13.78 10.47 -24.18
N GLU D 218 -14.41 9.45 -24.77
CA GLU D 218 -14.69 9.48 -26.19
C GLU D 218 -15.75 10.52 -26.51
N LYS D 219 -16.80 10.59 -25.71
CA LYS D 219 -17.88 11.55 -25.84
C LYS D 219 -17.92 12.45 -24.62
N PRO D 220 -18.62 13.59 -24.69
CA PRO D 220 -18.75 14.44 -23.52
C PRO D 220 -19.58 13.79 -22.43
N ILE D 221 -19.26 14.14 -21.19
CA ILE D 221 -19.94 13.59 -20.02
C ILE D 221 -20.81 14.68 -19.41
N GLY D 222 -21.90 14.25 -18.77
CA GLY D 222 -22.83 15.16 -18.16
C GLY D 222 -22.31 15.75 -16.86
N LEU D 223 -23.12 16.65 -16.29
CA LEU D 223 -22.76 17.29 -15.04
C LEU D 223 -22.85 16.33 -13.87
N GLU D 224 -23.61 15.25 -14.00
CA GLU D 224 -23.69 14.25 -12.95
C GLU D 224 -22.36 13.55 -12.74
N VAL D 225 -21.71 13.14 -13.83
CA VAL D 225 -20.41 12.49 -13.74
C VAL D 225 -19.37 13.47 -13.19
N LYS D 226 -19.44 14.73 -13.64
CA LYS D 226 -18.54 15.75 -13.12
C LYS D 226 -18.71 15.91 -11.62
N GLU D 227 -19.96 15.97 -11.15
CA GLU D 227 -20.21 16.11 -9.72
C GLU D 227 -19.69 14.91 -8.95
N LYS D 228 -19.91 13.70 -9.48
CA LYS D 228 -19.39 12.50 -8.83
C LYS D 228 -17.88 12.57 -8.70
N ILE D 229 -17.20 12.98 -9.77
CA ILE D 229 -15.74 13.07 -9.73
C ILE D 229 -15.30 14.12 -8.71
N SER D 230 -15.94 15.29 -8.72
CA SER D 230 -15.56 16.35 -7.81
C SER D 230 -15.75 15.93 -6.36
N ASN D 231 -16.80 15.16 -6.08
CA ASN D 231 -17.09 14.77 -4.70
C ASN D 231 -16.20 13.63 -4.24
N PHE D 232 -16.02 12.60 -5.06
CA PHE D 232 -15.26 11.42 -4.66
C PHE D 232 -13.77 11.58 -4.90
N CYS D 233 -13.32 12.70 -5.47
CA CYS D 233 -11.90 12.98 -5.63
C CYS D 233 -11.48 14.28 -4.97
N HIS D 234 -12.44 15.04 -4.42
CA HIS D 234 -12.16 16.10 -3.47
C HIS D 234 -11.46 17.29 -4.11
N VAL D 235 -11.95 17.71 -5.28
CA VAL D 235 -11.57 18.98 -5.89
C VAL D 235 -12.85 19.74 -6.21
N GLY D 236 -12.69 21.02 -6.51
CA GLY D 236 -13.81 21.86 -6.85
C GLY D 236 -14.34 21.58 -8.24
N PRO D 237 -15.64 21.80 -8.45
CA PRO D 237 -16.21 21.55 -9.79
C PRO D 237 -15.60 22.40 -10.88
N ASP D 238 -15.05 23.57 -10.53
CA ASP D 238 -14.33 24.38 -11.51
C ASP D 238 -12.96 23.82 -11.86
N GLN D 239 -12.49 22.82 -11.10
CA GLN D 239 -11.19 22.21 -11.30
C GLN D 239 -11.27 20.88 -12.04
N VAL D 240 -12.41 20.60 -12.67
CA VAL D 240 -12.62 19.36 -13.42
C VAL D 240 -12.80 19.76 -14.87
N ILE D 241 -11.76 19.56 -15.67
CA ILE D 241 -11.78 19.86 -17.10
C ILE D 241 -12.07 18.57 -17.84
N CYS D 242 -13.10 18.57 -18.66
CA CYS D 242 -13.50 17.39 -19.42
C CYS D 242 -13.13 17.61 -20.88
N ILE D 243 -12.11 16.88 -21.33
CA ILE D 243 -11.62 16.93 -22.71
C ILE D 243 -11.99 15.63 -23.37
N HIS D 244 -12.92 15.68 -24.32
CA HIS D 244 -13.35 14.50 -25.05
C HIS D 244 -12.58 14.37 -26.35
N ASP D 245 -12.86 13.30 -27.09
CA ASP D 245 -12.17 13.04 -28.34
C ASP D 245 -12.65 14.01 -29.41
N LEU D 246 -11.69 14.66 -30.08
CA LEU D 246 -11.96 15.70 -31.06
C LEU D 246 -11.38 15.30 -32.41
N ASN D 247 -11.79 16.04 -33.43
CA ASN D 247 -11.35 15.73 -34.79
C ASN D 247 -9.88 16.05 -34.97
N SER D 248 -9.45 17.24 -34.56
CA SER D 248 -8.05 17.61 -34.51
C SER D 248 -7.70 18.04 -33.10
N ILE D 249 -6.40 17.97 -32.80
CA ILE D 249 -5.93 18.40 -31.48
C ILE D 249 -5.80 19.91 -31.39
N TYR D 250 -5.85 20.61 -32.52
CA TYR D 250 -5.89 22.07 -32.48
C TYR D 250 -7.06 22.58 -31.64
N HIS D 251 -8.12 21.77 -31.52
CA HIS D 251 -9.28 22.17 -30.72
C HIS D 251 -9.01 22.09 -29.22
N VAL D 252 -7.99 21.34 -28.80
CA VAL D 252 -7.79 21.13 -27.36
C VAL D 252 -7.49 22.43 -26.64
N PRO D 253 -6.50 23.24 -27.04
CA PRO D 253 -6.27 24.50 -26.32
C PRO D 253 -7.49 25.39 -26.27
N LEU D 254 -8.21 25.53 -27.37
CA LEU D 254 -9.43 26.33 -27.37
C LEU D 254 -10.40 25.82 -26.31
N LEU D 255 -10.71 24.53 -26.34
CA LEU D 255 -11.59 23.95 -25.34
C LEU D 255 -11.09 24.21 -23.93
N MET D 256 -9.79 24.40 -23.75
CA MET D 256 -9.26 24.76 -22.44
C MET D 256 -9.56 26.21 -22.11
N GLU D 257 -9.30 27.11 -23.05
CA GLU D 257 -9.66 28.51 -22.87
C GLU D 257 -11.14 28.66 -22.59
N GLN D 258 -11.96 27.82 -23.21
CA GLN D 258 -13.40 27.85 -23.01
C GLN D 258 -13.80 27.42 -21.61
N ASN D 259 -12.92 26.75 -20.88
CA ASN D 259 -13.22 26.26 -19.54
C ASN D 259 -12.49 27.03 -18.45
N GLY D 260 -11.80 28.11 -18.79
CA GLY D 260 -11.21 28.97 -17.79
C GLY D 260 -9.90 28.49 -17.22
N VAL D 261 -9.07 27.82 -18.01
CA VAL D 261 -7.79 27.36 -17.51
C VAL D 261 -6.81 28.52 -17.36
N ILE D 262 -6.89 29.52 -18.24
CA ILE D 262 -5.97 30.64 -18.16
C ILE D 262 -6.20 31.42 -16.87
N GLU D 263 -7.47 31.71 -16.55
CA GLU D 263 -7.76 32.44 -15.33
C GLU D 263 -7.34 31.67 -14.10
N TYR D 264 -7.61 30.35 -14.07
CA TYR D 264 -7.22 29.55 -12.93
C TYR D 264 -5.71 29.52 -12.77
N LEU D 265 -4.97 29.40 -13.86
CA LEU D 265 -3.51 29.36 -13.75
C LEU D 265 -2.94 30.71 -13.38
N ASN D 266 -3.58 31.80 -13.80
CA ASN D 266 -3.13 33.12 -13.40
C ASN D 266 -3.43 33.40 -11.94
N GLU D 267 -4.50 32.80 -11.40
CA GLU D 267 -4.84 32.97 -10.00
C GLU D 267 -4.03 32.04 -9.09
N ARG D 268 -3.68 30.86 -9.58
CA ARG D 268 -3.05 29.84 -8.75
C ARG D 268 -1.54 30.00 -8.72
N LEU D 269 -0.92 30.32 -9.85
CA LEU D 269 0.51 30.52 -9.93
C LEU D 269 0.91 31.99 -9.86
N GLN D 270 -0.06 32.90 -9.83
CA GLN D 270 0.20 34.33 -9.73
C GLN D 270 1.10 34.79 -10.87
N LEU D 271 0.57 34.65 -12.09
CA LEU D 271 1.30 35.01 -13.30
C LEU D 271 1.20 36.49 -13.63
N ASN D 272 0.20 37.19 -13.09
CA ASN D 272 0.01 38.62 -13.33
C ASN D 272 -0.11 38.92 -14.82
N ILE D 273 -1.15 38.36 -15.42
CA ILE D 273 -1.46 38.56 -16.82
C ILE D 273 -2.54 39.62 -16.94
N ASP D 274 -2.34 40.58 -17.83
CA ASP D 274 -3.33 41.61 -18.11
C ASP D 274 -4.25 41.10 -19.20
N MET D 275 -5.53 40.94 -18.88
CA MET D 275 -6.41 40.15 -19.74
C MET D 275 -7.16 41.02 -20.75
N SER D 276 -7.41 42.29 -20.43
CA SER D 276 -7.89 43.20 -21.47
C SER D 276 -6.97 43.20 -22.69
N LYS D 277 -5.73 42.74 -22.51
CA LYS D 277 -4.75 42.60 -23.58
C LYS D 277 -4.87 41.26 -24.31
N ARG D 278 -5.21 40.19 -23.61
CA ARG D 278 -4.97 38.84 -24.09
C ARG D 278 -5.96 38.36 -25.14
N THR D 279 -7.05 39.07 -25.38
CA THR D 279 -7.99 38.64 -26.39
C THR D 279 -7.28 38.47 -27.74
N LYS D 280 -7.85 37.62 -28.59
CA LYS D 280 -7.26 37.25 -29.87
C LYS D 280 -5.93 36.53 -29.69
N CYS D 281 -5.69 35.93 -28.53
CA CYS D 281 -4.42 35.26 -28.28
C CYS D 281 -4.30 33.99 -29.12
N LEU D 282 -5.37 33.21 -29.22
CA LEU D 282 -5.36 31.94 -29.91
C LEU D 282 -5.94 32.02 -31.31
N GLN D 283 -5.75 33.14 -32.00
CA GLN D 283 -6.30 33.28 -33.35
C GLN D 283 -5.66 32.29 -34.32
N GLN D 284 -4.37 32.00 -34.14
CA GLN D 284 -3.71 31.00 -34.97
C GLN D 284 -4.44 29.66 -34.89
N TRP D 285 -4.66 29.16 -33.68
CA TRP D 285 -5.30 27.87 -33.52
C TRP D 285 -6.75 27.90 -33.95
N ARG D 286 -7.43 29.03 -33.78
CA ARG D 286 -8.80 29.15 -34.27
C ARG D 286 -8.84 29.03 -35.79
N ASP D 287 -7.95 29.76 -36.49
CA ASP D 287 -7.89 29.66 -37.93
C ASP D 287 -7.58 28.24 -38.38
N LEU D 288 -6.61 27.59 -37.73
CA LEU D 288 -6.25 26.24 -38.11
C LEU D 288 -7.41 25.27 -37.90
N ALA D 289 -8.02 25.31 -36.71
CA ALA D 289 -9.13 24.41 -36.41
C ALA D 289 -10.29 24.62 -37.37
N ARG D 290 -10.56 25.87 -37.75
CA ARG D 290 -11.63 26.13 -38.70
C ARG D 290 -11.27 25.58 -40.08
N ARG D 291 -10.14 26.02 -40.62
CA ARG D 291 -9.72 25.55 -41.95
C ARG D 291 -9.70 24.03 -42.03
N THR D 292 -9.41 23.35 -40.91
CA THR D 292 -9.48 21.90 -40.90
C THR D 292 -10.90 21.38 -41.05
N GLU D 293 -11.91 22.25 -41.00
CA GLU D 293 -13.31 21.84 -41.12
C GLU D 293 -13.97 22.33 -42.40
N THR D 294 -13.32 23.20 -43.17
CA THR D 294 -13.92 23.81 -44.35
C THR D 294 -13.38 23.25 -45.66
N VAL D 295 -12.47 22.28 -45.61
CA VAL D 295 -11.79 21.79 -46.81
C VAL D 295 -12.54 20.55 -47.30
N ARG D 296 -12.99 20.60 -48.55
CA ARG D 296 -13.70 19.48 -49.19
C ARG D 296 -13.07 19.27 -50.58
N ARG D 297 -11.98 18.51 -50.61
CA ARG D 297 -11.36 18.13 -51.89
C ARG D 297 -10.92 16.68 -51.95
N GLU D 298 -10.66 16.02 -50.83
CA GLU D 298 -10.50 14.56 -50.77
C GLU D 298 -9.36 14.08 -51.67
N VAL D 299 -8.15 14.47 -51.28
CA VAL D 299 -6.95 13.82 -51.80
C VAL D 299 -6.69 12.56 -50.98
N CYS D 300 -6.46 11.45 -51.68
CA CYS D 300 -6.35 10.13 -51.05
C CYS D 300 -4.92 9.61 -51.22
N ILE D 301 -4.27 9.34 -50.10
CA ILE D 301 -2.88 8.91 -50.07
C ILE D 301 -2.81 7.51 -49.48
N ALA D 302 -1.87 6.72 -50.00
CA ALA D 302 -1.59 5.38 -49.49
C ALA D 302 -0.29 5.39 -48.70
N VAL D 303 -0.32 4.76 -47.54
CA VAL D 303 0.87 4.55 -46.72
C VAL D 303 1.11 3.05 -46.63
N VAL D 304 2.17 2.59 -47.28
CA VAL D 304 2.53 1.17 -47.34
C VAL D 304 3.61 0.94 -46.30
N GLY D 305 3.25 0.27 -45.21
CA GLY D 305 4.18 0.04 -44.12
C GLY D 305 4.00 -1.33 -43.50
N LYS D 306 4.84 -1.61 -42.50
CA LYS D 306 4.84 -2.89 -41.80
C LYS D 306 4.41 -2.77 -40.34
N TYR D 307 4.09 -1.57 -39.87
CA TYR D 307 3.54 -1.37 -38.53
C TYR D 307 2.11 -0.87 -38.58
N THR D 308 1.39 -1.15 -39.67
CA THR D 308 0.11 -0.50 -39.94
C THR D 308 -1.00 -0.92 -39.00
N LYS D 309 -0.78 -1.93 -38.15
CA LYS D 309 -1.80 -2.30 -37.18
C LYS D 309 -1.89 -1.33 -36.02
N PHE D 310 -0.85 -0.53 -35.80
CA PHE D 310 -0.83 0.52 -34.78
C PHE D 310 -0.48 1.82 -35.48
N THR D 311 -1.49 2.66 -35.74
CA THR D 311 -1.30 3.84 -36.57
C THR D 311 -0.32 4.82 -35.94
N ASP D 312 -0.27 4.88 -34.61
CA ASP D 312 0.64 5.81 -33.94
C ASP D 312 2.11 5.51 -34.22
N SER D 313 2.41 4.41 -34.90
CA SER D 313 3.76 4.13 -35.36
C SER D 313 4.17 5.00 -36.55
N TYR D 314 3.28 5.87 -37.04
CA TYR D 314 3.61 6.79 -38.11
C TYR D 314 3.12 8.21 -37.80
N ALA D 315 2.96 8.53 -36.52
CA ALA D 315 2.32 9.78 -36.12
C ALA D 315 2.88 10.96 -36.91
N SER D 316 4.16 11.26 -36.71
CA SER D 316 4.82 12.34 -37.42
C SER D 316 4.44 12.33 -38.89
N VAL D 317 4.68 11.20 -39.56
CA VAL D 317 4.36 11.09 -40.98
C VAL D 317 2.97 11.62 -41.24
N VAL D 318 1.98 11.01 -40.59
CA VAL D 318 0.59 11.43 -40.78
C VAL D 318 0.48 12.94 -40.66
N LYS D 319 0.92 13.47 -39.52
CA LYS D 319 0.76 14.89 -39.28
C LYS D 319 1.40 15.70 -40.39
N ALA D 320 2.60 15.31 -40.81
CA ALA D 320 3.26 15.99 -41.93
C ALA D 320 2.29 16.12 -43.09
N LEU D 321 1.77 14.99 -43.57
CA LEU D 321 0.82 15.02 -44.67
C LEU D 321 -0.30 16.01 -44.42
N GLN D 322 -0.90 15.95 -43.22
CA GLN D 322 -1.96 16.89 -42.89
C GLN D 322 -1.49 18.32 -43.09
N HIS D 323 -0.37 18.68 -42.47
CA HIS D 323 0.13 20.04 -42.57
C HIS D 323 0.27 20.48 -44.02
N ALA D 324 0.51 19.53 -44.92
CA ALA D 324 0.60 19.85 -46.34
C ALA D 324 -0.79 20.04 -46.93
N ALA D 325 -1.66 19.05 -46.76
CA ALA D 325 -2.96 19.09 -47.42
C ALA D 325 -3.77 20.30 -47.00
N LEU D 326 -3.56 20.79 -45.78
CA LEU D 326 -4.30 21.97 -45.33
C LEU D 326 -3.75 23.24 -45.93
N ALA D 327 -2.45 23.30 -46.23
CA ALA D 327 -1.90 24.47 -46.88
C ALA D 327 -2.24 24.51 -48.36
N VAL D 328 -2.40 23.35 -48.98
CA VAL D 328 -2.90 23.26 -50.35
C VAL D 328 -4.41 23.42 -50.43
N ASN D 329 -5.09 23.53 -49.30
CA ASN D 329 -6.54 23.66 -49.25
C ASN D 329 -7.22 22.38 -49.74
N ARG D 330 -6.74 21.25 -49.24
CA ARG D 330 -7.30 19.95 -49.56
C ARG D 330 -7.57 19.18 -48.28
N LYS D 331 -8.46 18.19 -48.39
CA LYS D 331 -8.80 17.30 -47.29
C LYS D 331 -8.13 15.95 -47.51
N LEU D 332 -7.40 15.48 -46.50
CA LEU D 332 -6.64 14.25 -46.62
C LEU D 332 -7.50 13.03 -46.31
N GLU D 333 -7.33 11.99 -47.11
CA GLU D 333 -7.99 10.70 -46.91
C GLU D 333 -6.90 9.64 -46.89
N LEU D 334 -6.52 9.19 -45.69
CA LEU D 334 -5.38 8.32 -45.52
C LEU D 334 -5.80 6.86 -45.59
N VAL D 335 -5.06 6.07 -46.37
CA VAL D 335 -5.25 4.63 -46.48
C VAL D 335 -3.98 3.95 -46.00
N PHE D 336 -4.12 3.02 -45.07
CA PHE D 336 -3.02 2.23 -44.55
C PHE D 336 -3.06 0.85 -45.18
N ILE D 337 -1.98 0.47 -45.85
CA ILE D 337 -1.86 -0.81 -46.52
C ILE D 337 -0.75 -1.60 -45.85
N GLU D 338 -1.05 -2.82 -45.43
CA GLU D 338 -0.04 -3.72 -44.89
C GLU D 338 0.77 -4.30 -46.04
N SER D 339 2.10 -4.28 -45.90
CA SER D 339 2.97 -4.63 -47.02
C SER D 339 2.93 -6.13 -47.31
N CYS D 340 2.85 -6.96 -46.27
CA CYS D 340 2.89 -8.41 -46.48
C CYS D 340 1.73 -8.90 -47.34
N LEU D 341 0.63 -8.16 -47.40
CA LEU D 341 -0.49 -8.57 -48.24
C LEU D 341 -0.29 -8.23 -49.70
N LEU D 342 0.69 -7.40 -50.03
CA LEU D 342 1.06 -7.15 -51.42
C LEU D 342 1.97 -8.24 -51.98
N GLU D 343 2.39 -9.20 -51.17
CA GLU D 343 3.32 -10.23 -51.57
C GLU D 343 2.57 -11.46 -52.06
N GLU D 344 3.23 -12.23 -52.92
CA GLU D 344 2.57 -13.35 -53.59
C GLU D 344 2.28 -14.51 -52.65
N GLU D 345 2.93 -14.56 -51.49
CA GLU D 345 2.63 -15.63 -50.53
C GLU D 345 1.19 -15.52 -50.04
N THR D 346 0.64 -14.31 -49.98
CA THR D 346 -0.74 -14.12 -49.58
C THR D 346 -1.70 -14.47 -50.70
N LEU D 347 -1.24 -14.46 -51.95
CA LEU D 347 -2.10 -14.85 -53.07
C LEU D 347 -2.34 -16.36 -53.11
N HIS D 348 -1.52 -17.14 -52.42
CA HIS D 348 -1.69 -18.58 -52.32
C HIS D 348 -2.24 -19.02 -50.97
N SER D 349 -2.54 -18.08 -50.08
CA SER D 349 -3.06 -18.41 -48.76
C SER D 349 -4.34 -17.62 -48.47
N GLU D 350 -4.41 -16.39 -48.95
CA GLU D 350 -5.56 -15.53 -48.73
C GLU D 350 -5.68 -14.57 -49.92
N PRO D 351 -6.22 -15.05 -51.04
CA PRO D 351 -6.27 -14.18 -52.23
C PRO D 351 -7.19 -12.99 -52.08
N SER D 352 -8.27 -13.11 -51.31
CA SER D 352 -9.18 -11.98 -51.14
C SER D 352 -8.46 -10.78 -50.54
N LYS D 353 -7.68 -11.01 -49.49
CA LYS D 353 -6.91 -9.93 -48.88
C LYS D 353 -5.94 -9.32 -49.88
N TYR D 354 -5.22 -10.17 -50.62
CA TYR D 354 -4.28 -9.70 -51.62
C TYR D 354 -4.96 -8.74 -52.59
N HIS D 355 -6.06 -9.18 -53.20
CA HIS D 355 -6.72 -8.38 -54.21
C HIS D 355 -7.37 -7.14 -53.62
N LYS D 356 -7.86 -7.22 -52.39
CA LYS D 356 -8.46 -6.05 -51.75
C LYS D 356 -7.40 -4.98 -51.49
N GLU D 357 -6.25 -5.37 -50.97
CA GLU D 357 -5.19 -4.40 -50.69
C GLU D 357 -4.65 -3.82 -51.99
N TRP D 358 -4.52 -4.64 -53.03
CA TRP D 358 -4.07 -4.11 -54.32
C TRP D 358 -5.09 -3.15 -54.91
N GLN D 359 -6.38 -3.42 -54.71
CA GLN D 359 -7.42 -2.48 -55.10
C GLN D 359 -7.23 -1.15 -54.37
N LYS D 360 -7.11 -1.20 -53.05
CA LYS D 360 -6.86 0.01 -52.27
C LYS D 360 -5.66 0.78 -52.81
N LEU D 361 -4.60 0.06 -53.16
CA LEU D 361 -3.38 0.73 -53.62
C LEU D 361 -3.58 1.38 -54.98
N CYS D 362 -4.31 0.72 -55.87
CA CYS D 362 -4.44 1.21 -57.24
C CYS D 362 -5.48 2.31 -57.39
N ASP D 363 -6.42 2.45 -56.46
CA ASP D 363 -7.47 3.46 -56.55
C ASP D 363 -7.16 4.68 -55.67
N SER D 364 -5.90 5.03 -55.53
CA SER D 364 -5.47 6.21 -54.78
C SER D 364 -4.80 7.19 -55.74
N HIS D 365 -4.37 8.33 -55.17
CA HIS D 365 -3.77 9.40 -55.96
C HIS D 365 -2.30 9.65 -55.63
N GLY D 366 -1.77 9.01 -54.61
CA GLY D 366 -0.37 9.19 -54.24
C GLY D 366 0.08 8.16 -53.24
N ILE D 367 1.37 7.82 -53.26
CA ILE D 367 1.92 6.77 -52.44
C ILE D 367 3.05 7.33 -51.58
N LEU D 368 3.02 6.95 -50.30
CA LEU D 368 4.06 7.29 -49.35
C LEU D 368 4.57 6.00 -48.74
N VAL D 369 5.87 5.76 -48.86
CA VAL D 369 6.50 4.58 -48.28
C VAL D 369 7.31 5.04 -47.07
N PRO D 370 6.97 4.61 -45.86
CA PRO D 370 7.73 5.05 -44.68
C PRO D 370 8.94 4.18 -44.40
N GLY D 371 9.66 4.51 -43.33
CA GLY D 371 10.83 3.76 -42.92
C GLY D 371 10.48 2.54 -42.10
N GLY D 372 11.51 1.77 -41.79
CA GLY D 372 11.32 0.54 -41.05
C GLY D 372 12.64 -0.12 -40.77
N PHE D 373 12.55 -1.31 -40.17
CA PHE D 373 13.72 -2.11 -39.83
C PHE D 373 13.37 -3.58 -40.05
N GLY D 374 14.39 -4.38 -40.25
CA GLY D 374 14.20 -5.81 -40.39
C GLY D 374 13.87 -6.29 -41.78
N SER D 375 13.10 -7.38 -41.87
CA SER D 375 12.83 -8.02 -43.15
C SER D 375 11.36 -8.37 -43.34
N ARG D 376 10.48 -7.99 -42.41
CA ARG D 376 9.08 -8.38 -42.46
C ARG D 376 8.29 -7.29 -43.17
N GLY D 377 7.98 -7.52 -44.43
CA GLY D 377 7.15 -6.62 -45.20
C GLY D 377 7.87 -5.74 -46.20
N MET D 378 9.08 -6.09 -46.61
CA MET D 378 9.82 -5.28 -47.56
C MET D 378 9.62 -5.73 -49.00
N GLU D 379 9.34 -7.01 -49.23
CA GLU D 379 9.14 -7.50 -50.59
C GLU D 379 7.79 -7.12 -51.18
N GLY D 380 6.91 -6.47 -50.40
CA GLY D 380 5.71 -5.86 -50.95
C GLY D 380 5.92 -4.35 -51.07
N LYS D 381 6.72 -3.82 -50.15
CA LYS D 381 7.18 -2.44 -50.27
C LYS D 381 7.98 -2.25 -51.54
N ILE D 382 8.60 -3.32 -52.04
CA ILE D 382 9.29 -3.28 -53.31
C ILE D 382 8.29 -3.18 -54.46
N ARG D 383 7.26 -4.02 -54.41
CA ARG D 383 6.27 -4.05 -55.47
C ARG D 383 5.48 -2.75 -55.54
N ALA D 384 5.24 -2.10 -54.41
CA ALA D 384 4.54 -0.82 -54.44
C ALA D 384 5.32 0.21 -55.25
N CYS D 385 6.62 0.34 -54.97
CA CYS D 385 7.47 1.25 -55.75
C CYS D 385 7.51 0.84 -57.21
N GLN D 386 7.60 -0.47 -57.47
CA GLN D 386 7.64 -0.94 -58.85
C GLN D 386 6.36 -0.54 -59.60
N TRP D 387 5.21 -0.73 -58.97
CA TRP D 387 3.94 -0.37 -59.60
C TRP D 387 3.85 1.12 -59.84
N ALA D 388 4.17 1.92 -58.83
CA ALA D 388 4.12 3.37 -58.99
C ALA D 388 5.10 3.84 -60.06
N ARG D 389 6.16 3.08 -60.29
CA ARG D 389 7.11 3.41 -61.34
C ARG D 389 6.54 3.09 -62.71
N GLU D 390 6.04 1.88 -62.88
CA GLU D 390 5.51 1.43 -64.17
C GLU D 390 4.09 1.91 -64.45
N ASN D 391 3.52 2.77 -63.59
CA ASN D 391 2.17 3.28 -63.81
C ASN D 391 2.06 4.78 -63.60
N GLN D 392 3.17 5.49 -63.39
CA GLN D 392 3.19 6.95 -63.31
C GLN D 392 2.25 7.45 -62.22
N LYS D 393 2.58 7.09 -60.99
CA LYS D 393 1.86 7.54 -59.81
C LYS D 393 2.82 8.26 -58.87
N PRO D 394 2.50 9.48 -58.41
CA PRO D 394 3.41 10.19 -57.51
C PRO D 394 3.83 9.32 -56.33
N LEU D 395 5.00 9.61 -55.78
CA LEU D 395 5.56 8.76 -54.74
C LEU D 395 6.59 9.53 -53.93
N LEU D 396 6.50 9.37 -52.61
CA LEU D 396 7.52 9.84 -51.69
C LEU D 396 7.98 8.68 -50.81
N GLY D 397 9.30 8.54 -50.68
CA GLY D 397 9.88 7.46 -49.88
C GLY D 397 10.73 8.03 -48.76
N ILE D 398 10.70 7.37 -47.59
CA ILE D 398 11.29 7.90 -46.37
C ILE D 398 12.19 6.84 -45.75
N CYS D 399 13.48 6.86 -46.10
CA CYS D 399 14.55 6.19 -45.37
C CYS D 399 14.55 4.68 -45.50
N LEU D 400 13.47 4.11 -46.01
CA LEU D 400 13.45 2.72 -46.45
C LEU D 400 12.70 2.54 -47.76
N GLY D 401 11.80 3.47 -48.11
CA GLY D 401 11.30 3.51 -49.47
C GLY D 401 12.37 3.91 -50.46
N LEU D 402 13.37 4.65 -50.00
CA LEU D 402 14.52 4.94 -50.85
C LEU D 402 15.27 3.66 -51.19
N GLN D 403 15.62 2.87 -50.18
CA GLN D 403 16.36 1.63 -50.41
C GLN D 403 15.51 0.63 -51.16
N ALA D 404 14.24 0.50 -50.78
CA ALA D 404 13.32 -0.35 -51.52
C ALA D 404 13.26 0.06 -52.99
N ALA D 405 13.19 1.37 -53.25
CA ALA D 405 13.09 1.85 -54.62
C ALA D 405 14.37 1.58 -55.39
N VAL D 406 15.52 1.76 -54.76
CA VAL D 406 16.79 1.48 -55.42
C VAL D 406 16.88 0.01 -55.79
N ILE D 407 16.55 -0.87 -54.85
CA ILE D 407 16.59 -2.31 -55.12
C ILE D 407 15.61 -2.67 -56.24
N GLU D 408 14.41 -2.08 -56.21
CA GLU D 408 13.42 -2.34 -57.24
C GLU D 408 13.93 -1.90 -58.61
N PHE D 409 14.48 -0.68 -58.69
CA PHE D 409 15.03 -0.18 -59.94
C PHE D 409 16.12 -1.12 -60.46
N ALA D 410 17.00 -1.56 -59.57
CA ALA D 410 18.05 -2.50 -59.97
C ALA D 410 17.44 -3.76 -60.56
N ARG D 411 16.57 -4.44 -59.80
CA ARG D 411 16.08 -5.74 -60.21
C ARG D 411 15.15 -5.67 -61.41
N ASN D 412 14.58 -4.50 -61.72
CA ASN D 412 13.62 -4.39 -62.81
C ASN D 412 14.16 -3.68 -64.04
N LYS D 413 15.30 -3.00 -63.94
CA LYS D 413 15.92 -2.35 -65.09
C LYS D 413 17.27 -2.95 -65.44
N LEU D 414 18.17 -3.09 -64.47
CA LEU D 414 19.51 -3.60 -64.71
C LEU D 414 19.58 -5.13 -64.70
N GLY D 415 18.43 -5.80 -64.68
CA GLY D 415 18.42 -7.25 -64.67
C GLY D 415 19.19 -7.87 -63.52
N LEU D 416 19.28 -7.18 -62.40
CA LEU D 416 19.98 -7.68 -61.21
C LEU D 416 18.95 -8.35 -60.32
N LYS D 417 18.70 -9.63 -60.58
CA LYS D 417 17.65 -10.36 -59.86
C LYS D 417 17.95 -10.45 -58.37
N ASP D 418 19.22 -10.54 -58.00
CA ASP D 418 19.61 -10.74 -56.60
C ASP D 418 19.85 -9.43 -55.86
N ALA D 419 19.59 -8.28 -56.50
CA ALA D 419 19.70 -7.01 -55.80
C ALA D 419 18.86 -7.05 -54.53
N ASN D 420 19.52 -6.89 -53.39
CA ASN D 420 18.87 -7.09 -52.10
C ASN D 420 19.58 -6.24 -51.06
N THR D 421 19.19 -6.43 -49.80
CA THR D 421 19.74 -5.73 -48.66
C THR D 421 20.70 -6.63 -47.89
N THR D 422 21.61 -6.00 -47.16
CA THR D 422 22.41 -6.71 -46.17
C THR D 422 21.57 -7.05 -44.95
N GLU D 423 20.58 -6.23 -44.63
CA GLU D 423 19.69 -6.46 -43.50
C GLU D 423 18.84 -7.70 -43.70
N ILE D 424 18.61 -8.10 -44.96
CA ILE D 424 17.89 -9.33 -45.24
C ILE D 424 18.88 -10.46 -45.49
N ASP D 425 19.68 -10.34 -46.54
CA ASP D 425 20.70 -11.34 -46.88
C ASP D 425 22.06 -10.66 -46.95
N PRO D 426 22.93 -10.84 -45.95
CA PRO D 426 24.25 -10.18 -46.01
C PRO D 426 25.23 -10.85 -46.95
N ASN D 427 24.96 -12.06 -47.42
CA ASN D 427 25.86 -12.81 -48.30
C ASN D 427 25.37 -12.80 -49.74
N THR D 428 24.81 -11.69 -50.20
CA THR D 428 24.28 -11.60 -51.55
C THR D 428 25.36 -11.10 -52.51
N ALA D 429 25.31 -11.61 -53.75
CA ALA D 429 26.26 -11.19 -54.77
C ALA D 429 26.16 -9.68 -55.01
N ASN D 430 25.00 -9.23 -55.49
CA ASN D 430 24.77 -7.82 -55.76
C ASN D 430 24.12 -7.20 -54.51
N ALA D 431 24.92 -6.48 -53.73
CA ALA D 431 24.45 -5.83 -52.52
C ALA D 431 24.25 -4.35 -52.81
N LEU D 432 23.00 -3.98 -53.11
CA LEU D 432 22.69 -2.58 -53.37
C LEU D 432 22.67 -1.76 -52.10
N VAL D 433 22.30 -2.38 -50.98
CA VAL D 433 22.25 -1.72 -49.68
C VAL D 433 23.28 -2.39 -48.79
N ILE D 434 24.22 -1.61 -48.27
CA ILE D 434 25.35 -2.12 -47.51
C ILE D 434 25.35 -1.52 -46.11
N ASP D 435 26.25 -2.02 -45.29
CA ASP D 435 26.38 -1.63 -43.90
C ASP D 435 27.43 -0.54 -43.76
N MET D 436 27.10 0.52 -43.04
CA MET D 436 28.06 1.56 -42.67
C MET D 436 28.82 1.08 -41.44
N PRO D 437 30.09 0.66 -41.60
CA PRO D 437 30.78 0.01 -40.47
C PRO D 437 31.14 0.95 -39.33
N GLU D 438 30.96 2.27 -39.50
CA GLU D 438 31.14 3.17 -38.36
C GLU D 438 30.02 3.05 -37.35
N HIS D 439 28.87 2.50 -37.75
CA HIS D 439 27.70 2.36 -36.89
C HIS D 439 27.29 0.90 -36.74
N HIS D 440 28.26 -0.01 -36.81
CA HIS D 440 28.02 -1.44 -36.70
C HIS D 440 28.98 -2.05 -35.70
N THR D 441 29.08 -1.42 -34.52
CA THR D 441 30.02 -1.83 -33.49
C THR D 441 29.51 -3.01 -32.66
N GLY D 442 28.29 -3.48 -32.90
CA GLY D 442 27.67 -4.51 -32.09
C GLY D 442 26.90 -3.92 -30.93
N GLN D 443 27.39 -2.83 -30.38
CA GLN D 443 26.71 -2.11 -29.29
C GLN D 443 25.55 -1.32 -29.89
N LEU D 444 24.39 -1.96 -29.94
CA LEU D 444 23.18 -1.29 -30.40
C LEU D 444 22.67 -0.36 -29.31
N GLY D 445 22.32 0.87 -29.70
CA GLY D 445 22.00 1.91 -28.75
C GLY D 445 22.92 3.10 -28.87
N GLY D 446 22.40 4.20 -29.42
CA GLY D 446 23.22 5.34 -29.76
C GLY D 446 24.14 5.13 -30.95
N THR D 447 24.18 3.92 -31.51
CA THR D 447 25.09 3.59 -32.60
C THR D 447 24.37 3.69 -33.95
N MET D 448 23.87 4.89 -34.24
CA MET D 448 23.16 5.15 -35.47
C MET D 448 23.59 6.51 -36.01
N ARG D 449 23.55 6.66 -37.32
CA ARG D 449 23.63 7.99 -37.91
C ARG D 449 22.38 8.73 -37.49
N LEU D 450 22.56 9.72 -36.62
CA LEU D 450 21.47 10.38 -35.91
C LEU D 450 21.65 11.89 -35.98
N GLY D 451 20.53 12.59 -36.01
CA GLY D 451 20.54 14.02 -35.82
C GLY D 451 20.61 14.80 -37.11
N LYS D 452 20.71 16.11 -36.96
CA LYS D 452 20.69 17.00 -38.12
C LYS D 452 22.02 16.95 -38.84
N ARG D 453 21.97 16.70 -40.14
CA ARG D 453 23.11 16.75 -41.03
C ARG D 453 22.79 17.69 -42.18
N ILE D 454 23.82 18.03 -42.92
CA ILE D 454 23.73 19.04 -43.98
C ILE D 454 23.46 18.36 -45.32
N THR D 455 22.67 19.02 -46.14
CA THR D 455 22.33 18.58 -47.48
C THR D 455 23.06 19.43 -48.50
N VAL D 456 23.45 18.82 -49.61
CA VAL D 456 24.00 19.54 -50.75
C VAL D 456 23.45 18.90 -52.02
N PHE D 457 22.75 19.67 -52.82
CA PHE D 457 22.19 19.16 -54.06
C PHE D 457 23.24 19.20 -55.16
N SER D 458 23.28 18.14 -55.96
CA SER D 458 24.09 18.17 -57.16
C SER D 458 23.59 19.26 -58.10
N ASP D 459 24.47 19.69 -58.99
CA ASP D 459 24.12 20.78 -59.90
C ASP D 459 23.16 20.28 -60.97
N GLY D 460 22.25 21.17 -61.37
CA GLY D 460 21.17 20.80 -62.25
C GLY D 460 19.83 20.99 -61.56
N PRO D 461 19.03 21.96 -62.02
CA PRO D 461 17.74 22.22 -61.37
C PRO D 461 16.97 20.94 -61.10
N SER D 462 16.35 20.88 -59.92
CA SER D 462 15.56 19.73 -59.49
C SER D 462 14.27 20.21 -58.86
N VAL D 463 13.16 19.58 -59.23
CA VAL D 463 11.87 19.94 -58.67
C VAL D 463 11.93 19.93 -57.15
N ILE D 464 12.60 18.93 -56.57
CA ILE D 464 12.67 18.84 -55.13
C ILE D 464 13.53 19.98 -54.55
N ARG D 465 14.46 20.51 -55.34
CA ARG D 465 15.23 21.66 -54.90
C ARG D 465 14.41 22.94 -55.03
N GLN D 466 13.58 23.04 -56.07
CA GLN D 466 12.71 24.20 -56.20
C GLN D 466 11.67 24.23 -55.09
N LEU D 467 11.22 23.06 -54.62
CA LEU D 467 10.30 23.01 -53.49
C LEU D 467 10.99 23.44 -52.20
N TYR D 468 12.30 23.26 -52.11
CA TYR D 468 13.08 23.69 -50.95
C TYR D 468 13.45 25.17 -51.00
N GLY D 469 13.00 25.90 -52.01
CA GLY D 469 13.34 27.30 -52.15
C GLY D 469 14.61 27.57 -52.92
N ASN D 470 15.10 26.60 -53.68
CA ASN D 470 16.35 26.70 -54.42
C ASN D 470 17.50 27.24 -53.56
N PRO D 471 17.79 26.60 -52.44
CA PRO D 471 19.01 26.91 -51.70
C PRO D 471 20.16 25.99 -52.09
N LYS D 472 21.33 26.30 -51.55
CA LYS D 472 22.49 25.42 -51.70
C LYS D 472 22.55 24.34 -50.64
N SER D 473 21.83 24.51 -49.53
CA SER D 473 21.95 23.60 -48.40
C SER D 473 20.62 23.55 -47.66
N VAL D 474 20.48 22.52 -46.82
CA VAL D 474 19.38 22.42 -45.88
C VAL D 474 19.72 21.37 -44.82
N GLN D 475 19.40 21.64 -43.57
CA GLN D 475 19.67 20.72 -42.48
C GLN D 475 18.46 19.82 -42.25
N GLU D 476 18.73 18.52 -42.10
CA GLU D 476 17.65 17.55 -41.92
C GLU D 476 18.10 16.45 -40.98
N ARG D 477 17.14 15.88 -40.26
CA ARG D 477 17.41 14.89 -39.24
C ARG D 477 17.47 13.49 -39.84
N HIS D 478 18.51 12.76 -39.49
CA HIS D 478 18.75 11.40 -39.93
C HIS D 478 18.58 10.44 -38.77
N ARG D 479 18.20 9.20 -39.11
CA ARG D 479 18.22 8.09 -38.16
C ARG D 479 18.33 6.81 -38.99
N HIS D 480 19.54 6.27 -39.12
CA HIS D 480 19.70 5.08 -39.93
C HIS D 480 21.03 4.38 -39.65
N ARG D 481 21.10 3.12 -40.09
CA ARG D 481 22.26 2.26 -39.91
C ARG D 481 22.86 1.74 -41.21
N TYR D 482 22.09 1.68 -42.29
CA TYR D 482 22.56 1.16 -43.58
C TYR D 482 22.68 2.30 -44.58
N GLU D 483 23.11 1.98 -45.79
CA GLU D 483 23.36 3.01 -46.79
C GLU D 483 23.48 2.36 -48.16
N VAL D 484 23.02 3.05 -49.20
CA VAL D 484 23.07 2.49 -50.55
C VAL D 484 24.52 2.41 -51.00
N ASN D 485 24.84 1.35 -51.73
CA ASN D 485 26.21 1.12 -52.18
C ASN D 485 26.65 2.20 -53.16
N PRO D 486 27.69 2.98 -52.85
CA PRO D 486 28.14 4.00 -53.81
C PRO D 486 28.69 3.42 -55.10
N LYS D 487 29.10 2.14 -55.10
CA LYS D 487 29.72 1.56 -56.28
C LYS D 487 28.73 1.48 -57.44
N TYR D 488 27.54 0.93 -57.18
CA TYR D 488 26.51 0.79 -58.21
C TYR D 488 25.87 2.12 -58.61
N VAL D 489 26.35 3.25 -58.10
CA VAL D 489 25.66 4.51 -58.28
C VAL D 489 25.46 4.81 -59.76
N HIS D 490 26.56 4.86 -60.51
CA HIS D 490 26.46 5.26 -61.91
C HIS D 490 25.74 4.21 -62.75
N LEU D 491 25.77 2.95 -62.33
CA LEU D 491 25.02 1.92 -63.06
C LEU D 491 23.53 2.18 -63.01
N LEU D 492 23.06 2.90 -62.00
CA LEU D 492 21.68 3.38 -61.98
C LEU D 492 21.55 4.77 -62.56
N GLU D 493 22.60 5.58 -62.45
CA GLU D 493 22.57 6.93 -62.98
C GLU D 493 22.56 6.96 -64.50
N GLU D 494 23.04 5.90 -65.15
CA GLU D 494 22.95 5.81 -66.61
C GLU D 494 21.61 5.21 -67.03
N GLN D 495 20.55 5.74 -66.44
CA GLN D 495 19.16 5.32 -66.65
C GLN D 495 18.29 6.37 -65.98
N GLY D 496 17.01 6.07 -65.83
CA GLY D 496 16.09 7.03 -65.25
C GLY D 496 16.17 7.13 -63.74
N MET D 497 17.37 7.10 -63.18
CA MET D 497 17.60 7.36 -61.76
C MET D 497 18.68 8.42 -61.64
N ARG D 498 18.49 9.36 -60.73
CA ARG D 498 19.38 10.52 -60.62
C ARG D 498 19.50 10.92 -59.16
N PHE D 499 20.74 11.00 -58.67
CA PHE D 499 21.03 11.36 -57.29
C PHE D 499 21.17 12.88 -57.21
N VAL D 500 20.13 13.54 -56.74
CA VAL D 500 20.08 15.00 -56.71
C VAL D 500 20.54 15.52 -55.36
N GLY D 501 21.09 14.64 -54.53
CA GLY D 501 21.51 15.04 -53.20
C GLY D 501 22.40 14.01 -52.56
N THR D 502 23.36 14.49 -51.78
CA THR D 502 24.22 13.63 -50.97
C THR D 502 24.88 14.51 -49.91
N ASP D 503 25.81 13.92 -49.16
CA ASP D 503 26.44 14.60 -48.04
C ASP D 503 27.45 15.63 -48.56
N VAL D 504 28.20 16.22 -47.63
CA VAL D 504 29.17 17.25 -47.99
C VAL D 504 30.39 16.64 -48.67
N ASP D 505 30.68 15.36 -48.42
CA ASP D 505 31.83 14.69 -49.02
C ASP D 505 31.48 13.93 -50.29
N LYS D 506 30.22 13.93 -50.70
CA LYS D 506 29.81 13.45 -52.02
C LYS D 506 30.07 11.95 -52.18
N THR D 507 29.81 11.17 -51.12
CA THR D 507 29.89 9.73 -51.23
C THR D 507 28.81 8.98 -50.46
N ARG D 508 27.86 9.69 -49.85
CA ARG D 508 26.74 9.07 -49.14
C ARG D 508 25.44 9.59 -49.73
N MET D 509 24.70 8.73 -50.39
CA MET D 509 23.49 9.14 -51.10
C MET D 509 22.34 9.33 -50.12
N GLU D 510 21.61 10.42 -50.30
CA GLU D 510 20.47 10.74 -49.44
C GLU D 510 19.22 11.19 -50.19
N ILE D 511 19.27 11.36 -51.51
CA ILE D 511 18.10 11.70 -52.30
C ILE D 511 18.26 11.04 -53.67
N ILE D 512 17.13 10.82 -54.35
CA ILE D 512 17.11 10.22 -55.67
C ILE D 512 15.85 10.69 -56.39
N GLU D 513 15.93 10.76 -57.71
CA GLU D 513 14.84 11.27 -58.52
C GLU D 513 14.75 10.46 -59.81
N LEU D 514 13.54 10.33 -60.33
CA LEU D 514 13.27 9.62 -61.57
C LEU D 514 12.79 10.62 -62.62
N SER D 515 13.54 10.73 -63.71
CA SER D 515 13.18 11.65 -64.78
C SER D 515 12.08 11.06 -65.65
N GLY D 516 11.19 11.93 -66.13
CA GLY D 516 10.04 11.50 -66.88
C GLY D 516 8.85 11.21 -66.00
N HIS D 517 9.12 10.68 -64.80
CA HIS D 517 8.07 10.41 -63.83
C HIS D 517 7.62 11.71 -63.18
N PRO D 518 6.31 11.90 -62.98
CA PRO D 518 5.85 13.15 -62.36
C PRO D 518 6.50 13.44 -61.01
N TYR D 519 6.49 12.47 -60.09
CA TYR D 519 7.04 12.71 -58.76
C TYR D 519 7.41 11.36 -58.15
N PHE D 520 8.70 11.08 -58.04
CA PHE D 520 9.22 9.83 -57.50
C PHE D 520 10.35 10.10 -56.52
N VAL D 521 10.11 10.97 -55.57
CA VAL D 521 11.19 11.46 -54.72
C VAL D 521 11.36 10.58 -53.51
N ALA D 522 12.60 10.42 -53.08
CA ALA D 522 12.93 9.61 -51.92
C ALA D 522 14.03 10.30 -51.12
N THR D 523 13.92 10.20 -49.80
CA THR D 523 14.88 10.81 -48.88
C THR D 523 15.31 9.78 -47.86
N GLN D 524 16.62 9.64 -47.67
CA GLN D 524 17.12 8.72 -46.66
C GLN D 524 16.88 9.25 -45.26
N TYR D 525 16.94 10.57 -45.10
CA TYR D 525 16.60 11.22 -43.86
C TYR D 525 15.09 11.17 -43.61
N HIS D 526 14.66 11.78 -42.51
CA HIS D 526 13.24 11.89 -42.19
C HIS D 526 12.83 13.36 -42.29
N PRO D 527 12.16 13.77 -43.36
CA PRO D 527 11.65 15.15 -43.42
C PRO D 527 10.41 15.39 -42.59
N GLU D 528 9.86 14.34 -41.98
CA GLU D 528 8.69 14.41 -41.13
C GLU D 528 8.94 15.10 -39.80
N TYR D 529 10.20 15.26 -39.40
CA TYR D 529 10.50 15.74 -38.05
C TYR D 529 10.49 17.26 -37.94
N LEU D 530 10.63 17.98 -39.05
CA LEU D 530 10.66 19.43 -39.03
C LEU D 530 9.43 20.07 -39.65
N SER D 531 8.42 19.27 -39.99
CA SER D 531 7.16 19.81 -40.46
C SER D 531 6.37 20.41 -39.30
N ARG D 532 5.73 21.53 -39.56
CA ARG D 532 4.96 22.27 -38.57
C ARG D 532 3.62 22.66 -39.16
N PRO D 533 2.64 22.99 -38.30
CA PRO D 533 1.32 23.37 -38.83
C PRO D 533 1.35 24.51 -39.82
N LEU D 534 2.12 25.56 -39.57
CA LEU D 534 2.21 26.72 -40.45
C LEU D 534 3.55 26.77 -41.17
N LYS D 535 4.19 25.63 -41.37
CA LYS D 535 5.45 25.54 -42.08
C LYS D 535 5.64 24.13 -42.59
N PRO D 536 4.86 23.71 -43.60
CA PRO D 536 4.93 22.31 -44.04
C PRO D 536 6.28 21.92 -44.57
N SER D 537 6.45 20.64 -44.89
CA SER D 537 7.73 20.15 -45.38
C SER D 537 7.66 19.98 -46.89
N PRO D 538 8.65 20.46 -47.64
CA PRO D 538 8.50 20.58 -49.10
C PRO D 538 8.21 19.24 -49.78
N PRO D 539 8.88 18.15 -49.38
CA PRO D 539 8.59 16.87 -50.06
C PRO D 539 7.12 16.45 -49.96
N PHE D 540 6.51 16.54 -48.79
CA PHE D 540 5.10 16.20 -48.66
C PHE D 540 4.23 17.17 -49.44
N LEU D 541 4.61 18.45 -49.44
CA LEU D 541 3.92 19.45 -50.24
C LEU D 541 3.87 19.03 -51.71
N GLY D 542 5.02 18.67 -52.26
CA GLY D 542 5.08 18.26 -53.65
C GLY D 542 4.32 16.97 -53.89
N LEU D 543 4.39 16.03 -52.95
CA LEU D 543 3.61 14.80 -53.08
C LEU D 543 2.13 15.11 -53.24
N ILE D 544 1.60 15.94 -52.33
CA ILE D 544 0.19 16.30 -52.39
C ILE D 544 -0.13 17.00 -53.71
N LEU D 545 0.69 17.99 -54.08
CA LEU D 545 0.43 18.74 -55.30
C LEU D 545 0.39 17.82 -56.51
N ALA D 546 1.40 16.95 -56.65
CA ALA D 546 1.38 15.97 -57.73
C ALA D 546 0.14 15.10 -57.66
N SER D 547 -0.31 14.77 -56.45
CA SER D 547 -1.49 13.93 -56.29
C SER D 547 -2.78 14.66 -56.68
N VAL D 548 -2.75 15.99 -56.77
CA VAL D 548 -3.88 16.76 -57.26
C VAL D 548 -3.57 17.47 -58.57
N ASP D 549 -2.46 17.11 -59.22
CA ASP D 549 -2.08 17.71 -60.50
C ASP D 549 -2.02 19.24 -60.40
N ARG D 550 -1.35 19.73 -59.36
CA ARG D 550 -1.14 21.16 -59.17
C ARG D 550 0.33 21.48 -58.90
N LEU D 551 1.24 20.57 -59.27
CA LEU D 551 2.65 20.76 -58.94
C LEU D 551 3.31 21.76 -59.88
N ASN D 552 3.11 21.60 -61.19
CA ASN D 552 3.71 22.51 -62.15
C ASN D 552 3.16 23.93 -61.99
N GLN D 553 1.85 24.04 -61.71
CA GLN D 553 1.27 25.35 -61.48
C GLN D 553 1.88 26.03 -60.26
N TYR D 554 2.05 25.27 -59.17
CA TYR D 554 2.64 25.82 -57.96
C TYR D 554 4.11 26.17 -58.17
N ILE D 555 4.81 25.42 -59.03
CA ILE D 555 6.21 25.72 -59.31
C ILE D 555 6.34 27.09 -59.94
N GLN D 556 5.45 27.42 -60.86
CA GLN D 556 5.54 28.68 -61.60
C GLN D 556 4.84 29.80 -60.84
PG GTP E . -9.64 -14.25 35.28
O1G GTP E . -9.39 -13.85 36.71
O2G GTP E . -9.81 -15.75 35.19
O3G GTP E . -8.49 -13.82 34.41
O3B GTP E . -11.00 -13.54 34.79
PB GTP E . -11.13 -11.94 34.70
O1B GTP E . -12.58 -11.57 34.53
O2B GTP E . -10.54 -11.27 35.91
O3A GTP E . -10.29 -11.55 33.38
PA GTP E . -10.67 -12.11 31.92
O1A GTP E . -9.42 -12.25 31.10
O2A GTP E . -11.42 -13.41 32.01
O5' GTP E . -11.60 -10.95 31.28
C5' GTP E . -12.84 -10.63 31.84
C4' GTP E . -12.99 -9.12 31.86
O4' GTP E . -14.29 -8.72 31.42
C3' GTP E . -12.83 -8.57 33.26
O3' GTP E . -11.51 -8.13 33.51
C2' GTP E . -13.79 -7.40 33.32
O2' GTP E . -13.07 -6.20 33.19
C1' GTP E . -14.76 -7.63 32.18
N9 GTP E . -16.08 -7.96 32.72
C8 GTP E . -17.26 -7.27 32.55
N7 GTP E . -18.23 -7.94 33.22
C5 GTP E . -17.70 -9.03 33.79
C6 GTP E . -18.23 -10.05 34.57
O6 GTP E . -19.42 -10.05 34.86
N1 GTP E . -17.41 -11.07 35.03
C2 GTP E . -16.07 -11.06 34.70
N2 GTP E . -15.28 -12.04 35.12
N3 GTP E . -15.56 -10.06 33.93
C4 GTP E . -16.34 -9.06 33.49
O DON F . -19.44 -6.80 40.94
C DON F . -18.49 -6.78 41.92
OXT DON F . -18.77 -6.19 42.97
CA DON F . -17.20 -7.51 41.56
N DON F . -17.40 -8.71 40.79
CB DON F . -16.30 -6.51 40.84
C1E DON F . -15.41 -5.81 41.84
C1D DON F . -14.74 -4.61 41.26
O1J DON F . -14.23 -4.57 40.13
C1C DON F . -14.71 -3.39 42.16
PB ADP G . -0.63 5.54 24.85
O1B ADP G . -1.85 6.35 24.87
O2B ADP G . 0.21 5.54 23.65
O3B ADP G . -0.89 4.02 25.23
PA ADP G . 0.00 6.20 27.65
O1A ADP G . -0.28 7.63 27.84
O2A ADP G . -0.98 5.20 28.13
O3A ADP G . 0.26 5.99 26.10
O5' ADP G . 1.44 5.87 28.23
C5' ADP G . 1.84 4.50 28.51
C4' ADP G . 2.49 4.41 29.87
O4' ADP G . 3.80 5.04 29.85
C3' ADP G . 1.75 5.07 31.04
O3' ADP G . 1.95 4.31 32.22
C2' ADP G . 2.44 6.43 31.15
O2' ADP G . 2.36 6.98 32.45
C1' ADP G . 3.88 6.05 30.83
N9 ADP G . 4.62 7.17 30.26
C8 ADP G . 4.25 7.95 29.23
N7 ADP G . 5.14 8.87 28.94
C5 ADP G . 6.16 8.66 29.85
C6 ADP G . 7.40 9.31 30.05
N6 ADP G . 7.83 10.33 29.33
N1 ADP G . 8.18 8.83 31.05
C2 ADP G . 7.74 7.80 31.77
N3 ADP G . 6.61 7.12 31.66
C4 ADP G . 5.85 7.61 30.67
MG MG H . -12.50 -14.78 33.54
MG MG I . -2.01 -5.07 23.49
MG MG J . -2.39 2.31 25.85
MG MG K . 21.72 2.51 10.16
C21 5ZL L . -5.97 -2.66 17.85
C22 5ZL L . -5.87 -1.26 18.23
C24 5ZL L . -6.79 -1.10 19.34
C26 5ZL L . -7.25 1.04 20.34
C28 5ZL L . -4.78 1.06 21.75
C23 5ZL L . -6.26 -3.40 19.09
C25 5ZL L . -5.03 -4.01 19.63
C27 5ZL L . -5.12 -0.04 20.90
C29 5ZL L . -5.68 2.14 21.86
N19 5ZL L . -6.38 -0.04 20.20
N20 5ZL L . -6.92 2.14 21.16
O04 5ZL L . -6.80 -2.42 20.09
O05 5ZL L . -7.12 -2.82 16.99
O06 5ZL L . -6.20 -0.36 17.13
O07 5ZL L . -4.22 -2.97 20.11
O08 5ZL L . -8.45 1.04 19.66
O09 5ZL L . -2.18 -4.55 19.39
O10 5ZL L . -1.79 -2.12 20.06
O11 5ZL L . -2.35 -3.49 21.71
O12 5ZL L . -5.44 3.24 22.65
O13 5ZL L . -0.13 -6.21 20.01
O14 5ZL L . -2.39 -7.10 19.26
O15 5ZL L . -2.29 -6.20 21.28
O16 5ZL L . 1.92 -4.85 20.69
O17 5ZL L . 1.41 -6.59 22.08
O18 5ZL L . 0.19 -4.71 22.09
O31 5ZL L . -3.32 2.92 24.08
O32 5ZL L . -3.00 3.82 22.00
O33 5ZL L . -3.95 5.07 23.67
P01 5ZL L . -2.63 -3.26 20.33
P02 5ZL L . -1.73 -6.03 19.97
P03 5ZL L . 0.82 -5.62 21.19
P30 5ZL L . -3.94 3.75 23.09
PG GTP M . 36.32 10.80 10.25
O1G GTP M . 37.40 10.23 11.12
O2G GTP M . 36.42 12.30 10.23
O3G GTP M . 34.97 10.39 10.79
O3B GTP M . 36.52 10.24 8.75
PB GTP M . 36.39 8.67 8.42
O1B GTP M . 36.94 8.42 7.04
O2B GTP M . 37.11 7.83 9.44
O3A GTP M . 34.80 8.37 8.47
PA GTP M . 33.76 9.12 7.50
O1A GTP M . 32.45 9.27 8.20
O2A GTP M . 34.29 10.45 7.03
O5' GTP M . 33.59 8.10 6.26
C5' GTP M . 34.66 7.80 5.41
C4' GTP M . 34.65 6.31 5.11
O4' GTP M . 34.89 6.05 3.74
C3' GTP M . 35.75 5.60 5.87
O3' GTP M . 35.30 5.05 7.09
C2' GTP M . 36.20 4.50 4.94
O2' GTP M . 35.65 3.27 5.37
C1' GTP M . 35.70 4.91 3.57
N9 GTP M . 36.85 5.27 2.72
C8 GTP M . 37.23 4.69 1.54
N7 GTP M . 38.33 5.34 1.10
C5 GTP M . 38.64 6.32 1.96
C6 GTP M . 39.65 7.28 1.98
O6 GTP M . 40.48 7.32 1.09
N1 GTP M . 39.71 8.18 3.03
C2 GTP M . 38.76 8.13 4.03
N2 GTP M . 38.80 8.99 5.04
N3 GTP M . 37.77 7.18 3.99
C4 GTP M . 37.71 6.29 2.99
O DON N . 45.56 3.42 3.64
C DON N . 45.94 3.23 4.93
OXT DON N . 46.95 2.54 5.13
CA DON N . 45.05 3.90 5.96
N DON N . 44.54 5.19 5.55
CB DON N . 43.91 2.93 6.29
C1E DON N . 44.29 2.07 7.46
C1D DON N . 43.38 0.90 7.63
O1J DON N . 42.15 0.95 7.52
C1C DON N . 44.07 -0.41 7.95
PB ADP O . 21.53 -8.25 10.83
O1B ADP O . 22.10 -8.97 9.67
O2B ADP O . 20.08 -8.17 10.97
O3B ADP O . 22.08 -6.76 10.95
PA ADP O . 23.60 -9.25 12.65
O1A ADP O . 23.82 -10.68 12.33
O2A ADP O . 24.57 -8.25 12.14
O3A ADP O . 22.15 -8.89 12.15
O5' ADP O . 23.43 -9.09 14.21
C5' ADP O . 23.56 -7.79 14.85
C4' ADP O . 24.43 -7.90 16.09
O4' ADP O . 23.73 -8.61 17.14
C3' ADP O . 25.77 -8.64 15.93
O3' ADP O . 26.74 -8.03 16.75
C2' ADP O . 25.44 -10.04 16.43
O2' ADP O . 26.57 -10.72 16.92
C1' ADP O . 24.47 -9.72 17.56
N9 ADP O . 23.55 -10.81 17.81
C8 ADP O . 22.78 -11.45 16.90
N7 ADP O . 22.02 -12.39 17.44
C5 ADP O . 22.33 -12.35 18.78
C6 ADP O . 21.86 -13.10 19.88
N6 ADP O . 20.95 -14.06 19.80
N1 ADP O . 22.37 -12.79 21.09
C2 ADP O . 23.28 -11.82 21.18
N3 ADP O . 23.79 -11.06 20.22
C4 ADP O . 23.26 -11.37 19.03
MG MG P . 36.24 11.71 7.00
MG MG Q . 23.47 -5.04 10.14
C21 5ZL R . 18.61 1.02 3.73
C22 5ZL R . 18.81 -0.41 3.84
C24 5ZL R . 20.21 -0.64 3.56
C26 5ZL R . 21.16 -2.84 3.40
C28 5ZL R . 21.17 -3.18 6.22
C23 5ZL R . 19.88 1.64 4.16
C25 5ZL R . 19.78 2.10 5.55
C27 5ZL R . 20.67 -1.98 5.65
C29 5ZL R . 21.64 -4.21 5.38
N19 5ZL R . 20.68 -1.81 4.21
N20 5ZL R . 21.63 -4.05 3.97
O04 5ZL R . 20.95 0.59 4.06
O05 5ZL R . 18.44 1.35 2.33
O06 5ZL R . 17.95 -1.16 2.92
O07 5ZL R . 19.74 0.96 6.37
O08 5ZL R . 21.16 -2.69 2.03
O09 5ZL R . 18.21 2.47 7.98
O10 5ZL R . 18.44 -0.04 8.36
O11 5ZL R . 20.24 1.17 8.83
O12 5ZL R . 22.13 -5.40 5.85
O13 5ZL R . 17.85 3.91 10.24
O14 5ZL R . 18.37 5.03 8.01
O15 5ZL R . 20.01 3.90 8.98
O16 5ZL R . 17.35 2.35 12.20
O17 5ZL R . 18.92 3.95 12.62
O18 5ZL R . 19.40 2.17 11.35
O31 5ZL R . 22.36 -5.39 8.41
O32 5ZL R . 20.33 -6.08 7.58
O33 5ZL R . 22.17 -7.43 7.43
P01 5ZL R . 19.17 1.12 7.89
P02 5ZL R . 18.60 3.85 8.82
P03 5ZL R . 18.38 3.13 11.57
P30 5ZL R . 21.74 -6.06 7.30
PG GTP S . -36.87 10.58 -8.30
O1G GTP S . -37.94 10.12 -9.26
O2G GTP S . -37.06 12.05 -8.02
O3G GTP S . -35.51 10.35 -8.90
O3B GTP S . -37.04 9.75 -6.94
PB GTP S . -36.83 8.16 -6.89
O1B GTP S . -37.35 7.63 -5.57
O2B GTP S . -37.51 7.48 -8.05
O3A GTP S . -35.23 7.96 -6.98
PA GTP S . -34.22 8.56 -5.89
O1A GTP S . -32.92 8.91 -6.54
O2A GTP S . -34.82 9.76 -5.19
O5' GTP S . -33.99 7.35 -4.85
C5' GTP S . -35.04 6.85 -4.07
C4' GTP S . -34.96 5.34 -4.05
O4' GTP S . -35.17 4.82 -2.75
C3' GTP S . -36.02 4.71 -4.93
O3' GTP S . -35.54 4.42 -6.23
C2' GTP S . -36.41 3.44 -4.22
O2' GTP S . -35.80 2.34 -4.85
C1' GTP S . -35.92 3.63 -2.79
N9 GTP S . -37.08 3.77 -1.89
C8 GTP S . -37.43 2.96 -0.84
N7 GTP S . -38.56 3.46 -0.29
C5 GTP S . -38.92 4.57 -0.96
C6 GTP S . -39.98 5.46 -0.82
O6 GTP S . -40.81 5.30 0.06
N1 GTP S . -40.09 6.53 -1.69
C2 GTP S . -39.15 6.71 -2.68
N2 GTP S . -39.24 7.74 -3.51
N3 GTP S . -38.11 5.82 -2.81
C4 GTP S . -37.99 4.78 -1.97
O DON T . -47.04 1.00 -4.80
C DON T . -46.07 1.69 -4.49
OXT DON T . -45.69 1.66 -3.18
CA DON T . -45.21 2.59 -5.37
N DON T . -44.78 3.81 -4.73
CB DON T . -44.03 1.75 -5.86
C1E DON T . -44.37 1.10 -7.17
C1D DON T . -43.40 0.02 -7.55
O1J DON T . -42.18 0.12 -7.42
C1C DON T . -44.03 -1.24 -8.10
PB ADP U . -21.12 -7.26 -12.24
O1B ADP U . -21.76 -5.80 -12.10
O2B ADP U . -19.68 -7.08 -12.36
O3B ADP U . -21.64 -8.21 -11.24
PA ADP U . -23.15 -8.02 -14.21
O1A ADP U . -24.17 -7.18 -13.55
O2A ADP U . -23.29 -9.49 -14.17
O3A ADP U . -21.71 -7.68 -13.65
O5' ADP U . -23.00 -7.57 -15.73
C5' ADP U . -23.20 -6.19 -16.13
C4' ADP U . -24.07 -6.12 -17.36
O4' ADP U . -23.34 -6.58 -18.52
C3' ADP U . -25.36 -6.93 -17.35
O3' ADP U . -26.37 -6.24 -18.06
C2' ADP U . -24.96 -8.20 -18.09
O2' ADP U . -26.06 -8.85 -18.70
C1' ADP U . -24.02 -7.64 -19.14
N9 ADP U . -23.04 -8.62 -19.58
C8 ADP U . -22.24 -9.37 -18.80
N7 ADP U . -21.44 -10.15 -19.49
C5 ADP U . -21.75 -9.89 -20.81
C6 ADP U . -21.24 -10.40 -22.03
N6 ADP U . -20.29 -11.31 -22.11
N1 ADP U . -21.78 -9.91 -23.16
C2 ADP U . -22.74 -8.99 -23.07
N3 ADP U . -23.28 -8.44 -22.00
C4 ADP U . -22.73 -8.94 -20.88
MG MG V . -36.83 10.89 -4.93
MG MG W . -21.87 3.18 -9.64
MG MG X . -23.23 -4.33 -11.00
MG MG Y . 2.15 -0.63 -24.00
C21 5ZL Z . -18.66 0.71 -3.57
C22 5ZL Z . -18.78 -0.68 -3.94
C24 5ZL Z . -20.17 -1.03 -3.71
C26 5ZL Z . -21.00 -3.27 -3.96
C28 5ZL Z . -21.00 -3.09 -6.78
C23 5ZL Z . -19.96 1.33 -3.89
C25 5ZL Z . -19.89 2.04 -5.17
C27 5ZL Z . -20.57 -1.99 -6.01
C29 5ZL Z . -21.42 -4.28 -6.15
N19 5ZL Z . -20.58 -2.09 -4.56
N20 5ZL Z . -21.42 -4.38 -4.73
O04 5ZL Z . -20.97 0.23 -3.98
O05 5ZL Z . -18.50 0.80 -2.14
O06 5ZL Z . -17.88 -1.54 -3.16
O07 5ZL Z . -19.79 1.07 -6.19
O08 5ZL Z . -21.00 -3.36 -2.59
O09 5ZL Z . -18.35 2.93 -7.48
O10 5ZL Z . -18.45 0.52 -8.31
O11 5ZL Z . -20.32 1.70 -8.57
O12 5ZL Z . -21.85 -5.39 -6.83
O13 5ZL Z . -18.08 4.77 -9.45
O14 5ZL Z . -18.65 5.44 -7.06
O15 5ZL Z . -20.23 4.42 -8.22
O16 5ZL Z . -17.51 3.62 -11.65
O17 5ZL Z . -19.16 5.19 -11.79
O18 5ZL Z . -19.54 3.18 -10.87
O31 5ZL Z . -22.09 -4.93 -9.35
O32 5ZL Z . -20.03 -5.65 -8.65
O33 5ZL Z . -21.79 -7.10 -8.75
P01 5ZL Z . -19.24 1.53 -7.65
P02 5ZL Z . -18.81 4.41 -8.06
P03 5ZL Z . -18.57 4.22 -10.91
P30 5ZL Z . -21.43 -5.75 -8.37
PG GTP AA . 10.20 -7.13 -37.23
O1G GTP AA . 9.91 -6.49 -38.55
O2G GTP AA . 10.44 -8.60 -37.42
O3G GTP AA . 9.03 -6.92 -36.30
O3B GTP AA . 11.53 -6.45 -36.62
PB GTP AA . 11.56 -4.89 -36.23
O1B GTP AA . 13.00 -4.48 -35.99
O2B GTP AA . 10.94 -4.04 -37.31
O3A GTP AA . 10.71 -4.78 -34.86
PA GTP AA . 11.13 -5.57 -33.53
O1A GTP AA . 9.90 -5.93 -32.75
O2A GTP AA . 11.95 -6.80 -33.85
O5' GTP AA . 12.00 -4.50 -32.69
C5' GTP AA . 13.22 -4.03 -33.17
C4' GTP AA . 13.30 -2.53 -32.92
O4' GTP AA . 14.57 -2.15 -32.42
C3' GTP AA . 13.10 -1.75 -34.19
O3' GTP AA . 11.76 -1.34 -34.38
C2' GTP AA . 13.99 -0.54 -34.05
O2' GTP AA . 13.21 0.58 -33.70
C1' GTP AA . 14.98 -0.92 -32.96
N9 GTP AA . 16.32 -1.08 -33.55
C8 GTP AA . 17.45 -0.37 -33.25
N7 GTP AA . 18.46 -0.86 -34.03
C5 GTP AA . 17.98 -1.86 -34.79
C6 GTP AA . 18.56 -2.69 -35.74
O6 GTP AA . 19.75 -2.57 -36.01
N1 GTP AA . 17.79 -3.65 -36.37
C2 GTP AA . 16.46 -3.77 -36.05
N2 GTP AA . 15.71 -4.69 -36.64
N3 GTP AA . 15.90 -2.95 -35.11
C4 GTP AA . 16.64 -2.01 -34.49
O DON BA . 18.87 2.65 -43.29
C DON BA . 18.62 1.86 -42.37
OXT DON BA . 19.57 1.72 -41.40
CA DON BA . 17.37 1.02 -42.16
N DON BA . 17.63 -0.29 -41.61
CB DON BA . 16.42 1.83 -41.27
C1E DON BA . 15.49 2.64 -42.13
C1D DON BA . 14.76 3.69 -41.34
O1J DON BA . 14.26 3.49 -40.23
C1C DON BA . 14.67 5.04 -42.01
PB ADP CA . 0.22 9.97 -23.44
O1B ADP CA . 0.56 8.55 -24.08
O2B ADP CA . -0.61 9.71 -22.26
O3B ADP CA . 1.41 10.83 -23.30
PA ADP CA . -0.45 11.08 -26.06
O1A ADP CA . 0.58 10.24 -26.73
O2A ADP CA . -0.24 12.54 -26.00
O3A ADP CA . -0.69 10.58 -24.58
O5' ADP CA . -1.87 10.79 -26.71
C5' ADP CA . -2.21 9.48 -27.23
C4' ADP CA . -2.86 9.60 -28.60
O4' ADP CA . -4.19 10.15 -28.47
C3' ADP CA . -2.16 10.50 -29.62
O3' ADP CA . -2.32 9.95 -30.92
C2' ADP CA . -2.91 11.81 -29.49
O2' ADP CA . -2.87 12.59 -30.66
C1' ADP CA . -4.33 11.31 -29.24
N9 ADP CA . -5.13 12.27 -28.49
C8 ADP CA . -4.79 12.87 -27.33
N7 ADP CA . -5.73 13.67 -26.88
C5 ADP CA . -6.74 13.58 -27.82
C6 ADP CA . -8.01 14.19 -27.91
N6 ADP CA . -8.49 15.04 -27.02
N1 ADP CA . -8.77 13.86 -28.98
C2 ADP CA . -8.28 13.00 -29.88
N3 ADP CA . -7.11 12.37 -29.89
C4 ADP CA . -6.38 12.72 -28.82
MG MG DA . 13.08 -7.82 -35.60
MG MG EA . 2.14 7.06 -24.99
C21 5ZL FA . 6.02 0.92 -18.01
C22 5ZL FA . 5.84 2.36 -18.13
C24 5ZL FA . 6.75 2.77 -19.19
C26 5ZL FA . 7.09 5.07 -19.79
C28 5ZL FA . 4.63 5.21 -21.17
C23 5ZL FA . 6.34 0.43 -19.36
C25 5ZL FA . 5.14 -0.13 -20.00
C27 5ZL FA . 5.01 4.00 -20.54
C29 5ZL FA . 5.46 6.34 -21.09
N19 5ZL FA . 6.28 3.94 -19.84
N20 5ZL FA . 6.69 6.28 -20.39
O04 5ZL FA . 6.83 1.60 -20.16
O05 5ZL FA . 7.18 0.67 -17.19
O06 5ZL FA . 6.13 3.06 -16.88
O07 5ZL FA . 4.27 0.94 -20.30
O08 5ZL FA . 8.29 5.01 -19.11
O09 5ZL FA . 2.32 -0.85 -19.88
O10 5ZL FA . 1.81 1.64 -20.10
O11 5ZL FA . 2.42 0.62 -21.98
O12 5ZL FA . 5.16 7.55 -21.67
O13 5ZL FA . 0.36 -2.47 -20.80
O14 5ZL FA . 2.67 -3.37 -20.22
O15 5ZL FA . 2.50 -2.13 -22.03
O16 5ZL FA . -1.76 -1.12 -21.24
O17 5ZL FA . -1.17 -2.55 -22.91
O18 5ZL FA . -0.05 -0.65 -22.57
O31 5ZL FA . 3.05 7.39 -23.14
O32 5ZL FA . 2.70 7.88 -20.93
O33 5ZL FA . 3.57 9.46 -22.35
P01 5ZL FA . 2.70 0.61 -20.57
P02 5ZL FA . 1.94 -2.23 -20.73
P03 5ZL FA . -0.63 -1.73 -21.86
P30 5ZL FA . 3.64 8.06 -22.01
#